data_2KZ2
#
_entry.id   2KZ2
#
loop_
_entity.id
_entity.type
_entity.pdbx_description
1 polymer Calmodulin
2 non-polymer 'CALCIUM ION'
#
_entity_poly.entity_id   1
_entity_poly.type   'polypeptide(L)'
_entity_poly.pdbx_seq_one_letter_code
;SGSHHHHHHGSSGENLYFQSLMKDTDSEEEIREAFRVEDKDGNGYISAAELRHVMTNLGEKLTDEEVDEMIREADIDGDG
QVNYEEFVQMMTAK
;
_entity_poly.pdbx_strand_id   A
#
loop_
_chem_comp.id
_chem_comp.type
_chem_comp.name
_chem_comp.formula
CA non-polymer 'CALCIUM ION' 'Ca 2'
#
# COMPACT_ATOMS: atom_id res chain seq x y z
N GLY A 2 -8.36 8.17 22.49
CA GLY A 2 -8.34 9.64 22.75
C GLY A 2 -8.10 10.38 21.43
N SER A 3 -6.83 10.59 21.10
CA SER A 3 -6.49 11.29 19.87
C SER A 3 -7.03 10.56 18.67
N HIS A 4 -6.94 9.23 18.68
CA HIS A 4 -7.43 8.42 17.58
C HIS A 4 -8.39 7.34 18.10
N HIS A 5 -9.62 7.37 17.60
CA HIS A 5 -10.62 6.40 18.00
C HIS A 5 -11.63 6.16 16.88
N HIS A 6 -12.91 6.15 17.23
CA HIS A 6 -13.96 5.93 16.25
C HIS A 6 -13.58 4.80 15.30
N HIS A 7 -13.60 3.57 15.81
CA HIS A 7 -13.24 2.41 15.01
C HIS A 7 -14.49 1.74 14.46
N HIS A 8 -15.64 2.38 14.66
CA HIS A 8 -16.90 1.83 14.18
C HIS A 8 -17.00 1.95 12.67
N HIS A 9 -17.66 0.98 12.04
CA HIS A 9 -17.81 0.97 10.59
C HIS A 9 -18.56 2.22 10.14
N GLY A 10 -19.63 2.56 10.84
CA GLY A 10 -20.42 3.74 10.50
C GLY A 10 -21.10 3.57 9.15
N SER A 11 -22.00 4.49 8.82
CA SER A 11 -22.71 4.43 7.55
C SER A 11 -21.94 5.19 6.47
N SER A 12 -20.91 5.92 6.89
CA SER A 12 -20.11 6.69 5.95
C SER A 12 -19.33 5.77 5.02
N GLY A 13 -19.20 6.17 3.76
CA GLY A 13 -18.47 5.36 2.78
C GLY A 13 -16.99 5.28 3.13
N GLU A 14 -16.44 6.38 3.64
CA GLU A 14 -15.04 6.42 4.00
C GLU A 14 -14.17 5.99 2.83
N ASN A 15 -14.65 6.24 1.61
CA ASN A 15 -13.91 5.88 0.41
C ASN A 15 -12.60 6.67 0.33
N LEU A 16 -12.65 7.91 0.80
CA LEU A 16 -11.47 8.77 0.76
C LEU A 16 -10.34 8.16 1.59
N TYR A 17 -10.70 7.24 2.48
CA TYR A 17 -9.71 6.60 3.34
C TYR A 17 -8.66 5.89 2.49
N PHE A 18 -9.11 5.21 1.45
CA PHE A 18 -8.20 4.49 0.56
C PHE A 18 -7.22 5.44 -0.10
N GLN A 19 -7.70 6.63 -0.46
CA GLN A 19 -6.85 7.62 -1.11
C GLN A 19 -5.73 8.06 -0.19
N SER A 20 -6.00 8.05 1.12
CA SER A 20 -5.00 8.47 2.10
C SER A 20 -3.75 7.60 1.99
N LEU A 21 -3.95 6.30 1.80
CA LEU A 21 -2.83 5.37 1.69
C LEU A 21 -1.97 5.71 0.48
N MET A 22 -2.61 6.06 -0.62
CA MET A 22 -1.90 6.40 -1.85
C MET A 22 -1.23 7.77 -1.70
N LYS A 23 -1.54 8.47 -0.61
CA LYS A 23 -0.96 9.78 -0.37
C LYS A 23 0.02 9.72 0.81
N ASP A 24 0.38 10.89 1.32
CA ASP A 24 1.30 10.97 2.46
C ASP A 24 2.65 10.38 2.09
N THR A 25 3.57 11.24 1.67
CA THR A 25 4.91 10.79 1.30
C THR A 25 5.97 11.78 1.79
N ASP A 26 7.15 11.26 2.12
CA ASP A 26 8.23 12.10 2.60
C ASP A 26 8.95 12.77 1.43
N SER A 27 9.70 11.97 0.66
CA SER A 27 10.43 12.50 -0.49
C SER A 27 10.51 11.45 -1.58
N GLU A 28 10.47 11.91 -2.83
CA GLU A 28 10.54 11.00 -3.97
C GLU A 28 11.74 10.08 -3.85
N GLU A 29 12.83 10.59 -3.30
CA GLU A 29 14.04 9.79 -3.15
C GLU A 29 13.80 8.63 -2.19
N GLU A 30 13.07 8.90 -1.11
CA GLU A 30 12.80 7.88 -0.11
C GLU A 30 11.97 6.75 -0.72
N ILE A 31 11.02 7.10 -1.57
CA ILE A 31 10.17 6.11 -2.22
C ILE A 31 10.99 5.22 -3.14
N ARG A 32 11.89 5.84 -3.91
CA ARG A 32 12.74 5.08 -4.83
C ARG A 32 13.61 4.10 -4.07
N GLU A 33 14.21 4.56 -2.98
CA GLU A 33 15.08 3.71 -2.17
C GLU A 33 14.26 2.60 -1.51
N ALA A 34 13.07 2.95 -1.03
CA ALA A 34 12.22 1.97 -0.37
C ALA A 34 11.95 0.79 -1.30
N PHE A 35 11.77 1.07 -2.58
CA PHE A 35 11.51 0.01 -3.56
C PHE A 35 12.64 -1.01 -3.54
N ARG A 36 13.88 -0.53 -3.53
CA ARG A 36 15.04 -1.41 -3.50
C ARG A 36 15.05 -2.25 -2.22
N VAL A 37 14.78 -1.61 -1.09
CA VAL A 37 14.76 -2.30 0.18
C VAL A 37 13.69 -3.39 0.18
N GLU A 38 12.53 -3.07 -0.38
CA GLU A 38 11.43 -4.03 -0.45
C GLU A 38 11.74 -5.12 -1.46
N ASP A 39 12.59 -4.80 -2.44
CA ASP A 39 12.96 -5.77 -3.47
C ASP A 39 14.22 -6.53 -3.04
N LYS A 40 14.12 -7.24 -1.92
CA LYS A 40 15.26 -8.01 -1.42
C LYS A 40 15.71 -9.05 -2.44
N ASP A 41 14.75 -9.63 -3.14
CA ASP A 41 15.06 -10.65 -4.14
C ASP A 41 15.50 -9.99 -5.44
N GLY A 42 15.48 -8.66 -5.47
CA GLY A 42 15.89 -7.93 -6.66
C GLY A 42 15.07 -8.36 -7.87
N ASN A 43 13.89 -8.93 -7.62
CA ASN A 43 13.02 -9.38 -8.70
C ASN A 43 12.42 -8.18 -9.43
N GLY A 44 12.48 -7.02 -8.79
CA GLY A 44 11.95 -5.79 -9.40
C GLY A 44 10.43 -5.75 -9.28
N TYR A 45 9.89 -6.49 -8.31
CA TYR A 45 8.45 -6.51 -8.09
C TYR A 45 8.13 -6.59 -6.61
N ILE A 46 7.02 -5.98 -6.20
CA ILE A 46 6.62 -5.99 -4.80
C ILE A 46 5.49 -6.99 -4.59
N SER A 47 5.78 -8.04 -3.81
CA SER A 47 4.78 -9.06 -3.52
C SER A 47 4.10 -8.79 -2.18
N ALA A 48 3.09 -9.58 -1.85
CA ALA A 48 2.37 -9.41 -0.60
C ALA A 48 3.34 -9.38 0.58
N ALA A 49 4.26 -10.34 0.61
CA ALA A 49 5.24 -10.41 1.69
C ALA A 49 5.97 -9.08 1.84
N GLU A 50 6.45 -8.55 0.72
CA GLU A 50 7.16 -7.28 0.72
C GLU A 50 6.19 -6.12 0.99
N LEU A 51 4.98 -6.25 0.47
CA LEU A 51 3.96 -5.22 0.65
C LEU A 51 3.60 -5.09 2.13
N ARG A 52 3.63 -6.21 2.85
CA ARG A 52 3.32 -6.22 4.27
C ARG A 52 4.41 -5.53 5.06
N HIS A 53 5.65 -5.65 4.59
CA HIS A 53 6.78 -5.05 5.28
C HIS A 53 6.54 -3.55 5.47
N VAL A 54 6.01 -2.90 4.45
CA VAL A 54 5.73 -1.47 4.52
C VAL A 54 4.60 -1.19 5.51
N MET A 55 3.54 -1.98 5.41
CA MET A 55 2.39 -1.81 6.31
C MET A 55 2.78 -2.10 7.74
N THR A 56 3.54 -3.16 7.95
CA THR A 56 3.99 -3.54 9.29
C THR A 56 4.85 -2.44 9.89
N ASN A 57 5.72 -1.86 9.07
CA ASN A 57 6.60 -0.79 9.52
C ASN A 57 5.77 0.39 10.03
N LEU A 58 4.66 0.67 9.35
CA LEU A 58 3.80 1.78 9.74
C LEU A 58 3.05 1.44 11.01
N GLY A 59 3.08 0.17 11.40
CA GLY A 59 2.39 -0.27 12.61
C GLY A 59 1.03 -0.87 12.26
N GLU A 60 0.67 -0.81 10.99
CA GLU A 60 -0.62 -1.34 10.54
C GLU A 60 -0.52 -2.85 10.34
N LYS A 61 -1.47 -3.59 10.90
CA LYS A 61 -1.47 -5.04 10.77
C LYS A 61 -2.78 -5.52 10.15
N LEU A 62 -2.69 -6.10 8.96
CA LEU A 62 -3.88 -6.59 8.27
C LEU A 62 -3.86 -8.12 8.21
N THR A 63 -5.05 -8.71 8.06
CA THR A 63 -5.16 -10.16 8.00
C THR A 63 -4.73 -10.68 6.63
N ASP A 64 -4.60 -11.98 6.51
CA ASP A 64 -4.18 -12.58 5.25
C ASP A 64 -5.22 -12.32 4.16
N GLU A 65 -6.49 -12.44 4.52
CA GLU A 65 -7.56 -12.21 3.56
C GLU A 65 -7.62 -10.74 3.16
N GLU A 66 -7.36 -9.86 4.11
CA GLU A 66 -7.39 -8.42 3.84
C GLU A 66 -6.32 -8.04 2.84
N VAL A 67 -5.13 -8.63 2.99
CA VAL A 67 -4.03 -8.35 2.08
C VAL A 67 -4.39 -8.76 0.65
N ASP A 68 -4.95 -9.96 0.51
CA ASP A 68 -5.33 -10.46 -0.80
C ASP A 68 -6.32 -9.51 -1.46
N GLU A 69 -7.37 -9.14 -0.72
CA GLU A 69 -8.38 -8.24 -1.25
C GLU A 69 -7.81 -6.83 -1.43
N MET A 70 -6.97 -6.41 -0.48
CA MET A 70 -6.37 -5.09 -0.55
C MET A 70 -5.52 -4.93 -1.80
N ILE A 71 -4.67 -5.93 -2.06
CA ILE A 71 -3.82 -5.89 -3.23
C ILE A 71 -4.64 -5.89 -4.50
N ARG A 72 -5.63 -6.77 -4.56
CA ARG A 72 -6.49 -6.87 -5.74
C ARG A 72 -7.21 -5.55 -6.01
N GLU A 73 -7.74 -4.95 -4.95
CA GLU A 73 -8.45 -3.69 -5.07
C GLU A 73 -7.47 -2.55 -5.37
N ALA A 74 -6.28 -2.64 -4.79
CA ALA A 74 -5.27 -1.60 -4.99
C ALA A 74 -4.59 -1.76 -6.34
N ASP A 75 -4.51 -3.00 -6.80
CA ASP A 75 -3.87 -3.28 -8.09
C ASP A 75 -4.76 -2.80 -9.23
N ILE A 76 -4.30 -1.77 -9.94
CA ILE A 76 -5.07 -1.23 -11.06
C ILE A 76 -5.12 -2.21 -12.22
N ASP A 77 -3.98 -2.84 -12.51
CA ASP A 77 -3.90 -3.80 -13.60
C ASP A 77 -4.43 -5.16 -13.16
N GLY A 78 -4.92 -5.23 -11.92
CA GLY A 78 -5.45 -6.48 -11.40
C GLY A 78 -4.58 -7.66 -11.80
N ASP A 79 -3.28 -7.42 -11.93
CA ASP A 79 -2.35 -8.47 -12.33
C ASP A 79 -1.92 -9.28 -11.10
N GLY A 80 -2.43 -8.89 -9.93
CA GLY A 80 -2.09 -9.57 -8.70
C GLY A 80 -0.70 -9.19 -8.22
N GLN A 81 0.03 -8.45 -9.06
CA GLN A 81 1.38 -8.03 -8.70
C GLN A 81 1.56 -6.55 -9.01
N VAL A 82 2.38 -5.88 -8.19
CA VAL A 82 2.64 -4.46 -8.38
C VAL A 82 3.94 -4.24 -9.13
N ASN A 83 3.85 -3.51 -10.25
CA ASN A 83 5.04 -3.22 -11.06
C ASN A 83 5.69 -1.93 -10.61
N TYR A 84 6.93 -1.72 -11.04
CA TYR A 84 7.67 -0.51 -10.66
C TYR A 84 6.91 0.73 -11.13
N GLU A 85 6.52 0.74 -12.40
CA GLU A 85 5.79 1.88 -12.96
C GLU A 85 4.48 2.08 -12.19
N GLU A 86 3.85 0.99 -11.79
CA GLU A 86 2.60 1.07 -11.04
C GLU A 86 2.86 1.50 -9.60
N PHE A 87 3.96 1.02 -9.04
CA PHE A 87 4.31 1.35 -7.67
C PHE A 87 4.50 2.85 -7.51
N VAL A 88 5.31 3.44 -8.38
CA VAL A 88 5.58 4.87 -8.33
C VAL A 88 4.28 5.65 -8.44
N GLN A 89 3.44 5.27 -9.40
CA GLN A 89 2.17 5.95 -9.59
C GLN A 89 1.25 5.74 -8.39
N MET A 90 1.20 4.50 -7.91
CA MET A 90 0.35 4.18 -6.76
C MET A 90 0.67 5.10 -5.60
N MET A 91 1.93 5.52 -5.49
CA MET A 91 2.34 6.41 -4.41
C MET A 91 2.26 7.86 -4.86
N THR A 92 2.51 8.10 -6.14
CA THR A 92 2.46 9.45 -6.68
C THR A 92 1.08 9.76 -7.26
N ALA A 93 0.14 8.85 -7.03
CA ALA A 93 -1.22 9.03 -7.53
C ALA A 93 -1.83 10.32 -6.99
N LYS A 94 -2.61 11.00 -7.82
CA LYS A 94 -3.25 12.24 -7.41
C LYS A 94 -2.25 13.13 -6.66
CA CA B . 10.81 -7.73 -4.68
CA CA C . -0.01 -4.15 -10.89
N GLY A 2 -27.20 -5.70 6.27
CA GLY A 2 -27.51 -6.01 7.69
C GLY A 2 -26.21 -6.25 8.46
N SER A 3 -25.33 -7.04 7.86
CA SER A 3 -24.05 -7.35 8.49
C SER A 3 -23.19 -6.09 8.59
N HIS A 4 -23.52 -5.09 7.80
CA HIS A 4 -22.77 -3.84 7.80
C HIS A 4 -23.13 -3.01 9.03
N HIS A 5 -22.53 -3.35 10.16
CA HIS A 5 -22.80 -2.63 11.41
C HIS A 5 -22.29 -1.20 11.31
N HIS A 6 -21.11 -1.03 10.71
CA HIS A 6 -20.51 0.29 10.56
C HIS A 6 -19.54 0.31 9.38
N HIS A 7 -19.69 -0.64 8.48
CA HIS A 7 -18.83 -0.74 7.31
C HIS A 7 -18.90 0.54 6.50
N HIS A 8 -20.12 1.06 6.32
CA HIS A 8 -20.31 2.27 5.55
C HIS A 8 -19.45 3.41 6.09
N HIS A 9 -19.72 4.63 5.64
CA HIS A 9 -18.96 5.78 6.09
C HIS A 9 -19.30 6.13 7.53
N GLY A 10 -18.28 6.43 8.34
CA GLY A 10 -18.50 6.77 9.73
C GLY A 10 -17.21 7.30 10.37
N SER A 11 -16.92 6.82 11.58
CA SER A 11 -15.72 7.26 12.28
C SER A 11 -15.71 8.77 12.46
N SER A 12 -14.95 9.24 13.44
CA SER A 12 -14.86 10.67 13.71
C SER A 12 -14.37 11.42 12.47
N GLY A 13 -13.38 10.84 11.80
CA GLY A 13 -12.82 11.46 10.60
C GLY A 13 -11.34 11.11 10.44
N GLU A 14 -10.96 9.94 10.94
CA GLU A 14 -9.58 9.50 10.85
C GLU A 14 -9.26 9.00 9.45
N ASN A 15 -10.06 9.44 8.48
CA ASN A 15 -9.86 9.05 7.10
C ASN A 15 -8.52 9.56 6.58
N LEU A 16 -8.12 10.73 7.06
CA LEU A 16 -6.86 11.33 6.64
C LEU A 16 -5.69 10.44 7.02
N TYR A 17 -5.82 9.75 8.14
CA TYR A 17 -4.75 8.87 8.62
C TYR A 17 -4.42 7.83 7.56
N PHE A 18 -5.44 7.21 6.99
CA PHE A 18 -5.24 6.19 5.95
C PHE A 18 -4.61 6.81 4.72
N GLN A 19 -5.07 8.00 4.35
CA GLN A 19 -4.55 8.69 3.17
C GLN A 19 -3.11 9.15 3.41
N SER A 20 -2.76 9.34 4.68
CA SER A 20 -1.42 9.79 5.02
C SER A 20 -0.37 8.83 4.48
N LEU A 21 -0.67 7.55 4.55
CA LEU A 21 0.26 6.52 4.07
C LEU A 21 0.47 6.67 2.56
N MET A 22 -0.61 6.92 1.84
CA MET A 22 -0.53 7.07 0.39
C MET A 22 0.05 8.42 0.02
N LYS A 23 0.52 9.16 1.03
CA LYS A 23 1.09 10.48 0.80
C LYS A 23 2.32 10.69 1.68
N ASP A 24 3.13 11.68 1.32
CA ASP A 24 4.34 11.98 2.09
C ASP A 24 5.36 10.86 1.96
N THR A 25 6.62 11.22 1.85
CA THR A 25 7.69 10.24 1.73
C THR A 25 8.96 10.73 2.41
N ASP A 26 9.79 9.78 2.85
CA ASP A 26 11.03 10.13 3.53
C ASP A 26 11.98 10.85 2.58
N SER A 27 12.26 10.21 1.44
CA SER A 27 13.15 10.80 0.44
C SER A 27 12.99 10.11 -0.90
N GLU A 28 12.98 10.89 -1.98
CA GLU A 28 12.83 10.34 -3.32
C GLU A 28 13.85 9.23 -3.55
N GLU A 29 15.08 9.46 -3.10
CA GLU A 29 16.14 8.48 -3.28
C GLU A 29 15.83 7.21 -2.49
N GLU A 30 15.33 7.37 -1.27
CA GLU A 30 15.01 6.24 -0.43
C GLU A 30 13.89 5.41 -1.05
N ILE A 31 12.96 6.09 -1.71
CA ILE A 31 11.84 5.40 -2.34
C ILE A 31 12.34 4.47 -3.45
N ARG A 32 13.27 4.98 -4.27
CA ARG A 32 13.82 4.18 -5.36
C ARG A 32 14.56 2.97 -4.80
N GLU A 33 15.39 3.19 -3.79
CA GLU A 33 16.16 2.11 -3.18
C GLU A 33 15.22 1.15 -2.44
N ALA A 34 14.26 1.72 -1.73
CA ALA A 34 13.31 0.90 -0.97
C ALA A 34 12.63 -0.10 -1.89
N PHE A 35 12.34 0.34 -3.12
CA PHE A 35 11.68 -0.54 -4.09
C PHE A 35 12.52 -1.79 -4.33
N ARG A 36 13.82 -1.61 -4.53
CA ARG A 36 14.71 -2.73 -4.77
C ARG A 36 14.69 -3.69 -3.58
N VAL A 37 14.77 -3.14 -2.38
CA VAL A 37 14.76 -3.94 -1.17
C VAL A 37 13.47 -4.74 -1.08
N GLU A 38 12.35 -4.08 -1.39
CA GLU A 38 11.05 -4.74 -1.34
C GLU A 38 10.90 -5.74 -2.48
N ASP A 39 11.63 -5.48 -3.56
CA ASP A 39 11.57 -6.37 -4.73
C ASP A 39 12.61 -7.48 -4.60
N LYS A 40 12.40 -8.37 -3.64
CA LYS A 40 13.33 -9.48 -3.43
C LYS A 40 13.45 -10.30 -4.70
N ASP A 41 12.34 -10.46 -5.41
CA ASP A 41 12.34 -11.25 -6.64
C ASP A 41 12.91 -10.43 -7.79
N GLY A 42 13.22 -9.16 -7.52
CA GLY A 42 13.77 -8.28 -8.54
C GLY A 42 12.98 -8.38 -9.84
N ASN A 43 11.74 -8.85 -9.73
CA ASN A 43 10.88 -9.00 -10.90
C ASN A 43 10.32 -7.66 -11.32
N GLY A 44 10.49 -6.65 -10.46
CA GLY A 44 9.99 -5.31 -10.75
C GLY A 44 8.52 -5.18 -10.33
N TYR A 45 8.09 -6.07 -9.44
CA TYR A 45 6.71 -6.03 -8.94
C TYR A 45 6.67 -6.39 -7.47
N ILE A 46 5.73 -5.78 -6.74
CA ILE A 46 5.59 -6.03 -5.31
C ILE A 46 4.30 -6.82 -5.04
N SER A 47 4.47 -8.06 -4.60
CA SER A 47 3.32 -8.92 -4.30
C SER A 47 2.88 -8.73 -2.86
N ALA A 48 1.82 -9.44 -2.47
CA ALA A 48 1.30 -9.34 -1.11
C ALA A 48 2.38 -9.73 -0.10
N ALA A 49 3.10 -10.81 -0.39
CA ALA A 49 4.15 -11.28 0.49
C ALA A 49 5.17 -10.18 0.75
N GLU A 50 5.59 -9.52 -0.33
CA GLU A 50 6.57 -8.43 -0.22
C GLU A 50 5.94 -7.24 0.49
N LEU A 51 4.68 -6.97 0.17
CA LEU A 51 3.97 -5.85 0.78
C LEU A 51 3.84 -6.07 2.28
N ARG A 52 3.80 -7.34 2.69
CA ARG A 52 3.67 -7.67 4.10
C ARG A 52 4.94 -7.28 4.87
N HIS A 53 6.08 -7.52 4.26
CA HIS A 53 7.36 -7.22 4.92
C HIS A 53 7.40 -5.74 5.32
N VAL A 54 6.91 -4.89 4.43
CA VAL A 54 6.89 -3.45 4.72
C VAL A 54 5.94 -3.15 5.87
N MET A 55 4.76 -3.77 5.84
CA MET A 55 3.77 -3.55 6.88
C MET A 55 4.29 -4.07 8.22
N THR A 56 4.93 -5.23 8.20
CA THR A 56 5.45 -5.81 9.42
C THR A 56 6.41 -4.85 10.11
N ASN A 57 7.13 -4.08 9.30
CA ASN A 57 8.08 -3.10 9.83
C ASN A 57 7.33 -2.01 10.59
N LEU A 58 6.14 -1.65 10.10
CA LEU A 58 5.34 -0.62 10.75
C LEU A 58 4.81 -1.12 12.08
N GLY A 59 4.53 -2.41 12.15
CA GLY A 59 4.02 -3.01 13.39
C GLY A 59 2.50 -3.13 13.34
N GLU A 60 1.95 -3.20 12.13
CA GLU A 60 0.50 -3.31 11.97
C GLU A 60 0.13 -4.73 11.55
N LYS A 61 -0.93 -5.26 12.14
CA LYS A 61 -1.38 -6.62 11.82
C LYS A 61 -2.67 -6.59 11.03
N LEU A 62 -2.59 -6.91 9.74
CA LEU A 62 -3.77 -6.93 8.88
C LEU A 62 -4.06 -8.35 8.41
N THR A 63 -5.34 -8.62 8.15
CA THR A 63 -5.75 -9.95 7.72
C THR A 63 -5.40 -10.14 6.24
N ASP A 64 -5.43 -11.39 5.80
CA ASP A 64 -5.11 -11.70 4.41
C ASP A 64 -6.09 -11.04 3.46
N GLU A 65 -7.36 -11.03 3.85
CA GLU A 65 -8.41 -10.44 3.01
C GLU A 65 -8.20 -8.93 2.90
N GLU A 66 -7.83 -8.31 4.01
CA GLU A 66 -7.61 -6.86 4.03
C GLU A 66 -6.50 -6.48 3.05
N VAL A 67 -5.42 -7.23 3.07
CA VAL A 67 -4.29 -6.96 2.19
C VAL A 67 -4.72 -7.07 0.72
N ASP A 68 -5.47 -8.13 0.42
CA ASP A 68 -5.92 -8.35 -0.96
C ASP A 68 -6.75 -7.18 -1.45
N GLU A 69 -7.64 -6.69 -0.59
CA GLU A 69 -8.50 -5.56 -0.95
C GLU A 69 -7.67 -4.30 -1.14
N MET A 70 -6.63 -4.15 -0.32
CA MET A 70 -5.77 -2.97 -0.40
C MET A 70 -5.07 -2.91 -1.76
N ILE A 71 -4.62 -4.07 -2.24
CA ILE A 71 -3.93 -4.13 -3.52
C ILE A 71 -4.88 -3.78 -4.65
N ARG A 72 -6.09 -4.32 -4.60
CA ARG A 72 -7.07 -4.08 -5.65
C ARG A 72 -7.45 -2.60 -5.73
N GLU A 73 -7.76 -2.02 -4.58
CA GLU A 73 -8.14 -0.62 -4.53
C GLU A 73 -6.94 0.29 -4.80
N ALA A 74 -5.78 -0.11 -4.28
CA ALA A 74 -4.57 0.67 -4.46
C ALA A 74 -4.08 0.60 -5.90
N ASP A 75 -4.33 -0.53 -6.55
CA ASP A 75 -3.91 -0.72 -7.94
C ASP A 75 -4.75 0.15 -8.87
N ILE A 76 -4.09 1.04 -9.59
CA ILE A 76 -4.78 1.94 -10.51
C ILE A 76 -5.37 1.17 -11.68
N ASP A 77 -4.57 0.27 -12.26
CA ASP A 77 -5.01 -0.51 -13.40
C ASP A 77 -5.64 -1.83 -12.94
N GLY A 78 -5.91 -1.93 -11.65
CA GLY A 78 -6.53 -3.14 -11.10
C GLY A 78 -5.89 -4.39 -11.69
N ASP A 79 -4.56 -4.43 -11.71
CA ASP A 79 -3.85 -5.58 -12.26
C ASP A 79 -3.68 -6.66 -11.19
N GLY A 80 -4.08 -6.34 -9.97
CA GLY A 80 -3.97 -7.29 -8.86
C GLY A 80 -2.58 -7.23 -8.24
N GLN A 81 -1.68 -6.47 -8.87
CA GLN A 81 -0.31 -6.34 -8.37
C GLN A 81 0.17 -4.91 -8.53
N VAL A 82 1.13 -4.51 -7.70
CA VAL A 82 1.68 -3.16 -7.76
C VAL A 82 2.91 -3.13 -8.65
N ASN A 83 2.88 -2.25 -9.66
CA ASN A 83 3.99 -2.10 -10.59
C ASN A 83 4.88 -0.94 -10.18
N TYR A 84 6.03 -0.81 -10.84
CA TYR A 84 6.96 0.27 -10.54
C TYR A 84 6.30 1.62 -10.76
N GLU A 85 5.65 1.77 -11.92
CA GLU A 85 4.98 3.03 -12.24
C GLU A 85 3.90 3.32 -11.20
N GLU A 86 3.17 2.29 -10.79
CA GLU A 86 2.13 2.45 -9.79
C GLU A 86 2.73 2.74 -8.42
N PHE A 87 3.85 2.09 -8.13
CA PHE A 87 4.52 2.29 -6.84
C PHE A 87 4.96 3.74 -6.69
N VAL A 88 5.66 4.25 -7.70
CA VAL A 88 6.15 5.62 -7.66
C VAL A 88 4.97 6.59 -7.47
N GLN A 89 3.90 6.35 -8.23
CA GLN A 89 2.72 7.20 -8.12
C GLN A 89 2.07 7.05 -6.75
N MET A 90 1.96 5.81 -6.29
CA MET A 90 1.36 5.54 -4.99
C MET A 90 2.11 6.28 -3.90
N MET A 91 3.42 6.45 -4.09
CA MET A 91 4.24 7.16 -3.12
C MET A 91 4.31 8.65 -3.43
N THR A 92 4.29 8.98 -4.72
CA THR A 92 4.34 10.37 -5.15
C THR A 92 2.94 10.91 -5.42
N ALA A 93 1.94 10.16 -4.98
CA ALA A 93 0.55 10.57 -5.19
C ALA A 93 0.30 11.94 -4.57
N LYS A 94 -0.51 12.74 -5.25
CA LYS A 94 -0.83 14.08 -4.77
C LYS A 94 -2.17 14.56 -5.32
CA CA B . 9.01 -9.21 -6.30
CA CA C . -0.99 -2.88 -11.63
N GLY A 2 1.31 25.49 -3.00
CA GLY A 2 0.88 24.07 -3.03
C GLY A 2 -0.51 23.93 -2.41
N SER A 3 -0.56 23.53 -1.14
CA SER A 3 -1.82 23.37 -0.45
C SER A 3 -1.71 23.84 0.99
N HIS A 4 -2.82 24.34 1.55
CA HIS A 4 -2.82 24.82 2.93
C HIS A 4 -3.01 23.66 3.89
N HIS A 5 -2.68 23.89 5.16
CA HIS A 5 -2.82 22.85 6.18
C HIS A 5 -4.29 22.52 6.39
N HIS A 6 -4.62 21.23 6.30
CA HIS A 6 -6.00 20.78 6.49
C HIS A 6 -6.19 20.20 7.88
N HIS A 7 -7.18 20.72 8.60
CA HIS A 7 -7.45 20.24 9.96
C HIS A 7 -7.70 18.73 9.95
N HIS A 8 -8.91 18.34 9.55
CA HIS A 8 -9.27 16.93 9.50
C HIS A 8 -10.65 16.74 8.88
N HIS A 9 -10.72 16.86 7.56
CA HIS A 9 -11.99 16.71 6.86
C HIS A 9 -12.47 15.26 6.93
N GLY A 10 -11.55 14.32 6.72
CA GLY A 10 -11.90 12.91 6.77
C GLY A 10 -12.52 12.54 8.11
N SER A 11 -11.71 12.59 9.16
CA SER A 11 -12.18 12.26 10.50
C SER A 11 -13.07 11.02 10.47
N SER A 12 -12.93 10.23 9.40
CA SER A 12 -13.71 9.01 9.25
C SER A 12 -13.25 7.95 10.25
N GLY A 13 -14.18 7.12 10.70
CA GLY A 13 -13.85 6.06 11.65
C GLY A 13 -15.06 5.16 11.92
N GLU A 14 -15.10 4.02 11.25
CA GLU A 14 -16.20 3.09 11.43
C GLU A 14 -15.93 1.78 10.68
N ASN A 15 -16.94 1.28 9.97
CA ASN A 15 -16.79 0.05 9.21
C ASN A 15 -16.00 0.29 7.94
N LEU A 16 -16.13 1.50 7.40
CA LEU A 16 -15.42 1.84 6.17
C LEU A 16 -13.95 2.13 6.46
N TYR A 17 -13.61 2.22 7.73
CA TYR A 17 -12.24 2.49 8.13
C TYR A 17 -11.31 1.41 7.58
N PHE A 18 -11.74 0.15 7.67
CA PHE A 18 -10.93 -0.95 7.19
C PHE A 18 -10.64 -0.80 5.70
N GLN A 19 -11.66 -0.45 4.94
CA GLN A 19 -11.50 -0.27 3.50
C GLN A 19 -10.58 0.90 3.21
N SER A 20 -10.55 1.87 4.12
CA SER A 20 -9.70 3.04 3.94
C SER A 20 -8.24 2.63 3.80
N LEU A 21 -7.86 1.57 4.50
CA LEU A 21 -6.50 1.08 4.45
C LEU A 21 -6.13 0.63 3.04
N MET A 22 -7.08 -0.03 2.38
CA MET A 22 -6.85 -0.51 1.02
C MET A 22 -6.75 0.66 0.05
N LYS A 23 -7.15 1.84 0.50
CA LYS A 23 -7.11 3.03 -0.33
C LYS A 23 -6.03 3.99 0.17
N ASP A 24 -5.34 4.63 -0.77
CA ASP A 24 -4.28 5.57 -0.42
C ASP A 24 -3.73 6.25 -1.66
N THR A 25 -3.75 7.58 -1.67
CA THR A 25 -3.24 8.33 -2.81
C THR A 25 -2.74 9.70 -2.36
N ASP A 26 -1.75 10.22 -3.07
CA ASP A 26 -1.18 11.53 -2.73
C ASP A 26 -0.82 12.29 -4.00
N SER A 27 0.32 11.95 -4.60
CA SER A 27 0.76 12.60 -5.83
C SER A 27 1.39 11.59 -6.77
N GLU A 28 1.07 11.71 -8.06
CA GLU A 28 1.60 10.77 -9.05
C GLU A 28 3.10 10.63 -8.89
N GLU A 29 3.80 11.75 -8.78
CA GLU A 29 5.25 11.72 -8.64
C GLU A 29 5.65 10.99 -7.36
N GLU A 30 4.95 11.26 -6.28
CA GLU A 30 5.24 10.62 -5.00
C GLU A 30 5.04 9.13 -5.09
N ILE A 31 3.96 8.72 -5.74
CA ILE A 31 3.66 7.30 -5.89
C ILE A 31 4.75 6.60 -6.68
N ARG A 32 5.14 7.20 -7.80
CA ARG A 32 6.19 6.63 -8.64
C ARG A 32 7.50 6.53 -7.87
N GLU A 33 7.83 7.59 -7.14
CA GLU A 33 9.06 7.60 -6.35
C GLU A 33 8.98 6.58 -5.22
N ALA A 34 7.82 6.49 -4.58
CA ALA A 34 7.63 5.56 -3.47
C ALA A 34 7.95 4.14 -3.93
N PHE A 35 7.46 3.78 -5.12
CA PHE A 35 7.69 2.45 -5.65
C PHE A 35 9.19 2.19 -5.79
N ARG A 36 9.92 3.16 -6.32
CA ARG A 36 11.36 3.02 -6.50
C ARG A 36 12.05 2.84 -5.16
N VAL A 37 11.70 3.67 -4.19
CA VAL A 37 12.29 3.60 -2.86
C VAL A 37 12.03 2.22 -2.25
N GLU A 38 10.80 1.73 -2.41
CA GLU A 38 10.45 0.42 -1.87
C GLU A 38 11.12 -0.68 -2.68
N ASP A 39 11.52 -0.37 -3.90
CA ASP A 39 12.18 -1.34 -4.76
C ASP A 39 13.69 -1.08 -4.80
N LYS A 40 14.34 -1.29 -3.67
CA LYS A 40 15.78 -1.08 -3.58
C LYS A 40 16.52 -1.99 -4.54
N ASP A 41 16.00 -3.18 -4.75
CA ASP A 41 16.63 -4.15 -5.64
C ASP A 41 16.37 -3.78 -7.10
N GLY A 42 15.62 -2.70 -7.31
CA GLY A 42 15.30 -2.25 -8.66
C GLY A 42 14.46 -3.29 -9.39
N ASN A 43 13.80 -4.15 -8.64
CA ASN A 43 12.95 -5.18 -9.23
C ASN A 43 11.58 -4.60 -9.57
N GLY A 44 11.28 -4.58 -10.86
CA GLY A 44 9.99 -4.06 -11.33
C GLY A 44 8.83 -4.69 -10.58
N TYR A 45 9.14 -5.62 -9.67
CA TYR A 45 8.11 -6.29 -8.88
C TYR A 45 8.44 -6.20 -7.40
N ILE A 46 7.41 -6.20 -6.57
CA ILE A 46 7.60 -6.11 -5.11
C ILE A 46 7.28 -7.45 -4.46
N SER A 47 8.22 -7.94 -3.66
CA SER A 47 8.03 -9.21 -2.97
C SER A 47 7.66 -8.98 -1.52
N ALA A 48 7.45 -10.06 -0.77
CA ALA A 48 7.09 -9.96 0.63
C ALA A 48 8.16 -9.20 1.41
N ALA A 49 9.42 -9.55 1.17
CA ALA A 49 10.52 -8.91 1.87
C ALA A 49 10.40 -7.38 1.76
N GLU A 50 10.17 -6.89 0.55
CA GLU A 50 9.99 -5.47 0.34
C GLU A 50 8.65 -5.00 0.89
N LEU A 51 7.65 -5.85 0.78
CA LEU A 51 6.32 -5.52 1.27
C LEU A 51 6.36 -5.27 2.77
N ARG A 52 7.18 -6.04 3.46
CA ARG A 52 7.31 -5.90 4.91
C ARG A 52 8.00 -4.59 5.25
N HIS A 53 8.93 -4.17 4.39
CA HIS A 53 9.68 -2.94 4.62
C HIS A 53 8.73 -1.77 4.81
N VAL A 54 7.68 -1.73 3.99
CA VAL A 54 6.69 -0.65 4.08
C VAL A 54 5.98 -0.70 5.42
N MET A 55 5.59 -1.89 5.85
CA MET A 55 4.90 -2.05 7.13
C MET A 55 5.81 -1.60 8.28
N THR A 56 7.09 -1.93 8.19
CA THR A 56 8.04 -1.53 9.21
C THR A 56 8.11 -0.02 9.33
N ASN A 57 8.06 0.65 8.20
CA ASN A 57 8.11 2.12 8.18
C ASN A 57 6.96 2.71 8.98
N LEU A 58 5.88 1.94 9.11
CA LEU A 58 4.71 2.40 9.85
C LEU A 58 5.01 2.43 11.34
N GLY A 59 6.04 1.70 11.76
CA GLY A 59 6.42 1.64 13.16
C GLY A 59 5.87 0.39 13.83
N GLU A 60 5.04 -0.36 13.09
CA GLU A 60 4.46 -1.59 13.62
C GLU A 60 4.85 -2.78 12.76
N LYS A 61 5.63 -3.69 13.32
CA LYS A 61 6.07 -4.87 12.59
C LYS A 61 4.96 -5.91 12.55
N LEU A 62 4.79 -6.55 11.39
CA LEU A 62 3.76 -7.57 11.23
C LEU A 62 4.39 -8.95 11.05
N THR A 63 3.59 -9.99 11.27
CA THR A 63 4.09 -11.36 11.14
C THR A 63 4.15 -11.76 9.67
N ASP A 64 4.83 -12.87 9.40
CA ASP A 64 4.96 -13.35 8.02
C ASP A 64 3.59 -13.71 7.45
N GLU A 65 2.76 -14.34 8.26
CA GLU A 65 1.43 -14.75 7.82
C GLU A 65 0.57 -13.52 7.50
N GLU A 66 0.73 -12.48 8.30
CA GLU A 66 -0.03 -11.25 8.10
C GLU A 66 0.33 -10.61 6.76
N VAL A 67 1.62 -10.62 6.43
CA VAL A 67 2.07 -10.03 5.18
C VAL A 67 1.49 -10.80 3.99
N ASP A 68 1.52 -12.12 4.06
CA ASP A 68 1.00 -12.95 2.98
C ASP A 68 -0.48 -12.67 2.75
N GLU A 69 -1.24 -12.63 3.84
CA GLU A 69 -2.67 -12.38 3.75
C GLU A 69 -2.94 -11.04 3.06
N MET A 70 -2.19 -10.02 3.46
CA MET A 70 -2.36 -8.69 2.87
C MET A 70 -2.08 -8.72 1.38
N ILE A 71 -1.02 -9.41 0.98
CA ILE A 71 -0.66 -9.50 -0.43
C ILE A 71 -1.75 -10.24 -1.20
N ARG A 72 -2.21 -11.35 -0.64
CA ARG A 72 -3.25 -12.14 -1.28
C ARG A 72 -4.52 -11.33 -1.47
N GLU A 73 -4.86 -10.54 -0.46
CA GLU A 73 -6.06 -9.70 -0.54
C GLU A 73 -5.89 -8.62 -1.60
N ALA A 74 -4.68 -8.12 -1.75
CA ALA A 74 -4.40 -7.08 -2.74
C ALA A 74 -4.06 -7.69 -4.10
N ASP A 75 -3.69 -8.96 -4.09
CA ASP A 75 -3.35 -9.65 -5.33
C ASP A 75 -4.60 -10.02 -6.10
N ILE A 76 -4.92 -9.23 -7.13
CA ILE A 76 -6.10 -9.48 -7.94
C ILE A 76 -5.95 -10.78 -8.72
N ASP A 77 -4.77 -10.98 -9.30
CA ASP A 77 -4.52 -12.17 -10.09
C ASP A 77 -4.01 -13.31 -9.22
N GLY A 78 -4.05 -13.10 -7.90
CA GLY A 78 -3.61 -14.13 -6.95
C GLY A 78 -2.34 -14.80 -7.46
N ASP A 79 -1.46 -14.03 -8.07
CA ASP A 79 -0.22 -14.58 -8.61
C ASP A 79 0.82 -14.73 -7.51
N GLY A 80 0.46 -14.30 -6.30
CA GLY A 80 1.37 -14.39 -5.17
C GLY A 80 2.42 -13.29 -5.22
N GLN A 81 2.37 -12.48 -6.27
CA GLN A 81 3.33 -11.37 -6.42
C GLN A 81 2.60 -10.09 -6.81
N VAL A 82 3.15 -8.96 -6.39
CA VAL A 82 2.54 -7.66 -6.70
C VAL A 82 3.14 -7.08 -7.97
N ASN A 83 2.28 -6.73 -8.92
CA ASN A 83 2.72 -6.17 -10.18
C ASN A 83 2.61 -4.64 -10.15
N TYR A 84 3.31 -3.98 -11.07
CA TYR A 84 3.27 -2.52 -11.14
C TYR A 84 1.85 -2.04 -11.41
N GLU A 85 1.22 -2.62 -12.43
CA GLU A 85 -0.14 -2.24 -12.79
C GLU A 85 -1.08 -2.43 -11.60
N GLU A 86 -0.86 -3.49 -10.84
CA GLU A 86 -1.69 -3.77 -9.67
C GLU A 86 -1.41 -2.76 -8.56
N PHE A 87 -0.14 -2.42 -8.38
CA PHE A 87 0.23 -1.46 -7.35
C PHE A 87 -0.44 -0.12 -7.60
N VAL A 88 -0.34 0.37 -8.83
CA VAL A 88 -0.93 1.65 -9.19
C VAL A 88 -2.44 1.63 -8.89
N GLN A 89 -3.10 0.57 -9.33
CA GLN A 89 -4.54 0.43 -9.10
C GLN A 89 -4.84 0.56 -7.61
N MET A 90 -4.08 -0.15 -6.79
CA MET A 90 -4.25 -0.11 -5.35
C MET A 90 -4.04 1.31 -4.83
N MET A 91 -3.19 2.06 -5.52
CA MET A 91 -2.89 3.43 -5.12
C MET A 91 -3.86 4.41 -5.79
N THR A 92 -4.37 4.03 -6.95
CA THR A 92 -5.30 4.89 -7.69
C THR A 92 -6.74 4.44 -7.44
N ALA A 93 -6.90 3.44 -6.61
CA ALA A 93 -8.24 2.92 -6.29
C ALA A 93 -9.11 4.04 -5.75
N LYS A 94 -10.25 4.26 -6.40
CA LYS A 94 -11.18 5.31 -5.98
C LYS A 94 -10.42 6.60 -5.66
CA CA B . 11.36 -6.22 -5.74
CA CA C . -0.50 -10.08 -8.96
N GLY A 2 -11.62 22.32 -0.13
CA GLY A 2 -12.98 22.71 0.35
C GLY A 2 -13.64 21.51 1.01
N SER A 3 -13.56 21.47 2.34
CA SER A 3 -14.16 20.37 3.08
C SER A 3 -15.67 20.33 2.87
N HIS A 4 -16.29 21.50 2.88
CA HIS A 4 -17.74 21.59 2.69
C HIS A 4 -18.06 21.74 1.21
N HIS A 5 -18.98 20.91 0.72
CA HIS A 5 -19.38 20.96 -0.69
C HIS A 5 -20.77 21.56 -0.82
N HIS A 6 -20.87 22.67 -1.56
CA HIS A 6 -22.14 23.33 -1.77
C HIS A 6 -23.07 22.47 -2.62
N HIS A 7 -22.50 21.84 -3.64
CA HIS A 7 -23.28 20.98 -4.53
C HIS A 7 -23.75 19.73 -3.80
N HIS A 8 -25.01 19.35 -4.02
CA HIS A 8 -25.57 18.18 -3.37
C HIS A 8 -25.92 17.11 -4.42
N HIS A 9 -25.86 15.85 -4.00
CA HIS A 9 -26.17 14.75 -4.91
C HIS A 9 -25.30 14.82 -6.16
N GLY A 10 -25.85 14.40 -7.29
CA GLY A 10 -25.13 14.42 -8.55
C GLY A 10 -24.14 13.25 -8.62
N SER A 11 -24.43 12.19 -7.88
CA SER A 11 -23.57 11.02 -7.88
C SER A 11 -22.19 11.38 -7.35
N SER A 12 -22.11 11.67 -6.05
CA SER A 12 -20.84 12.03 -5.43
C SER A 12 -20.89 11.77 -3.93
N GLY A 13 -19.72 11.80 -3.29
CA GLY A 13 -19.63 11.56 -1.86
C GLY A 13 -19.62 10.06 -1.55
N GLU A 14 -19.70 9.73 -0.26
CA GLU A 14 -19.70 8.33 0.15
C GLU A 14 -18.40 7.65 -0.25
N ASN A 15 -18.20 7.48 -1.55
CA ASN A 15 -16.98 6.84 -2.05
C ASN A 15 -15.76 7.67 -1.68
N LEU A 16 -15.93 8.98 -1.60
CA LEU A 16 -14.83 9.87 -1.25
C LEU A 16 -14.34 9.58 0.17
N TYR A 17 -15.29 9.32 1.07
CA TYR A 17 -14.95 9.03 2.46
C TYR A 17 -14.04 7.82 2.55
N PHE A 18 -14.42 6.74 1.88
CA PHE A 18 -13.63 5.52 1.87
C PHE A 18 -12.26 5.77 1.25
N GLN A 19 -12.24 6.47 0.14
CA GLN A 19 -10.99 6.78 -0.55
C GLN A 19 -10.12 7.69 0.31
N SER A 20 -10.75 8.43 1.22
CA SER A 20 -10.03 9.34 2.09
C SER A 20 -8.96 8.60 2.88
N LEU A 21 -9.32 7.40 3.36
CA LEU A 21 -8.38 6.60 4.15
C LEU A 21 -7.20 6.16 3.29
N MET A 22 -7.49 5.79 2.04
CA MET A 22 -6.44 5.35 1.13
C MET A 22 -5.79 6.54 0.43
N LYS A 23 -6.15 7.74 0.87
CA LYS A 23 -5.59 8.95 0.28
C LYS A 23 -4.08 8.97 0.43
N ASP A 24 -3.39 9.29 -0.67
CA ASP A 24 -1.93 9.36 -0.66
C ASP A 24 -1.46 10.71 -0.15
N THR A 25 -0.16 10.82 0.09
CA THR A 25 0.42 12.08 0.58
C THR A 25 0.69 13.02 -0.58
N ASP A 26 1.00 14.27 -0.25
CA ASP A 26 1.26 15.28 -1.28
C ASP A 26 2.45 14.86 -2.13
N SER A 27 3.50 14.36 -1.49
CA SER A 27 4.69 13.92 -2.21
C SER A 27 4.50 12.50 -2.73
N GLU A 28 3.41 12.28 -3.47
CA GLU A 28 3.13 10.97 -4.03
C GLU A 28 4.22 10.55 -5.00
N GLU A 29 4.87 11.53 -5.61
CA GLU A 29 5.93 11.25 -6.57
C GLU A 29 7.09 10.52 -5.91
N GLU A 30 7.41 10.91 -4.68
CA GLU A 30 8.50 10.28 -3.95
C GLU A 30 8.17 8.82 -3.67
N ILE A 31 6.93 8.55 -3.28
CA ILE A 31 6.50 7.19 -2.98
C ILE A 31 6.54 6.33 -4.24
N ARG A 32 6.09 6.91 -5.35
CA ARG A 32 6.08 6.19 -6.62
C ARG A 32 7.49 5.72 -6.99
N GLU A 33 8.46 6.59 -6.80
CA GLU A 33 9.85 6.25 -7.12
C GLU A 33 10.29 5.04 -6.32
N ALA A 34 9.92 4.99 -5.04
CA ALA A 34 10.29 3.87 -4.19
C ALA A 34 9.71 2.57 -4.73
N PHE A 35 8.46 2.62 -5.16
CA PHE A 35 7.79 1.44 -5.69
C PHE A 35 8.61 0.86 -6.84
N ARG A 36 9.18 1.72 -7.66
CA ARG A 36 9.98 1.27 -8.80
C ARG A 36 11.25 0.59 -8.32
N VAL A 37 11.88 1.15 -7.29
CA VAL A 37 13.12 0.60 -6.76
C VAL A 37 12.91 -0.86 -6.34
N GLU A 38 11.82 -1.11 -5.61
CA GLU A 38 11.53 -2.46 -5.15
C GLU A 38 11.06 -3.34 -6.31
N ASP A 39 10.60 -2.70 -7.38
CA ASP A 39 10.13 -3.43 -8.55
C ASP A 39 11.29 -3.70 -9.51
N LYS A 40 12.21 -4.56 -9.09
CA LYS A 40 13.37 -4.89 -9.91
C LYS A 40 12.93 -5.52 -11.23
N ASP A 41 11.95 -6.41 -11.15
CA ASP A 41 11.46 -7.09 -12.35
C ASP A 41 10.51 -6.19 -13.13
N GLY A 42 10.27 -4.99 -12.60
CA GLY A 42 9.39 -4.04 -13.26
C GLY A 42 8.06 -4.69 -13.63
N ASN A 43 7.74 -5.78 -12.96
CA ASN A 43 6.49 -6.50 -13.23
C ASN A 43 5.30 -5.67 -12.73
N GLY A 44 5.57 -4.74 -11.82
CA GLY A 44 4.51 -3.89 -11.28
C GLY A 44 3.84 -4.55 -10.09
N TYR A 45 4.51 -5.55 -9.51
CA TYR A 45 3.96 -6.27 -8.37
C TYR A 45 5.05 -6.58 -7.36
N ILE A 46 4.70 -6.51 -6.07
CA ILE A 46 5.67 -6.79 -5.02
C ILE A 46 5.47 -8.20 -4.46
N SER A 47 6.48 -9.04 -4.61
CA SER A 47 6.41 -10.41 -4.11
C SER A 47 7.10 -10.53 -2.76
N ALA A 48 7.08 -11.73 -2.20
CA ALA A 48 7.71 -11.98 -0.91
C ALA A 48 9.18 -11.57 -0.94
N ALA A 49 9.89 -12.00 -1.99
CA ALA A 49 11.31 -11.67 -2.13
C ALA A 49 11.51 -10.17 -1.99
N GLU A 50 10.66 -9.40 -2.65
CA GLU A 50 10.75 -7.94 -2.58
C GLU A 50 10.30 -7.46 -1.20
N LEU A 51 9.30 -8.13 -0.63
CA LEU A 51 8.80 -7.77 0.68
C LEU A 51 9.89 -7.94 1.74
N ARG A 52 10.75 -8.93 1.54
CA ARG A 52 11.83 -9.19 2.48
C ARG A 52 12.86 -8.07 2.43
N HIS A 53 13.10 -7.54 1.23
CA HIS A 53 14.07 -6.47 1.06
C HIS A 53 13.75 -5.30 1.98
N VAL A 54 12.47 -4.97 2.08
CA VAL A 54 12.04 -3.87 2.93
C VAL A 54 12.36 -4.17 4.40
N MET A 55 12.05 -5.38 4.82
CA MET A 55 12.31 -5.79 6.20
C MET A 55 13.81 -5.75 6.50
N THR A 56 14.61 -6.20 5.54
CA THR A 56 16.06 -6.20 5.69
C THR A 56 16.59 -4.78 5.81
N ASN A 57 15.93 -3.85 5.12
CA ASN A 57 16.35 -2.45 5.15
C ASN A 57 16.15 -1.87 6.54
N LEU A 58 15.04 -2.23 7.18
CA LEU A 58 14.74 -1.74 8.52
C LEU A 58 15.50 -2.54 9.56
N GLY A 59 16.17 -3.61 9.12
CA GLY A 59 16.94 -4.45 10.02
C GLY A 59 16.05 -5.52 10.66
N GLU A 60 14.75 -5.46 10.36
CA GLU A 60 13.81 -6.43 10.91
C GLU A 60 14.02 -7.79 10.27
N LYS A 61 14.25 -8.81 11.11
CA LYS A 61 14.46 -10.16 10.62
C LYS A 61 13.23 -11.01 10.84
N LEU A 62 12.48 -11.27 9.77
CA LEU A 62 11.28 -12.08 9.88
C LEU A 62 11.43 -13.36 9.05
N THR A 63 10.65 -14.38 9.41
CA THR A 63 10.70 -15.65 8.70
C THR A 63 9.89 -15.59 7.41
N ASP A 64 10.11 -16.56 6.53
CA ASP A 64 9.40 -16.60 5.25
C ASP A 64 7.91 -16.77 5.49
N GLU A 65 7.55 -17.58 6.47
CA GLU A 65 6.14 -17.84 6.78
C GLU A 65 5.48 -16.57 7.31
N GLU A 66 6.21 -15.84 8.15
CA GLU A 66 5.67 -14.61 8.72
C GLU A 66 5.40 -13.58 7.63
N VAL A 67 6.30 -13.50 6.65
CA VAL A 67 6.14 -12.56 5.56
C VAL A 67 4.87 -12.88 4.76
N ASP A 68 4.66 -14.16 4.47
CA ASP A 68 3.49 -14.58 3.71
C ASP A 68 2.21 -14.21 4.46
N GLU A 69 2.19 -14.45 5.77
CA GLU A 69 1.03 -14.14 6.57
C GLU A 69 0.74 -12.64 6.56
N MET A 70 1.80 -11.85 6.63
CA MET A 70 1.64 -10.40 6.62
C MET A 70 1.01 -9.93 5.32
N ILE A 71 1.44 -10.50 4.21
CA ILE A 71 0.90 -10.13 2.90
C ILE A 71 -0.58 -10.48 2.82
N ARG A 72 -0.94 -11.67 3.29
CA ARG A 72 -2.32 -12.11 3.27
C ARG A 72 -3.20 -11.17 4.08
N GLU A 73 -2.69 -10.72 5.22
CA GLU A 73 -3.43 -9.81 6.08
C GLU A 73 -3.55 -8.43 5.43
N ALA A 74 -2.53 -8.06 4.67
CA ALA A 74 -2.54 -6.76 4.00
C ALA A 74 -3.23 -6.86 2.64
N ASP A 75 -3.25 -8.05 2.08
CA ASP A 75 -3.88 -8.26 0.77
C ASP A 75 -5.39 -8.09 0.87
N ILE A 76 -5.89 -6.99 0.33
CA ILE A 76 -7.32 -6.72 0.37
C ILE A 76 -8.09 -7.71 -0.49
N ASP A 77 -7.57 -7.97 -1.69
CA ASP A 77 -8.23 -8.89 -2.62
C ASP A 77 -7.69 -10.30 -2.44
N GLY A 78 -6.89 -10.50 -1.41
CA GLY A 78 -6.32 -11.82 -1.13
C GLY A 78 -5.86 -12.50 -2.42
N ASP A 79 -5.20 -11.71 -3.28
CA ASP A 79 -4.71 -12.25 -4.54
C ASP A 79 -3.36 -12.91 -4.36
N GLY A 80 -2.83 -12.85 -3.14
CA GLY A 80 -1.55 -13.46 -2.85
C GLY A 80 -0.39 -12.55 -3.28
N GLN A 81 -0.73 -11.42 -3.87
CA GLN A 81 0.27 -10.46 -4.33
C GLN A 81 -0.11 -9.04 -3.94
N VAL A 82 0.90 -8.19 -3.75
CA VAL A 82 0.65 -6.81 -3.38
C VAL A 82 0.76 -5.89 -4.58
N ASN A 83 -0.30 -5.13 -4.84
CA ASN A 83 -0.31 -4.21 -5.97
C ASN A 83 0.04 -2.80 -5.53
N TYR A 84 0.08 -1.87 -6.48
CA TYR A 84 0.42 -0.49 -6.16
C TYR A 84 -0.59 0.10 -5.17
N GLU A 85 -1.87 -0.11 -5.44
CA GLU A 85 -2.92 0.41 -4.56
C GLU A 85 -2.80 -0.20 -3.17
N GLU A 86 -2.47 -1.49 -3.12
CA GLU A 86 -2.33 -2.18 -1.84
C GLU A 86 -1.06 -1.73 -1.13
N PHE A 87 -0.06 -1.33 -1.89
CA PHE A 87 1.19 -0.87 -1.33
C PHE A 87 1.04 0.52 -0.70
N VAL A 88 0.50 1.45 -1.49
CA VAL A 88 0.34 2.82 -1.00
C VAL A 88 -0.52 2.82 0.27
N GLN A 89 -1.65 2.15 0.22
CA GLN A 89 -2.55 2.10 1.37
C GLN A 89 -1.89 1.34 2.53
N MET A 90 -1.19 0.26 2.20
CA MET A 90 -0.53 -0.55 3.21
C MET A 90 0.57 0.27 3.91
N MET A 91 1.27 1.08 3.12
CA MET A 91 2.35 1.90 3.67
C MET A 91 1.77 2.99 4.58
N THR A 92 0.57 3.44 4.26
CA THR A 92 -0.08 4.49 5.06
C THR A 92 -0.80 3.88 6.25
N ALA A 93 -0.71 2.56 6.39
CA ALA A 93 -1.35 1.87 7.49
C ALA A 93 -0.76 2.32 8.83
N LYS A 94 -1.60 2.43 9.85
CA LYS A 94 -1.14 2.85 11.16
C LYS A 94 -0.41 4.19 11.07
CA CA B . 8.38 -6.18 -8.47
CA CA C . -3.42 -8.43 -3.07
N GLY A 2 -26.82 9.88 -15.19
CA GLY A 2 -25.63 10.61 -15.72
C GLY A 2 -24.61 10.78 -14.61
N SER A 3 -24.58 11.98 -14.01
CA SER A 3 -23.63 12.25 -12.94
C SER A 3 -24.00 11.46 -11.69
N HIS A 4 -22.98 11.02 -10.96
CA HIS A 4 -23.20 10.24 -9.74
C HIS A 4 -23.59 11.16 -8.58
N HIS A 5 -24.55 10.70 -7.77
CA HIS A 5 -25.01 11.49 -6.63
C HIS A 5 -24.14 11.21 -5.41
N HIS A 6 -23.53 12.26 -4.87
CA HIS A 6 -22.67 12.11 -3.70
C HIS A 6 -22.59 13.43 -2.94
N HIS A 7 -22.23 13.35 -1.67
CA HIS A 7 -22.11 14.54 -0.83
C HIS A 7 -21.07 14.34 0.25
N HIS A 8 -20.90 13.09 0.68
CA HIS A 8 -19.92 12.77 1.72
C HIS A 8 -20.03 13.75 2.87
N HIS A 9 -20.88 13.42 3.85
CA HIS A 9 -21.07 14.29 5.01
C HIS A 9 -19.78 14.40 5.82
N GLY A 10 -19.01 13.32 5.85
CA GLY A 10 -17.75 13.30 6.59
C GLY A 10 -17.99 12.99 8.06
N SER A 11 -19.03 12.20 8.34
CA SER A 11 -19.36 11.83 9.70
C SER A 11 -18.14 11.26 10.41
N SER A 12 -18.34 10.74 11.61
CA SER A 12 -17.24 10.17 12.39
C SER A 12 -16.57 9.05 11.60
N GLY A 13 -15.24 8.97 11.74
CA GLY A 13 -14.48 7.94 11.04
C GLY A 13 -13.04 8.39 10.82
N GLU A 14 -12.82 9.70 10.82
CA GLU A 14 -11.48 10.26 10.63
C GLU A 14 -10.81 9.63 9.41
N ASN A 15 -10.85 10.35 8.29
CA ASN A 15 -10.26 9.87 7.06
C ASN A 15 -8.74 9.72 7.23
N LEU A 16 -8.15 10.64 7.97
CA LEU A 16 -6.71 10.61 8.20
C LEU A 16 -6.30 9.32 8.92
N TYR A 17 -7.15 8.87 9.83
CA TYR A 17 -6.87 7.65 10.58
C TYR A 17 -6.67 6.47 9.64
N PHE A 18 -7.58 6.32 8.68
CA PHE A 18 -7.49 5.24 7.72
C PHE A 18 -6.25 5.40 6.84
N GLN A 19 -5.98 6.65 6.45
CA GLN A 19 -4.82 6.93 5.60
C GLN A 19 -3.53 6.56 6.32
N SER A 20 -3.54 6.66 7.65
CA SER A 20 -2.36 6.34 8.44
C SER A 20 -1.91 4.91 8.16
N LEU A 21 -2.88 4.02 7.98
CA LEU A 21 -2.57 2.62 7.72
C LEU A 21 -1.80 2.47 6.42
N MET A 22 -2.24 3.19 5.40
CA MET A 22 -1.58 3.15 4.10
C MET A 22 -0.44 4.14 4.04
N LYS A 23 -0.35 4.98 5.05
CA LYS A 23 0.71 6.00 5.11
C LYS A 23 0.65 6.91 3.89
N ASP A 24 0.79 8.21 4.12
CA ASP A 24 0.75 9.17 3.02
C ASP A 24 2.11 9.26 2.34
N THR A 25 2.21 10.14 1.35
CA THR A 25 3.47 10.32 0.63
C THR A 25 3.69 11.80 0.29
N ASP A 26 4.95 12.21 0.26
CA ASP A 26 5.28 13.60 -0.05
C ASP A 26 5.84 13.72 -1.46
N SER A 27 7.06 13.24 -1.66
CA SER A 27 7.70 13.30 -2.97
C SER A 27 7.24 12.13 -3.84
N GLU A 28 6.31 12.39 -4.75
CA GLU A 28 5.80 11.35 -5.63
C GLU A 28 6.92 10.71 -6.42
N GLU A 29 7.94 11.50 -6.74
CA GLU A 29 9.07 11.00 -7.51
C GLU A 29 9.76 9.86 -6.77
N GLU A 30 9.94 10.03 -5.47
CA GLU A 30 10.59 9.00 -4.66
C GLU A 30 9.80 7.71 -4.70
N ILE A 31 8.48 7.83 -4.80
CA ILE A 31 7.62 6.65 -4.84
C ILE A 31 7.89 5.84 -6.10
N ARG A 32 8.00 6.52 -7.23
CA ARG A 32 8.25 5.84 -8.49
C ARG A 32 9.59 5.12 -8.46
N GLU A 33 10.60 5.80 -7.93
CA GLU A 33 11.93 5.21 -7.84
C GLU A 33 11.92 4.04 -6.85
N ALA A 34 11.24 4.21 -5.73
CA ALA A 34 11.17 3.17 -4.72
C ALA A 34 10.60 1.90 -5.31
N PHE A 35 9.58 2.04 -6.14
CA PHE A 35 8.96 0.88 -6.77
C PHE A 35 9.98 0.09 -7.58
N ARG A 36 10.77 0.81 -8.37
CA ARG A 36 11.80 0.15 -9.19
C ARG A 36 12.84 -0.52 -8.30
N VAL A 37 13.30 0.20 -7.29
CA VAL A 37 14.29 -0.33 -6.37
C VAL A 37 13.76 -1.58 -5.66
N GLU A 38 12.50 -1.51 -5.24
CA GLU A 38 11.89 -2.63 -4.55
C GLU A 38 11.63 -3.78 -5.51
N ASP A 39 11.55 -3.47 -6.79
CA ASP A 39 11.31 -4.50 -7.81
C ASP A 39 12.64 -5.07 -8.29
N LYS A 40 13.27 -5.88 -7.44
CA LYS A 40 14.54 -6.49 -7.80
C LYS A 40 14.40 -7.37 -9.03
N ASP A 41 13.31 -8.13 -9.10
CA ASP A 41 13.08 -9.02 -10.22
C ASP A 41 12.51 -8.24 -11.41
N GLY A 42 12.30 -6.95 -11.21
CA GLY A 42 11.76 -6.10 -12.27
C GLY A 42 10.48 -6.71 -12.84
N ASN A 43 9.85 -7.59 -12.08
CA ASN A 43 8.62 -8.22 -12.53
C ASN A 43 7.49 -7.21 -12.65
N GLY A 44 7.60 -6.13 -11.88
CA GLY A 44 6.59 -5.08 -11.90
C GLY A 44 5.49 -5.36 -10.88
N TYR A 45 5.80 -6.20 -9.90
CA TYR A 45 4.83 -6.54 -8.85
C TYR A 45 5.53 -6.70 -7.52
N ILE A 46 4.83 -6.36 -6.43
CA ILE A 46 5.39 -6.48 -5.09
C ILE A 46 4.82 -7.69 -4.38
N SER A 47 5.69 -8.65 -4.06
CA SER A 47 5.26 -9.86 -3.37
C SER A 47 5.53 -9.75 -1.87
N ALA A 48 5.15 -10.79 -1.13
CA ALA A 48 5.36 -10.80 0.31
C ALA A 48 6.84 -10.62 0.65
N ALA A 49 7.69 -11.39 -0.02
CA ALA A 49 9.13 -11.33 0.22
C ALA A 49 9.61 -9.89 0.11
N GLU A 50 9.19 -9.20 -0.94
CA GLU A 50 9.57 -7.80 -1.14
C GLU A 50 8.88 -6.91 -0.11
N LEU A 51 7.65 -7.27 0.23
CA LEU A 51 6.89 -6.50 1.21
C LEU A 51 7.57 -6.53 2.57
N ARG A 52 8.24 -7.63 2.87
CA ARG A 52 8.95 -7.76 4.13
C ARG A 52 10.19 -6.89 4.17
N HIS A 53 10.88 -6.79 3.04
CA HIS A 53 12.09 -6.00 2.95
C HIS A 53 11.81 -4.56 3.37
N VAL A 54 10.68 -4.03 2.92
CA VAL A 54 10.30 -2.66 3.27
C VAL A 54 10.08 -2.54 4.78
N MET A 55 9.35 -3.50 5.34
CA MET A 55 9.06 -3.47 6.77
C MET A 55 10.34 -3.61 7.59
N THR A 56 11.25 -4.48 7.12
CA THR A 56 12.51 -4.70 7.82
C THR A 56 13.29 -3.40 7.91
N ASN A 57 13.15 -2.54 6.90
CA ASN A 57 13.84 -1.27 6.88
C ASN A 57 13.36 -0.39 8.04
N LEU A 58 12.06 -0.43 8.30
CA LEU A 58 11.49 0.37 9.38
C LEU A 58 11.80 -0.26 10.73
N GLY A 59 12.32 -1.48 10.70
CA GLY A 59 12.67 -2.19 11.93
C GLY A 59 11.49 -3.03 12.41
N GLU A 60 10.39 -2.99 11.66
CA GLU A 60 9.20 -3.75 12.03
C GLU A 60 9.37 -5.21 11.63
N LYS A 61 9.12 -6.11 12.59
CA LYS A 61 9.25 -7.55 12.33
C LYS A 61 7.90 -8.23 12.50
N LEU A 62 7.34 -8.72 11.39
CA LEU A 62 6.04 -9.40 11.42
C LEU A 62 6.20 -10.85 10.99
N THR A 63 5.22 -11.67 11.36
CA THR A 63 5.26 -13.09 11.01
C THR A 63 4.85 -13.29 9.55
N ASP A 64 5.13 -14.48 9.04
CA ASP A 64 4.80 -14.80 7.64
C ASP A 64 3.29 -14.76 7.43
N GLU A 65 2.55 -15.29 8.41
CA GLU A 65 1.10 -15.31 8.31
C GLU A 65 0.53 -13.91 8.34
N GLU A 66 1.11 -13.06 9.17
CA GLU A 66 0.65 -11.67 9.28
C GLU A 66 0.82 -10.94 7.96
N VAL A 67 1.94 -11.20 7.28
CA VAL A 67 2.21 -10.56 6.00
C VAL A 67 1.19 -11.00 4.96
N ASP A 68 0.90 -12.30 4.93
CA ASP A 68 -0.06 -12.83 3.97
C ASP A 68 -1.43 -12.19 4.17
N GLU A 69 -1.85 -12.08 5.42
CA GLU A 69 -3.14 -11.47 5.73
C GLU A 69 -3.15 -9.99 5.37
N MET A 70 -2.02 -9.33 5.59
CA MET A 70 -1.90 -7.92 5.29
C MET A 70 -2.10 -7.67 3.80
N ILE A 71 -1.49 -8.51 2.97
CA ILE A 71 -1.62 -8.37 1.53
C ILE A 71 -3.07 -8.55 1.10
N ARG A 72 -3.72 -9.57 1.64
CA ARG A 72 -5.10 -9.84 1.28
C ARG A 72 -6.00 -8.66 1.63
N GLU A 73 -5.78 -8.08 2.80
CA GLU A 73 -6.57 -6.94 3.24
C GLU A 73 -6.25 -5.71 2.39
N ALA A 74 -5.00 -5.58 1.99
CA ALA A 74 -4.57 -4.45 1.18
C ALA A 74 -4.90 -4.67 -0.29
N ASP A 75 -4.96 -5.94 -0.69
CA ASP A 75 -5.27 -6.27 -2.09
C ASP A 75 -6.67 -5.82 -2.44
N ILE A 76 -6.77 -4.78 -3.27
CA ILE A 76 -8.06 -4.25 -3.68
C ILE A 76 -8.79 -5.23 -4.60
N ASP A 77 -8.05 -5.80 -5.55
CA ASP A 77 -8.64 -6.74 -6.51
C ASP A 77 -8.48 -8.17 -6.02
N GLY A 78 -8.03 -8.33 -4.77
CA GLY A 78 -7.85 -9.65 -4.20
C GLY A 78 -7.21 -10.61 -5.19
N ASP A 79 -6.20 -10.11 -5.92
CA ASP A 79 -5.51 -10.93 -6.90
C ASP A 79 -4.33 -11.66 -6.25
N GLY A 80 -4.12 -11.41 -4.97
CA GLY A 80 -3.02 -12.04 -4.25
C GLY A 80 -1.70 -11.37 -4.57
N GLN A 81 -1.72 -10.43 -5.51
CA GLN A 81 -0.51 -9.71 -5.90
C GLN A 81 -0.80 -8.22 -6.02
N VAL A 82 0.22 -7.41 -5.77
CA VAL A 82 0.07 -5.95 -5.86
C VAL A 82 0.57 -5.46 -7.22
N ASN A 83 -0.30 -4.75 -7.94
CA ASN A 83 0.05 -4.22 -9.25
C ASN A 83 0.56 -2.79 -9.13
N TYR A 84 1.12 -2.27 -10.23
CA TYR A 84 1.65 -0.91 -10.23
C TYR A 84 0.54 0.10 -9.93
N GLU A 85 -0.57 -0.03 -10.64
CA GLU A 85 -1.70 0.87 -10.44
C GLU A 85 -2.19 0.81 -8.99
N GLU A 86 -2.17 -0.40 -8.41
CA GLU A 86 -2.62 -0.57 -7.05
C GLU A 86 -1.55 -0.03 -6.08
N PHE A 87 -0.29 -0.22 -6.43
CA PHE A 87 0.80 0.25 -5.58
C PHE A 87 0.75 1.77 -5.44
N VAL A 88 0.68 2.47 -6.57
CA VAL A 88 0.65 3.92 -6.54
C VAL A 88 -0.57 4.41 -5.74
N GLN A 89 -1.72 3.81 -6.00
CA GLN A 89 -2.93 4.19 -5.29
C GLN A 89 -2.82 3.84 -3.80
N MET A 90 -2.35 2.62 -3.53
CA MET A 90 -2.20 2.17 -2.16
C MET A 90 -1.27 3.09 -1.39
N MET A 91 -0.29 3.65 -2.10
CA MET A 91 0.68 4.56 -1.46
C MET A 91 0.21 5.99 -1.58
N THR A 92 -0.80 6.23 -2.40
CA THR A 92 -1.34 7.58 -2.59
C THR A 92 -2.74 7.69 -2.02
N ALA A 93 -3.18 6.64 -1.33
CA ALA A 93 -4.51 6.63 -0.73
C ALA A 93 -4.64 7.77 0.27
N LYS A 94 -5.81 8.39 0.31
CA LYS A 94 -6.07 9.49 1.22
C LYS A 94 -7.02 9.06 2.33
CA CA B . 9.20 -7.14 -7.65
CA CA C . -3.95 -6.24 -6.04
N GLY A 2 -28.12 14.86 8.50
CA GLY A 2 -28.85 13.95 9.41
C GLY A 2 -30.25 13.70 8.86
N SER A 3 -30.36 12.76 7.92
CA SER A 3 -31.65 12.44 7.32
C SER A 3 -32.54 11.74 8.33
N HIS A 4 -31.94 11.22 9.40
CA HIS A 4 -32.70 10.53 10.43
C HIS A 4 -32.00 10.63 11.78
N HIS A 5 -32.76 10.48 12.85
CA HIS A 5 -32.19 10.57 14.20
C HIS A 5 -32.18 9.19 14.86
N HIS A 6 -32.10 9.17 16.18
CA HIS A 6 -32.08 7.92 16.93
C HIS A 6 -30.98 7.01 16.41
N HIS A 7 -29.84 7.60 16.05
CA HIS A 7 -28.72 6.82 15.54
C HIS A 7 -27.40 7.54 15.82
N HIS A 8 -27.21 8.70 15.17
CA HIS A 8 -26.00 9.48 15.37
C HIS A 8 -24.78 8.56 15.45
N HIS A 9 -24.14 8.34 14.31
CA HIS A 9 -22.96 7.49 14.25
C HIS A 9 -22.16 7.75 12.98
N GLY A 10 -21.34 8.79 13.01
CA GLY A 10 -20.52 9.14 11.84
C GLY A 10 -19.25 8.30 11.81
N SER A 11 -18.43 8.54 10.78
CA SER A 11 -17.17 7.81 10.64
C SER A 11 -17.44 6.35 10.27
N SER A 12 -18.61 6.09 9.71
CA SER A 12 -18.98 4.74 9.31
C SER A 12 -18.02 4.21 8.25
N GLY A 13 -17.72 5.05 7.26
CA GLY A 13 -16.81 4.66 6.19
C GLY A 13 -16.32 5.88 5.42
N GLU A 14 -15.14 5.76 4.82
CA GLU A 14 -14.57 6.87 4.05
C GLU A 14 -13.88 6.34 2.80
N ASN A 15 -14.32 6.81 1.63
CA ASN A 15 -13.74 6.39 0.36
C ASN A 15 -12.28 6.83 0.27
N LEU A 16 -11.99 7.99 0.84
CA LEU A 16 -10.63 8.53 0.80
C LEU A 16 -9.69 7.67 1.64
N TYR A 17 -10.26 6.76 2.42
CA TYR A 17 -9.46 5.88 3.27
C TYR A 17 -8.49 5.08 2.42
N PHE A 18 -9.00 4.49 1.35
CA PHE A 18 -8.16 3.69 0.46
C PHE A 18 -7.11 4.57 -0.23
N GLN A 19 -7.54 5.75 -0.66
CA GLN A 19 -6.64 6.68 -1.33
C GLN A 19 -5.53 7.12 -0.40
N SER A 20 -5.81 7.15 0.90
CA SER A 20 -4.83 7.57 1.88
C SER A 20 -3.58 6.68 1.80
N LEU A 21 -3.79 5.41 1.49
CA LEU A 21 -2.68 4.47 1.38
C LEU A 21 -1.76 4.86 0.22
N MET A 22 -2.37 5.30 -0.88
CA MET A 22 -1.59 5.68 -2.05
C MET A 22 -0.93 7.04 -1.86
N LYS A 23 -1.01 7.55 -0.63
CA LYS A 23 -0.42 8.84 -0.33
C LYS A 23 1.00 8.93 -0.86
N ASP A 24 1.35 10.08 -1.42
CA ASP A 24 2.68 10.28 -1.97
C ASP A 24 3.68 10.55 -0.86
N THR A 25 4.97 10.45 -1.19
CA THR A 25 6.03 10.68 -0.20
C THR A 25 6.52 12.12 -0.27
N ASP A 26 6.98 12.63 0.86
CA ASP A 26 7.48 14.00 0.92
C ASP A 26 8.69 14.16 0.03
N SER A 27 9.57 13.16 0.03
CA SER A 27 10.78 13.21 -0.78
C SER A 27 10.77 12.08 -1.81
N GLU A 28 10.62 12.44 -3.08
CA GLU A 28 10.59 11.44 -4.15
C GLU A 28 11.88 10.63 -4.16
N GLU A 29 12.98 11.28 -3.79
CA GLU A 29 14.27 10.61 -3.76
C GLU A 29 14.23 9.39 -2.85
N GLU A 30 13.48 9.50 -1.76
CA GLU A 30 13.36 8.40 -0.81
C GLU A 30 12.66 7.21 -1.46
N ILE A 31 11.74 7.50 -2.36
CA ILE A 31 11.01 6.43 -3.04
C ILE A 31 11.94 5.56 -3.87
N ARG A 32 12.85 6.20 -4.60
CA ARG A 32 13.80 5.46 -5.43
C ARG A 32 14.70 4.58 -4.58
N GLU A 33 15.24 5.15 -3.51
CA GLU A 33 16.11 4.41 -2.61
C GLU A 33 15.32 3.35 -1.86
N ALA A 34 14.11 3.70 -1.43
CA ALA A 34 13.27 2.77 -0.69
C ALA A 34 13.03 1.51 -1.52
N PHE A 35 12.83 1.69 -2.82
CA PHE A 35 12.61 0.55 -3.70
C PHE A 35 13.78 -0.43 -3.62
N ARG A 36 14.99 0.10 -3.66
CA ARG A 36 16.19 -0.73 -3.59
C ARG A 36 16.24 -1.48 -2.26
N VAL A 37 15.97 -0.77 -1.17
CA VAL A 37 15.99 -1.37 0.16
C VAL A 37 14.96 -2.49 0.24
N GLU A 38 13.79 -2.26 -0.34
CA GLU A 38 12.73 -3.26 -0.30
C GLU A 38 13.09 -4.45 -1.17
N ASP A 39 13.97 -4.24 -2.14
CA ASP A 39 14.40 -5.31 -3.03
C ASP A 39 15.61 -6.03 -2.44
N LYS A 40 15.39 -6.77 -1.36
CA LYS A 40 16.47 -7.50 -0.72
C LYS A 40 17.09 -8.51 -1.68
N ASP A 41 16.24 -9.18 -2.45
CA ASP A 41 16.73 -10.17 -3.41
C ASP A 41 17.22 -9.48 -4.69
N GLY A 42 17.11 -8.17 -4.72
CA GLY A 42 17.55 -7.39 -5.88
C GLY A 42 16.90 -7.90 -7.15
N ASN A 43 15.77 -8.59 -7.00
CA ASN A 43 15.04 -9.12 -8.15
C ASN A 43 14.38 -7.99 -8.93
N GLY A 44 14.29 -6.82 -8.30
CA GLY A 44 13.67 -5.66 -8.95
C GLY A 44 12.16 -5.75 -8.87
N TYR A 45 11.66 -6.49 -7.89
CA TYR A 45 10.22 -6.64 -7.71
C TYR A 45 9.87 -6.70 -6.22
N ILE A 46 8.70 -6.16 -5.86
CA ILE A 46 8.27 -6.18 -4.47
C ILE A 46 7.22 -7.25 -4.25
N SER A 47 7.57 -8.25 -3.45
CA SER A 47 6.65 -9.35 -3.15
C SER A 47 5.99 -9.13 -1.79
N ALA A 48 5.11 -10.05 -1.42
CA ALA A 48 4.42 -9.95 -0.13
C ALA A 48 5.42 -9.86 1.01
N ALA A 49 6.41 -10.74 0.99
CA ALA A 49 7.44 -10.75 2.04
C ALA A 49 8.06 -9.36 2.19
N GLU A 50 8.44 -8.77 1.06
CA GLU A 50 9.04 -7.45 1.07
C GLU A 50 8.01 -6.38 1.43
N LEU A 51 6.80 -6.56 0.92
CA LEU A 51 5.73 -5.62 1.19
C LEU A 51 5.36 -5.59 2.67
N ARG A 52 5.51 -6.74 3.31
CA ARG A 52 5.20 -6.85 4.74
C ARG A 52 6.23 -6.11 5.57
N HIS A 53 7.50 -6.21 5.17
CA HIS A 53 8.57 -5.56 5.90
C HIS A 53 8.31 -4.06 6.02
N VAL A 54 7.82 -3.47 4.94
CA VAL A 54 7.53 -2.03 4.93
C VAL A 54 6.44 -1.71 5.94
N MET A 55 5.36 -2.49 5.92
CA MET A 55 4.24 -2.26 6.84
C MET A 55 4.67 -2.57 8.28
N THR A 56 5.52 -3.59 8.42
CA THR A 56 6.01 -3.98 9.74
C THR A 56 6.74 -2.82 10.41
N ASN A 57 7.50 -2.08 9.61
CA ASN A 57 8.25 -0.94 10.13
C ASN A 57 7.31 0.06 10.80
N LEU A 58 6.11 0.20 10.25
CA LEU A 58 5.13 1.12 10.80
C LEU A 58 4.54 0.55 12.10
N GLY A 59 4.90 -0.69 12.41
CA GLY A 59 4.41 -1.33 13.63
C GLY A 59 3.04 -1.94 13.42
N GLU A 60 2.63 -2.05 12.15
CA GLU A 60 1.33 -2.61 11.82
C GLU A 60 1.45 -4.12 11.62
N LYS A 61 0.49 -4.86 12.16
CA LYS A 61 0.49 -6.32 12.02
C LYS A 61 -0.76 -6.79 11.29
N LEU A 62 -0.57 -7.30 10.09
CA LEU A 62 -1.70 -7.79 9.28
C LEU A 62 -1.57 -9.29 9.03
N THR A 63 -2.70 -9.92 8.72
CA THR A 63 -2.71 -11.37 8.46
C THR A 63 -2.18 -11.66 7.06
N ASP A 64 -1.87 -12.92 6.80
CA ASP A 64 -1.35 -13.33 5.51
C ASP A 64 -2.40 -13.10 4.42
N GLU A 65 -3.65 -13.43 4.73
CA GLU A 65 -4.73 -13.25 3.77
C GLU A 65 -4.95 -11.78 3.46
N GLU A 66 -4.82 -10.95 4.49
CA GLU A 66 -5.00 -9.50 4.32
C GLU A 66 -3.95 -8.94 3.37
N VAL A 67 -2.72 -9.40 3.54
CA VAL A 67 -1.63 -8.94 2.69
C VAL A 67 -1.89 -9.32 1.23
N ASP A 68 -2.30 -10.56 1.01
CA ASP A 68 -2.57 -11.04 -0.34
C ASP A 68 -3.65 -10.19 -1.01
N GLU A 69 -4.73 -9.96 -0.29
CA GLU A 69 -5.83 -9.15 -0.81
C GLU A 69 -5.39 -7.72 -1.07
N MET A 70 -4.54 -7.21 -0.19
CA MET A 70 -4.05 -5.84 -0.32
C MET A 70 -3.28 -5.68 -1.63
N ILE A 71 -2.46 -6.68 -1.95
CA ILE A 71 -1.67 -6.63 -3.18
C ILE A 71 -2.58 -6.62 -4.40
N ARG A 72 -3.59 -7.46 -4.38
CA ARG A 72 -4.52 -7.54 -5.51
C ARG A 72 -5.22 -6.21 -5.73
N GLU A 73 -5.73 -5.61 -4.65
CA GLU A 73 -6.42 -4.34 -4.74
C GLU A 73 -5.46 -3.23 -5.18
N ALA A 74 -4.24 -3.26 -4.64
CA ALA A 74 -3.24 -2.25 -4.97
C ALA A 74 -2.61 -2.55 -6.33
N ASP A 75 -2.57 -3.82 -6.69
CA ASP A 75 -1.98 -4.22 -7.97
C ASP A 75 -2.93 -3.88 -9.12
N ILE A 76 -2.58 -2.86 -9.88
CA ILE A 76 -3.39 -2.45 -11.01
C ILE A 76 -3.26 -3.44 -12.17
N ASP A 77 -2.07 -4.03 -12.29
CA ASP A 77 -1.82 -4.99 -13.36
C ASP A 77 -2.38 -6.35 -13.00
N GLY A 78 -2.96 -6.45 -11.79
CA GLY A 78 -3.52 -7.71 -11.33
C GLY A 78 -2.59 -8.87 -11.62
N ASP A 79 -1.28 -8.58 -11.67
CA ASP A 79 -0.29 -9.62 -11.94
C ASP A 79 0.13 -10.30 -10.65
N GLY A 80 -0.37 -9.81 -9.53
CA GLY A 80 -0.05 -10.39 -8.24
C GLY A 80 1.28 -9.85 -7.70
N GLN A 81 1.93 -9.01 -8.51
CA GLN A 81 3.20 -8.42 -8.12
C GLN A 81 3.27 -6.97 -8.53
N VAL A 82 4.07 -6.18 -7.81
CA VAL A 82 4.20 -4.75 -8.11
C VAL A 82 5.50 -4.50 -8.87
N ASN A 83 5.38 -3.84 -10.02
CA ASN A 83 6.55 -3.54 -10.84
C ASN A 83 7.13 -2.17 -10.47
N TYR A 84 8.35 -1.90 -10.92
CA TYR A 84 9.00 -0.64 -10.62
C TYR A 84 8.17 0.52 -11.14
N GLU A 85 7.78 0.45 -12.41
CA GLU A 85 6.97 1.49 -13.02
C GLU A 85 5.64 1.64 -12.28
N GLU A 86 5.06 0.50 -11.88
CA GLU A 86 3.79 0.51 -11.16
C GLU A 86 3.99 1.03 -9.74
N PHE A 87 5.11 0.66 -9.13
CA PHE A 87 5.40 1.08 -7.76
C PHE A 87 5.46 2.61 -7.71
N VAL A 88 6.24 3.20 -8.60
CA VAL A 88 6.40 4.66 -8.60
C VAL A 88 5.05 5.33 -8.75
N GLN A 89 4.25 4.87 -9.72
CA GLN A 89 2.93 5.43 -9.94
C GLN A 89 2.01 5.11 -8.77
N MET A 90 2.05 3.87 -8.32
CA MET A 90 1.21 3.44 -7.20
C MET A 90 1.48 4.29 -5.97
N MET A 91 2.74 4.66 -5.77
CA MET A 91 3.12 5.49 -4.64
C MET A 91 2.67 6.93 -4.86
N THR A 92 2.73 7.38 -6.12
CA THR A 92 2.34 8.74 -6.45
C THR A 92 0.88 8.80 -6.89
N ALA A 93 0.25 7.64 -6.95
CA ALA A 93 -1.15 7.57 -7.35
C ALA A 93 -2.01 8.40 -6.41
N LYS A 94 -2.95 9.15 -6.99
CA LYS A 94 -3.83 10.00 -6.20
C LYS A 94 -5.03 9.21 -5.70
CA CA B . 12.73 -7.50 -4.32
CA CA C . 1.45 -4.90 -11.12
N GLY A 2 1.40 -8.62 24.65
CA GLY A 2 2.89 -8.50 24.56
C GLY A 2 3.25 -7.32 23.67
N SER A 3 3.70 -6.23 24.27
CA SER A 3 4.08 -5.04 23.52
C SER A 3 3.02 -4.70 22.50
N HIS A 4 1.79 -5.15 22.74
CA HIS A 4 0.68 -4.88 21.84
C HIS A 4 -0.58 -4.49 22.61
N HIS A 5 -1.20 -3.38 22.22
CA HIS A 5 -2.41 -2.92 22.89
C HIS A 5 -3.18 -1.96 21.99
N HIS A 6 -2.83 -1.94 20.70
CA HIS A 6 -3.50 -1.08 19.75
C HIS A 6 -4.92 -1.57 19.48
N HIS A 7 -5.88 -0.67 19.61
CA HIS A 7 -7.28 -1.03 19.38
C HIS A 7 -8.09 0.20 18.97
N HIS A 8 -8.71 0.13 17.80
CA HIS A 8 -9.51 1.23 17.29
C HIS A 8 -10.51 0.75 16.25
N HIS A 9 -11.74 1.24 16.34
CA HIS A 9 -12.78 0.85 15.39
C HIS A 9 -12.98 1.93 14.34
N GLY A 10 -12.75 1.56 13.08
CA GLY A 10 -12.90 2.51 11.98
C GLY A 10 -14.36 2.65 11.58
N SER A 11 -14.98 3.75 12.00
CA SER A 11 -16.39 3.99 11.68
C SER A 11 -16.57 4.12 10.18
N SER A 12 -15.56 4.67 9.50
CA SER A 12 -15.63 4.84 8.04
C SER A 12 -14.27 4.56 7.41
N GLY A 13 -14.30 4.08 6.18
CA GLY A 13 -13.05 3.76 5.47
C GLY A 13 -12.33 5.04 5.05
N GLU A 14 -12.98 6.18 5.25
CA GLU A 14 -12.40 7.46 4.88
C GLU A 14 -11.82 7.41 3.48
N ASN A 15 -12.63 7.75 2.49
CA ASN A 15 -12.19 7.74 1.10
C ASN A 15 -11.08 8.76 0.89
N LEU A 16 -11.22 9.91 1.53
CA LEU A 16 -10.21 10.96 1.40
C LEU A 16 -8.86 10.50 1.92
N TYR A 17 -8.88 9.82 3.04
CA TYR A 17 -7.65 9.32 3.64
C TYR A 17 -7.02 8.26 2.75
N PHE A 18 -7.86 7.43 2.14
CA PHE A 18 -7.38 6.37 1.26
C PHE A 18 -6.56 6.95 0.12
N GLN A 19 -7.05 8.03 -0.47
CA GLN A 19 -6.36 8.67 -1.59
C GLN A 19 -5.03 9.25 -1.12
N SER A 20 -4.95 9.59 0.16
CA SER A 20 -3.74 10.16 0.73
C SER A 20 -2.56 9.21 0.56
N LEU A 21 -2.85 7.92 0.59
CA LEU A 21 -1.81 6.91 0.45
C LEU A 21 -1.14 7.03 -0.92
N MET A 22 -1.94 7.24 -1.95
CA MET A 22 -1.41 7.37 -3.30
C MET A 22 -0.53 8.61 -3.42
N LYS A 23 -0.47 9.39 -2.35
CA LYS A 23 0.33 10.60 -2.34
C LYS A 23 0.93 10.84 -0.96
N ASP A 24 1.43 12.05 -0.73
CA ASP A 24 2.02 12.41 0.55
C ASP A 24 3.12 11.42 0.93
N THR A 25 4.37 11.88 0.91
CA THR A 25 5.50 11.02 1.26
C THR A 25 6.48 11.77 2.15
N ASP A 26 6.94 11.10 3.21
CA ASP A 26 7.89 11.71 4.13
C ASP A 26 9.19 12.05 3.42
N SER A 27 9.74 11.08 2.71
CA SER A 27 10.99 11.29 1.98
C SER A 27 11.10 10.32 0.81
N GLU A 28 11.43 10.85 -0.36
CA GLU A 28 11.56 10.02 -1.56
C GLU A 28 12.49 8.84 -1.29
N GLU A 29 13.53 9.08 -0.50
CA GLU A 29 14.49 8.02 -0.17
C GLU A 29 13.78 6.86 0.54
N GLU A 30 12.81 7.20 1.37
CA GLU A 30 12.07 6.18 2.11
C GLU A 30 11.26 5.30 1.16
N ILE A 31 10.75 5.92 0.08
CA ILE A 31 9.95 5.18 -0.89
C ILE A 31 10.77 4.07 -1.53
N ARG A 32 11.98 4.40 -1.97
CA ARG A 32 12.84 3.42 -2.60
C ARG A 32 13.18 2.30 -1.62
N GLU A 33 13.53 2.67 -0.40
CA GLU A 33 13.87 1.69 0.63
C GLU A 33 12.64 0.87 1.01
N ALA A 34 11.50 1.54 1.12
CA ALA A 34 10.26 0.87 1.49
C ALA A 34 9.95 -0.25 0.51
N PHE A 35 10.13 0.04 -0.78
CA PHE A 35 9.86 -0.96 -1.81
C PHE A 35 10.78 -2.16 -1.64
N ARG A 36 12.07 -1.90 -1.44
CA ARG A 36 13.04 -2.98 -1.27
C ARG A 36 12.69 -3.83 -0.05
N VAL A 37 12.41 -3.17 1.07
CA VAL A 37 12.05 -3.87 2.29
C VAL A 37 10.79 -4.69 2.08
N GLU A 38 9.81 -4.09 1.40
CA GLU A 38 8.55 -4.77 1.15
C GLU A 38 8.73 -5.88 0.12
N ASP A 39 9.80 -5.77 -0.67
CA ASP A 39 10.08 -6.79 -1.69
C ASP A 39 10.93 -7.90 -1.09
N LYS A 40 10.32 -8.69 -0.21
CA LYS A 40 11.03 -9.80 0.43
C LYS A 40 11.50 -10.81 -0.60
N ASP A 41 10.65 -11.10 -1.58
CA ASP A 41 10.98 -12.07 -2.61
C ASP A 41 11.89 -11.43 -3.66
N GLY A 42 12.18 -10.15 -3.49
CA GLY A 42 13.04 -9.44 -4.43
C GLY A 42 12.59 -9.67 -5.86
N ASN A 43 11.34 -10.09 -6.03
CA ASN A 43 10.80 -10.34 -7.36
C ASN A 43 10.60 -9.04 -8.12
N GLY A 44 10.54 -7.94 -7.39
CA GLY A 44 10.35 -6.63 -8.00
C GLY A 44 8.88 -6.31 -8.20
N TYR A 45 8.02 -7.11 -7.56
CA TYR A 45 6.58 -6.91 -7.67
C TYR A 45 5.92 -7.08 -6.31
N ILE A 46 4.88 -6.30 -6.06
CA ILE A 46 4.16 -6.37 -4.78
C ILE A 46 2.84 -7.10 -4.95
N SER A 47 2.67 -8.17 -4.19
CA SER A 47 1.45 -8.97 -4.24
C SER A 47 0.58 -8.70 -3.02
N ALA A 48 -0.58 -9.35 -2.97
CA ALA A 48 -1.50 -9.17 -1.84
C ALA A 48 -0.77 -9.43 -0.52
N ALA A 49 -0.06 -10.55 -0.45
CA ALA A 49 0.67 -10.91 0.76
C ALA A 49 1.58 -9.75 1.19
N GLU A 50 2.30 -9.20 0.22
CA GLU A 50 3.20 -8.08 0.52
C GLU A 50 2.39 -6.81 0.79
N LEU A 51 1.28 -6.66 0.07
CA LEU A 51 0.44 -5.49 0.24
C LEU A 51 -0.14 -5.45 1.66
N ARG A 52 -0.39 -6.62 2.22
CA ARG A 52 -0.94 -6.70 3.56
C ARG A 52 0.08 -6.23 4.59
N HIS A 53 1.34 -6.58 4.37
CA HIS A 53 2.40 -6.21 5.30
C HIS A 53 2.42 -4.70 5.50
N VAL A 54 2.28 -3.96 4.42
CA VAL A 54 2.29 -2.50 4.48
C VAL A 54 1.14 -2.00 5.36
N MET A 55 -0.06 -2.54 5.12
CA MET A 55 -1.23 -2.14 5.88
C MET A 55 -1.07 -2.55 7.35
N THR A 56 -0.49 -3.72 7.56
CA THR A 56 -0.29 -4.22 8.92
C THR A 56 0.60 -3.27 9.72
N ASN A 57 1.65 -2.78 9.08
CA ASN A 57 2.57 -1.86 9.74
C ASN A 57 1.82 -0.60 10.18
N LEU A 58 0.86 -0.17 9.38
CA LEU A 58 0.09 1.02 9.70
C LEU A 58 -0.91 0.72 10.81
N GLY A 59 -0.99 -0.54 11.22
CA GLY A 59 -1.89 -0.95 12.29
C GLY A 59 -3.28 -1.22 11.72
N GLU A 60 -3.40 -1.20 10.40
CA GLU A 60 -4.69 -1.46 9.75
C GLU A 60 -4.81 -2.93 9.39
N LYS A 61 -6.00 -3.48 9.56
CA LYS A 61 -6.25 -4.89 9.25
C LYS A 61 -7.34 -5.02 8.21
N LEU A 62 -6.98 -5.54 7.04
CA LEU A 62 -7.94 -5.71 5.94
C LEU A 62 -8.08 -7.19 5.59
N THR A 63 -9.17 -7.53 4.91
CA THR A 63 -9.42 -8.91 4.51
C THR A 63 -8.62 -9.25 3.25
N ASP A 64 -8.51 -10.54 2.97
CA ASP A 64 -7.77 -10.99 1.79
C ASP A 64 -8.44 -10.48 0.52
N GLU A 65 -9.77 -10.53 0.49
CA GLU A 65 -10.51 -10.08 -0.68
C GLU A 65 -10.36 -8.58 -0.87
N GLU A 66 -10.45 -7.84 0.22
CA GLU A 66 -10.31 -6.38 0.16
C GLU A 66 -8.93 -6.00 -0.34
N VAL A 67 -7.91 -6.68 0.18
CA VAL A 67 -6.54 -6.39 -0.23
C VAL A 67 -6.36 -6.65 -1.72
N ASP A 68 -6.84 -7.79 -2.18
CA ASP A 68 -6.72 -8.14 -3.59
C ASP A 68 -7.45 -7.14 -4.46
N GLU A 69 -8.65 -6.76 -4.04
CA GLU A 69 -9.46 -5.80 -4.78
C GLU A 69 -8.81 -4.42 -4.73
N MET A 70 -8.22 -4.08 -3.58
CA MET A 70 -7.59 -2.78 -3.42
C MET A 70 -6.46 -2.60 -4.42
N ILE A 71 -5.70 -3.66 -4.66
CA ILE A 71 -4.59 -3.60 -5.59
C ILE A 71 -5.10 -3.31 -6.99
N ARG A 72 -6.19 -3.95 -7.37
CA ARG A 72 -6.76 -3.76 -8.71
C ARG A 72 -7.09 -2.28 -8.93
N GLU A 73 -7.68 -1.65 -7.93
CA GLU A 73 -8.04 -0.25 -8.03
C GLU A 73 -6.80 0.63 -8.14
N ALA A 74 -5.79 0.33 -7.33
CA ALA A 74 -4.55 1.09 -7.34
C ALA A 74 -3.70 0.70 -8.55
N ASP A 75 -3.90 -0.53 -9.03
CA ASP A 75 -3.14 -1.01 -10.17
C ASP A 75 -3.57 -0.30 -11.45
N ILE A 76 -2.82 0.73 -11.83
CA ILE A 76 -3.13 1.49 -13.02
C ILE A 76 -3.04 0.59 -14.26
N ASP A 77 -2.02 -0.25 -14.30
CA ASP A 77 -1.82 -1.13 -15.45
C ASP A 77 -2.77 -2.32 -15.37
N GLY A 78 -3.58 -2.36 -14.32
CA GLY A 78 -4.54 -3.44 -14.14
C GLY A 78 -3.91 -4.78 -14.43
N ASP A 79 -2.60 -4.87 -14.22
CA ASP A 79 -1.87 -6.11 -14.46
C ASP A 79 -1.97 -7.04 -13.26
N GLY A 80 -2.70 -6.60 -12.24
CA GLY A 80 -2.87 -7.39 -11.03
C GLY A 80 -1.62 -7.36 -10.17
N GLN A 81 -0.57 -6.73 -10.69
CA GLN A 81 0.70 -6.63 -9.96
C GLN A 81 1.25 -5.21 -10.06
N VAL A 82 2.03 -4.82 -9.06
CA VAL A 82 2.63 -3.49 -9.03
C VAL A 82 4.05 -3.54 -9.56
N ASN A 83 4.34 -2.71 -10.57
CA ASN A 83 5.67 -2.67 -11.16
C ASN A 83 6.49 -1.55 -10.53
N TYR A 84 7.82 -1.66 -10.66
CA TYR A 84 8.71 -0.66 -10.09
C TYR A 84 8.42 0.72 -10.68
N GLU A 85 8.34 0.78 -12.00
CA GLU A 85 8.06 2.05 -12.69
C GLU A 85 6.69 2.58 -12.28
N GLU A 86 5.71 1.69 -12.12
CA GLU A 86 4.38 2.09 -11.73
C GLU A 86 4.37 2.53 -10.26
N PHE A 87 5.12 1.82 -9.42
CA PHE A 87 5.18 2.14 -8.01
C PHE A 87 5.73 3.55 -7.81
N VAL A 88 6.84 3.84 -8.50
CA VAL A 88 7.47 5.15 -8.37
C VAL A 88 6.49 6.25 -8.77
N GLN A 89 5.82 6.06 -9.90
CA GLN A 89 4.85 7.05 -10.38
C GLN A 89 3.65 7.13 -9.43
N MET A 90 3.13 5.96 -9.05
CA MET A 90 2.00 5.90 -8.15
C MET A 90 2.30 6.62 -6.84
N MET A 91 3.57 6.63 -6.46
CA MET A 91 3.98 7.28 -5.23
C MET A 91 3.66 8.78 -5.27
N THR A 92 3.65 9.34 -6.48
CA THR A 92 3.41 10.77 -6.65
C THR A 92 2.05 10.99 -7.31
N ALA A 93 1.25 9.93 -7.36
CA ALA A 93 -0.07 10.02 -7.97
C ALA A 93 -0.90 11.10 -7.28
N LYS A 94 -1.65 11.86 -8.08
CA LYS A 94 -2.50 12.92 -7.53
C LYS A 94 -3.71 13.16 -8.42
CA CA B . 7.92 -8.99 -4.01
CA CA C . 0.66 -2.36 -12.56
N GLY A 2 -9.82 2.68 30.87
CA GLY A 2 -9.50 3.94 30.14
C GLY A 2 -10.57 4.22 29.10
N SER A 3 -11.63 4.90 29.51
CA SER A 3 -12.72 5.23 28.60
C SER A 3 -12.27 6.30 27.61
N HIS A 4 -12.72 6.16 26.36
CA HIS A 4 -12.36 7.11 25.32
C HIS A 4 -13.46 7.18 24.25
N HIS A 5 -13.60 8.34 23.63
CA HIS A 5 -14.60 8.52 22.59
C HIS A 5 -14.15 7.87 21.29
N HIS A 6 -15.10 7.59 20.40
CA HIS A 6 -14.78 6.96 19.12
C HIS A 6 -15.80 7.38 18.06
N HIS A 7 -15.37 7.33 16.80
CA HIS A 7 -16.25 7.70 15.70
C HIS A 7 -16.96 9.02 16.00
N HIS A 8 -16.26 10.12 15.77
CA HIS A 8 -16.83 11.45 16.02
C HIS A 8 -18.10 11.64 15.21
N HIS A 9 -18.09 11.19 13.96
CA HIS A 9 -19.25 11.31 13.10
C HIS A 9 -19.26 10.21 12.05
N GLY A 10 -20.40 10.04 11.39
CA GLY A 10 -20.53 9.01 10.36
C GLY A 10 -19.37 9.07 9.38
N SER A 11 -19.24 8.04 8.55
CA SER A 11 -18.15 7.98 7.58
C SER A 11 -18.25 9.15 6.61
N SER A 12 -17.11 9.75 6.28
CA SER A 12 -17.08 10.88 5.36
C SER A 12 -17.11 10.39 3.91
N GLY A 13 -16.01 10.60 3.20
CA GLY A 13 -15.92 10.19 1.80
C GLY A 13 -15.45 8.74 1.70
N GLU A 14 -16.33 7.87 1.23
CA GLU A 14 -16.00 6.45 1.08
C GLU A 14 -14.92 6.27 0.02
N ASN A 15 -15.00 7.04 -1.05
CA ASN A 15 -14.02 6.96 -2.13
C ASN A 15 -12.65 7.36 -1.63
N LEU A 16 -12.60 8.34 -0.75
CA LEU A 16 -11.34 8.82 -0.20
C LEU A 16 -10.63 7.71 0.56
N TYR A 17 -11.43 6.87 1.24
CA TYR A 17 -10.86 5.77 2.02
C TYR A 17 -10.01 4.87 1.12
N PHE A 18 -10.56 4.48 -0.02
CA PHE A 18 -9.83 3.63 -0.94
C PHE A 18 -8.63 4.36 -1.53
N GLN A 19 -8.83 5.63 -1.87
CA GLN A 19 -7.76 6.43 -2.44
C GLN A 19 -6.64 6.63 -1.42
N SER A 20 -7.03 6.76 -0.14
CA SER A 20 -6.05 6.96 0.92
C SER A 20 -5.08 5.78 0.98
N LEU A 21 -5.62 4.58 0.87
CA LEU A 21 -4.79 3.38 0.92
C LEU A 21 -3.84 3.33 -0.27
N MET A 22 -4.34 3.69 -1.44
CA MET A 22 -3.53 3.68 -2.65
C MET A 22 -2.68 4.95 -2.73
N LYS A 23 -2.98 5.91 -1.88
CA LYS A 23 -2.24 7.17 -1.85
C LYS A 23 -1.79 7.50 -0.43
N ASP A 24 -0.48 7.41 -0.20
CA ASP A 24 0.07 7.71 1.12
C ASP A 24 1.59 7.75 1.06
N THR A 25 2.14 8.92 0.77
CA THR A 25 3.59 9.08 0.69
C THR A 25 4.04 10.33 1.42
N ASP A 26 5.28 10.33 1.90
CA ASP A 26 5.83 11.48 2.61
C ASP A 26 6.58 12.39 1.65
N SER A 27 7.59 11.83 0.99
CA SER A 27 8.39 12.61 0.04
C SER A 27 9.02 11.70 -1.01
N GLU A 28 9.32 12.25 -2.17
CA GLU A 28 9.90 11.46 -3.25
C GLU A 28 11.10 10.67 -2.74
N GLU A 29 11.94 11.30 -1.94
CA GLU A 29 13.11 10.64 -1.39
C GLU A 29 12.71 9.46 -0.51
N GLU A 30 11.64 9.64 0.25
CA GLU A 30 11.16 8.59 1.13
C GLU A 30 10.68 7.39 0.33
N ILE A 31 10.01 7.66 -0.79
CA ILE A 31 9.50 6.59 -1.64
C ILE A 31 10.65 5.77 -2.21
N ARG A 32 11.66 6.46 -2.73
CA ARG A 32 12.81 5.77 -3.30
C ARG A 32 13.53 4.95 -2.25
N GLU A 33 13.78 5.57 -1.09
CA GLU A 33 14.46 4.88 0.01
C GLU A 33 13.57 3.77 0.57
N ALA A 34 12.29 4.07 0.74
CA ALA A 34 11.36 3.09 1.29
C ALA A 34 11.39 1.81 0.46
N PHE A 35 11.44 1.96 -0.86
CA PHE A 35 11.48 0.81 -1.74
C PHE A 35 12.67 -0.09 -1.42
N ARG A 36 13.84 0.53 -1.26
CA ARG A 36 15.04 -0.22 -0.95
C ARG A 36 14.95 -0.87 0.43
N VAL A 37 14.53 -0.07 1.42
CA VAL A 37 14.40 -0.57 2.78
C VAL A 37 13.44 -1.75 2.82
N GLU A 38 12.33 -1.62 2.10
CA GLU A 38 11.33 -2.69 2.06
C GLU A 38 11.85 -3.88 1.26
N ASP A 39 12.85 -3.63 0.43
CA ASP A 39 13.44 -4.69 -0.39
C ASP A 39 14.67 -5.27 0.30
N LYS A 40 14.44 -6.07 1.34
CA LYS A 40 15.54 -6.68 2.08
C LYS A 40 16.39 -7.55 1.16
N ASP A 41 15.73 -8.25 0.24
CA ASP A 41 16.44 -9.11 -0.70
C ASP A 41 17.03 -8.30 -1.85
N GLY A 42 16.83 -6.99 -1.81
CA GLY A 42 17.34 -6.11 -2.85
C GLY A 42 16.77 -6.49 -4.21
N ASN A 43 15.53 -6.96 -4.22
CA ASN A 43 14.88 -7.35 -5.46
C ASN A 43 14.11 -6.19 -6.06
N GLY A 44 14.48 -5.82 -7.28
CA GLY A 44 13.81 -4.72 -7.97
C GLY A 44 12.30 -4.93 -7.98
N TYR A 45 11.84 -6.04 -7.40
CA TYR A 45 10.42 -6.34 -7.35
C TYR A 45 10.01 -6.65 -5.91
N ILE A 46 8.75 -6.34 -5.59
CA ILE A 46 8.23 -6.57 -4.25
C ILE A 46 7.18 -7.67 -4.27
N SER A 47 7.32 -8.64 -3.35
CA SER A 47 6.37 -9.74 -3.27
C SER A 47 5.23 -9.40 -2.32
N ALA A 48 4.27 -10.32 -2.20
CA ALA A 48 3.12 -10.09 -1.33
C ALA A 48 3.57 -10.06 0.13
N ALA A 49 4.38 -11.04 0.52
CA ALA A 49 4.85 -11.11 1.89
C ALA A 49 5.49 -9.79 2.31
N GLU A 50 6.36 -9.25 1.46
CA GLU A 50 7.02 -7.98 1.73
C GLU A 50 6.01 -6.84 1.70
N LEU A 51 5.04 -6.95 0.79
CA LEU A 51 4.02 -5.93 0.67
C LEU A 51 3.19 -5.84 1.94
N ARG A 52 3.03 -6.98 2.61
CA ARG A 52 2.26 -7.03 3.85
C ARG A 52 3.01 -6.33 4.98
N HIS A 53 4.33 -6.44 4.96
CA HIS A 53 5.16 -5.83 6.00
C HIS A 53 4.86 -4.35 6.12
N VAL A 54 4.67 -3.69 4.98
CA VAL A 54 4.37 -2.26 4.97
C VAL A 54 3.03 -2.00 5.64
N MET A 55 2.02 -2.79 5.28
CA MET A 55 0.69 -2.62 5.86
C MET A 55 0.72 -2.85 7.37
N THR A 56 1.45 -3.88 7.78
CA THR A 56 1.56 -4.20 9.20
C THR A 56 2.22 -3.05 9.95
N ASN A 57 3.25 -2.48 9.35
CA ASN A 57 3.98 -1.37 9.97
C ASN A 57 3.04 -0.18 10.18
N LEU A 58 2.14 0.04 9.23
CA LEU A 58 1.20 1.15 9.33
C LEU A 58 0.16 0.87 10.40
N GLY A 59 0.06 -0.38 10.82
CA GLY A 59 -0.90 -0.77 11.86
C GLY A 59 -2.06 -1.56 11.25
N GLU A 60 -2.19 -1.49 9.93
CA GLU A 60 -3.26 -2.21 9.24
C GLU A 60 -2.86 -3.66 8.99
N LYS A 61 -3.75 -4.59 9.32
CA LYS A 61 -3.49 -6.01 9.12
C LYS A 61 -4.43 -6.59 8.08
N LEU A 62 -3.88 -7.00 6.94
CA LEU A 62 -4.67 -7.57 5.87
C LEU A 62 -4.48 -9.08 5.81
N THR A 63 -5.56 -9.81 5.51
CA THR A 63 -5.50 -11.26 5.42
C THR A 63 -4.83 -11.69 4.12
N ASP A 64 -4.55 -12.98 4.00
CA ASP A 64 -3.90 -13.50 2.81
C ASP A 64 -4.75 -13.23 1.58
N GLU A 65 -6.06 -13.41 1.71
CA GLU A 65 -6.97 -13.19 0.60
C GLU A 65 -7.04 -11.70 0.24
N GLU A 66 -7.07 -10.86 1.27
CA GLU A 66 -7.13 -9.42 1.06
C GLU A 66 -5.89 -8.92 0.32
N VAL A 67 -4.73 -9.42 0.73
CA VAL A 67 -3.48 -9.03 0.09
C VAL A 67 -3.47 -9.42 -1.38
N ASP A 68 -3.89 -10.64 -1.66
CA ASP A 68 -3.91 -11.14 -3.04
C ASP A 68 -4.86 -10.29 -3.88
N GLU A 69 -6.04 -10.01 -3.34
CA GLU A 69 -7.03 -9.20 -4.05
C GLU A 69 -6.55 -7.77 -4.19
N MET A 70 -5.91 -7.25 -3.15
CA MET A 70 -5.42 -5.88 -3.17
C MET A 70 -4.38 -5.70 -4.27
N ILE A 71 -3.42 -6.62 -4.33
CA ILE A 71 -2.37 -6.53 -5.33
C ILE A 71 -2.94 -6.63 -6.73
N ARG A 72 -3.86 -7.57 -6.93
CA ARG A 72 -4.48 -7.74 -8.24
C ARG A 72 -5.23 -6.47 -8.66
N GLU A 73 -5.90 -5.85 -7.70
CA GLU A 73 -6.64 -4.63 -7.98
C GLU A 73 -5.70 -3.47 -8.25
N ALA A 74 -4.55 -3.48 -7.58
CA ALA A 74 -3.57 -2.41 -7.75
C ALA A 74 -2.63 -2.72 -8.91
N ASP A 75 -2.45 -4.00 -9.20
CA ASP A 75 -1.56 -4.42 -10.28
C ASP A 75 -2.17 -4.05 -11.63
N ILE A 76 -1.59 -3.04 -12.27
CA ILE A 76 -2.08 -2.59 -13.56
C ILE A 76 -1.86 -3.65 -14.63
N ASP A 77 -0.67 -4.24 -14.63
CA ASP A 77 -0.33 -5.26 -15.62
C ASP A 77 -0.72 -6.65 -15.12
N GLY A 78 -1.38 -6.69 -13.96
CA GLY A 78 -1.81 -7.96 -13.39
C GLY A 78 -0.72 -9.02 -13.53
N ASP A 79 0.53 -8.60 -13.34
CA ASP A 79 1.66 -9.52 -13.46
C ASP A 79 1.82 -10.34 -12.18
N GLY A 80 1.00 -10.02 -11.18
CA GLY A 80 1.06 -10.74 -9.91
C GLY A 80 2.15 -10.18 -9.01
N GLN A 81 2.90 -9.21 -9.53
CA GLN A 81 3.99 -8.60 -8.77
C GLN A 81 4.02 -7.10 -8.99
N VAL A 82 4.57 -6.37 -8.02
CA VAL A 82 4.65 -4.92 -8.12
C VAL A 82 5.97 -4.49 -8.72
N ASN A 83 5.91 -3.70 -9.79
CA ASN A 83 7.12 -3.23 -10.46
C ASN A 83 7.48 -1.83 -9.99
N TYR A 84 8.69 -1.39 -10.31
CA TYR A 84 9.14 -0.06 -9.90
C TYR A 84 8.24 1.01 -10.50
N GLU A 85 8.03 0.94 -11.80
CA GLU A 85 7.17 1.91 -12.49
C GLU A 85 5.77 1.91 -11.88
N GLU A 86 5.28 0.72 -11.55
CA GLU A 86 3.96 0.59 -10.96
C GLU A 86 3.97 1.05 -9.50
N PHE A 87 5.10 0.81 -8.82
CA PHE A 87 5.21 1.19 -7.42
C PHE A 87 5.10 2.71 -7.28
N VAL A 88 5.88 3.43 -8.06
CA VAL A 88 5.86 4.89 -8.01
C VAL A 88 4.46 5.40 -8.32
N GLN A 89 3.85 4.85 -9.36
CA GLN A 89 2.49 5.27 -9.74
C GLN A 89 1.49 4.92 -8.64
N MET A 90 1.56 3.70 -8.14
CA MET A 90 0.67 3.25 -7.09
C MET A 90 0.87 4.08 -5.83
N MET A 91 2.11 4.49 -5.59
CA MET A 91 2.42 5.30 -4.41
C MET A 91 1.96 6.74 -4.60
N THR A 92 2.12 7.24 -5.82
CA THR A 92 1.74 8.63 -6.13
C THR A 92 0.41 8.66 -6.88
N ALA A 93 -0.29 7.53 -6.87
CA ALA A 93 -1.58 7.44 -7.57
C ALA A 93 -2.52 8.52 -7.06
N LYS A 94 -3.26 9.14 -7.98
CA LYS A 94 -4.21 10.18 -7.62
C LYS A 94 -5.52 9.58 -7.13
CA CA B . 11.38 -7.46 -2.37
CA CA C . 2.44 -5.22 -11.84
N GLY A 2 -33.04 -1.49 -11.31
CA GLY A 2 -32.89 -0.13 -10.74
C GLY A 2 -31.53 -0.01 -10.04
N SER A 3 -30.88 1.14 -10.23
CA SER A 3 -29.58 1.37 -9.62
C SER A 3 -29.73 1.73 -8.14
N HIS A 4 -29.40 0.78 -7.27
CA HIS A 4 -29.51 1.02 -5.83
C HIS A 4 -28.47 2.06 -5.38
N HIS A 5 -27.28 1.98 -5.96
CA HIS A 5 -26.22 2.93 -5.61
C HIS A 5 -25.95 2.89 -4.10
N HIS A 6 -24.92 2.17 -3.71
CA HIS A 6 -24.56 2.06 -2.29
C HIS A 6 -23.83 3.31 -1.83
N HIS A 7 -23.97 3.64 -0.54
CA HIS A 7 -23.31 4.82 0.01
C HIS A 7 -23.04 4.62 1.51
N HIS A 8 -22.18 5.46 2.06
CA HIS A 8 -21.84 5.36 3.48
C HIS A 8 -21.42 6.73 4.01
N HIS A 9 -21.40 6.85 5.34
CA HIS A 9 -21.02 8.12 5.97
C HIS A 9 -19.67 7.98 6.66
N GLY A 10 -18.78 8.94 6.40
CA GLY A 10 -17.45 8.91 7.00
C GLY A 10 -17.49 9.44 8.43
N SER A 11 -18.30 8.80 9.26
CA SER A 11 -18.42 9.21 10.66
C SER A 11 -17.08 9.11 11.37
N SER A 12 -16.36 8.03 11.10
CA SER A 12 -15.05 7.83 11.72
C SER A 12 -14.01 8.73 11.09
N GLY A 13 -12.92 8.99 11.82
CA GLY A 13 -11.85 9.85 11.32
C GLY A 13 -10.54 9.08 11.25
N GLU A 14 -9.55 9.54 12.00
CA GLU A 14 -8.24 8.90 12.01
C GLU A 14 -7.69 8.76 10.59
N ASN A 15 -8.05 9.72 9.73
CA ASN A 15 -7.58 9.70 8.35
C ASN A 15 -6.07 9.86 8.30
N LEU A 16 -5.51 10.55 9.28
CA LEU A 16 -4.07 10.77 9.33
C LEU A 16 -3.33 9.45 9.43
N TYR A 17 -3.87 8.53 10.22
CA TYR A 17 -3.24 7.24 10.41
C TYR A 17 -3.13 6.50 9.07
N PHE A 18 -4.24 6.44 8.34
CA PHE A 18 -4.24 5.79 7.04
C PHE A 18 -3.34 6.53 6.06
N GLN A 19 -3.44 7.85 6.07
CA GLN A 19 -2.63 8.68 5.17
C GLN A 19 -1.16 8.59 5.57
N SER A 20 -0.90 8.44 6.86
CA SER A 20 0.46 8.35 7.35
C SER A 20 1.18 7.16 6.72
N LEU A 21 0.47 6.04 6.63
CA LEU A 21 1.04 4.83 6.05
C LEU A 21 1.43 5.07 4.60
N MET A 22 0.59 5.77 3.87
CA MET A 22 0.86 6.07 2.47
C MET A 22 1.95 7.13 2.35
N LYS A 23 2.32 7.72 3.49
CA LYS A 23 3.36 8.75 3.50
C LYS A 23 4.60 8.25 4.24
N ASP A 24 5.76 8.45 3.62
CA ASP A 24 7.02 8.01 4.23
C ASP A 24 8.08 9.09 4.13
N THR A 25 8.79 9.12 3.00
CA THR A 25 9.84 10.11 2.79
C THR A 25 9.40 11.15 1.76
N ASP A 26 8.26 10.90 1.12
CA ASP A 26 7.75 11.82 0.11
C ASP A 26 8.78 12.04 -1.00
N SER A 27 9.91 11.34 -0.89
CA SER A 27 10.96 11.46 -1.90
C SER A 27 10.54 10.76 -3.18
N GLU A 28 10.12 11.54 -4.17
CA GLU A 28 9.67 10.99 -5.44
C GLU A 28 10.70 10.01 -5.98
N GLU A 29 11.97 10.38 -5.94
CA GLU A 29 13.03 9.52 -6.44
C GLU A 29 13.06 8.21 -5.65
N GLU A 30 12.80 8.29 -4.36
CA GLU A 30 12.81 7.11 -3.51
C GLU A 30 11.71 6.15 -3.92
N ILE A 31 10.60 6.68 -4.39
CA ILE A 31 9.48 5.85 -4.82
C ILE A 31 9.90 4.94 -5.97
N ARG A 32 10.54 5.52 -6.98
CA ARG A 32 10.97 4.76 -8.14
C ARG A 32 12.05 3.75 -7.74
N GLU A 33 13.04 4.22 -6.98
CA GLU A 33 14.12 3.35 -6.53
C GLU A 33 13.60 2.29 -5.55
N ALA A 34 12.83 2.74 -4.57
CA ALA A 34 12.28 1.83 -3.58
C ALA A 34 11.50 0.71 -4.26
N PHE A 35 10.72 1.07 -5.28
CA PHE A 35 9.94 0.08 -6.01
C PHE A 35 10.85 -1.00 -6.60
N ARG A 36 11.94 -0.57 -7.23
CA ARG A 36 12.88 -1.51 -7.83
C ARG A 36 13.53 -2.37 -6.76
N VAL A 37 14.03 -1.72 -5.70
CA VAL A 37 14.68 -2.43 -4.62
C VAL A 37 13.71 -3.39 -3.94
N GLU A 38 12.45 -2.96 -3.84
CA GLU A 38 11.44 -3.79 -3.21
C GLU A 38 11.10 -4.99 -4.08
N ASP A 39 11.35 -4.86 -5.38
CA ASP A 39 11.09 -5.96 -6.31
C ASP A 39 12.37 -6.75 -6.59
N LYS A 40 12.73 -7.63 -5.67
CA LYS A 40 13.92 -8.44 -5.82
C LYS A 40 13.84 -9.26 -7.11
N ASP A 41 12.64 -9.73 -7.43
CA ASP A 41 12.44 -10.54 -8.63
C ASP A 41 12.41 -9.65 -9.87
N GLY A 42 12.63 -8.36 -9.66
CA GLY A 42 12.65 -7.41 -10.78
C GLY A 42 11.36 -7.50 -11.58
N ASN A 43 10.23 -7.59 -10.88
CA ASN A 43 8.93 -7.68 -11.53
C ASN A 43 8.15 -6.39 -11.36
N GLY A 44 7.66 -5.86 -12.47
CA GLY A 44 6.89 -4.62 -12.46
C GLY A 44 5.65 -4.76 -11.57
N TYR A 45 5.67 -5.72 -10.65
CA TYR A 45 4.57 -5.95 -9.74
C TYR A 45 5.08 -6.34 -8.37
N ILE A 46 4.39 -5.90 -7.32
CA ILE A 46 4.78 -6.21 -5.95
C ILE A 46 3.76 -7.13 -5.31
N SER A 47 4.24 -8.21 -4.70
CA SER A 47 3.36 -9.18 -4.03
C SER A 47 3.36 -8.96 -2.53
N ALA A 48 2.54 -9.73 -1.82
CA ALA A 48 2.46 -9.61 -0.37
C ALA A 48 3.80 -9.98 0.27
N ALA A 49 4.43 -11.03 -0.23
CA ALA A 49 5.70 -11.50 0.31
C ALA A 49 6.69 -10.34 0.36
N GLU A 50 6.76 -9.57 -0.72
CA GLU A 50 7.65 -8.42 -0.76
C GLU A 50 7.16 -7.32 0.19
N LEU A 51 5.85 -7.19 0.30
CA LEU A 51 5.26 -6.21 1.19
C LEU A 51 5.69 -6.45 2.62
N ARG A 52 5.93 -7.71 2.95
CA ARG A 52 6.35 -8.07 4.31
C ARG A 52 7.77 -7.56 4.59
N HIS A 53 8.62 -7.61 3.57
CA HIS A 53 10.01 -7.17 3.72
C HIS A 53 10.04 -5.73 4.22
N VAL A 54 9.18 -4.89 3.64
CA VAL A 54 9.14 -3.48 4.03
C VAL A 54 8.77 -3.36 5.51
N MET A 55 7.75 -4.10 5.92
CA MET A 55 7.30 -4.05 7.32
C MET A 55 8.38 -4.62 8.22
N THR A 56 9.06 -5.67 7.76
CA THR A 56 10.11 -6.30 8.55
C THR A 56 11.20 -5.27 8.89
N ASN A 57 11.52 -4.42 7.93
CA ASN A 57 12.55 -3.40 8.13
C ASN A 57 12.17 -2.52 9.33
N LEU A 58 10.89 -2.22 9.47
CA LEU A 58 10.42 -1.40 10.58
C LEU A 58 10.42 -2.19 11.87
N GLY A 59 10.71 -3.49 11.77
CA GLY A 59 10.75 -4.35 12.94
C GLY A 59 9.35 -4.82 13.32
N GLU A 60 8.36 -4.39 12.55
CA GLU A 60 6.98 -4.77 12.82
C GLU A 60 6.73 -6.19 12.33
N LYS A 61 6.12 -7.01 13.20
CA LYS A 61 5.82 -8.40 12.85
C LYS A 61 4.31 -8.61 12.72
N LEU A 62 3.85 -8.82 11.49
CA LEU A 62 2.42 -9.02 11.24
C LEU A 62 2.18 -10.46 10.79
N THR A 63 0.99 -10.98 11.11
CA THR A 63 0.64 -12.34 10.72
C THR A 63 0.28 -12.40 9.25
N ASP A 64 0.13 -13.62 8.73
CA ASP A 64 -0.21 -13.80 7.33
C ASP A 64 -1.58 -13.21 7.01
N GLU A 65 -2.52 -13.41 7.93
CA GLU A 65 -3.87 -12.89 7.74
C GLU A 65 -3.87 -11.37 7.72
N GLU A 66 -3.02 -10.77 8.55
CA GLU A 66 -2.93 -9.32 8.61
C GLU A 66 -2.42 -8.75 7.30
N VAL A 67 -1.43 -9.42 6.71
CA VAL A 67 -0.86 -8.95 5.45
C VAL A 67 -1.93 -8.91 4.36
N ASP A 68 -2.76 -9.95 4.30
CA ASP A 68 -3.81 -10.01 3.30
C ASP A 68 -4.75 -8.82 3.44
N GLU A 69 -5.12 -8.51 4.68
CA GLU A 69 -6.03 -7.39 4.94
C GLU A 69 -5.39 -6.08 4.49
N MET A 70 -4.10 -5.93 4.76
CA MET A 70 -3.39 -4.71 4.38
C MET A 70 -3.40 -4.54 2.87
N ILE A 71 -3.13 -5.62 2.15
CA ILE A 71 -3.10 -5.57 0.70
C ILE A 71 -4.47 -5.22 0.15
N ARG A 72 -5.49 -5.96 0.58
CA ARG A 72 -6.85 -5.73 0.10
C ARG A 72 -7.29 -4.31 0.40
N GLU A 73 -7.00 -3.85 1.61
CA GLU A 73 -7.37 -2.49 2.01
C GLU A 73 -6.62 -1.46 1.19
N ALA A 74 -5.37 -1.77 0.84
CA ALA A 74 -4.55 -0.85 0.08
C ALA A 74 -4.79 -1.04 -1.42
N ASP A 75 -5.19 -2.24 -1.82
CA ASP A 75 -5.44 -2.53 -3.22
C ASP A 75 -6.58 -1.67 -3.75
N ILE A 76 -6.24 -0.72 -4.62
CA ILE A 76 -7.25 0.17 -5.18
C ILE A 76 -8.18 -0.57 -6.13
N ASP A 77 -7.59 -1.42 -6.97
CA ASP A 77 -8.38 -2.17 -7.95
C ASP A 77 -8.66 -3.59 -7.45
N GLY A 78 -8.42 -3.81 -6.16
CA GLY A 78 -8.66 -5.12 -5.57
C GLY A 78 -8.16 -6.23 -6.49
N ASP A 79 -7.04 -5.98 -7.17
CA ASP A 79 -6.49 -6.96 -8.10
C ASP A 79 -5.73 -8.05 -7.34
N GLY A 80 -5.60 -7.87 -6.03
CA GLY A 80 -4.91 -8.85 -5.19
C GLY A 80 -3.43 -8.52 -5.08
N GLN A 81 -3.01 -7.48 -5.80
CA GLN A 81 -1.61 -7.06 -5.78
C GLN A 81 -1.48 -5.57 -6.04
N VAL A 82 -0.29 -5.03 -5.83
CA VAL A 82 -0.06 -3.60 -6.04
C VAL A 82 0.67 -3.37 -7.36
N ASN A 83 0.07 -2.58 -8.24
CA ASN A 83 0.66 -2.29 -9.55
C ASN A 83 1.51 -1.03 -9.46
N TYR A 84 2.36 -0.82 -10.47
CA TYR A 84 3.23 0.34 -10.50
C TYR A 84 2.40 1.62 -10.50
N GLU A 85 1.40 1.68 -11.37
CA GLU A 85 0.54 2.86 -11.46
C GLU A 85 -0.13 3.12 -10.12
N GLU A 86 -0.57 2.05 -9.45
CA GLU A 86 -1.23 2.19 -8.16
C GLU A 86 -0.20 2.49 -7.07
N PHE A 87 1.01 1.98 -7.26
CA PHE A 87 2.08 2.20 -6.28
C PHE A 87 2.37 3.69 -6.15
N VAL A 88 2.55 4.36 -7.28
CA VAL A 88 2.84 5.79 -7.27
C VAL A 88 1.74 6.54 -6.55
N GLN A 89 0.48 6.21 -6.88
CA GLN A 89 -0.65 6.86 -6.23
C GLN A 89 -0.68 6.56 -4.74
N MET A 90 -0.50 5.30 -4.39
CA MET A 90 -0.50 4.88 -2.99
C MET A 90 0.63 5.57 -2.24
N MET A 91 1.73 5.84 -2.95
CA MET A 91 2.87 6.51 -2.34
C MET A 91 2.74 8.02 -2.41
N THR A 92 2.06 8.50 -3.45
CA THR A 92 1.85 9.94 -3.63
C THR A 92 0.46 10.35 -3.20
N ALA A 93 -0.24 9.44 -2.52
CA ALA A 93 -1.59 9.71 -2.07
C ALA A 93 -1.60 10.93 -1.16
N LYS A 94 -2.66 11.74 -1.28
CA LYS A 94 -2.79 12.94 -0.45
C LYS A 94 -4.23 13.13 -0.01
CA CA B . 7.81 -8.63 -7.05
CA CA C . -3.89 -3.13 -7.38
N GLY A 2 -16.91 13.44 21.03
CA GLY A 2 -16.00 13.87 22.11
C GLY A 2 -14.59 13.33 21.86
N SER A 3 -14.25 12.24 22.55
CA SER A 3 -12.94 11.63 22.39
C SER A 3 -12.75 11.13 20.96
N HIS A 4 -11.61 10.50 20.70
CA HIS A 4 -11.32 9.97 19.38
C HIS A 4 -12.40 8.98 18.94
N HIS A 5 -12.80 8.11 19.86
CA HIS A 5 -13.83 7.12 19.56
C HIS A 5 -15.23 7.72 19.74
N HIS A 6 -16.10 7.46 18.77
CA HIS A 6 -17.46 7.98 18.84
C HIS A 6 -18.42 7.04 18.13
N HIS A 7 -19.72 7.20 18.41
CA HIS A 7 -20.73 6.35 17.79
C HIS A 7 -22.13 6.90 18.08
N HIS A 8 -22.35 8.16 17.73
CA HIS A 8 -23.64 8.79 17.96
C HIS A 8 -24.65 8.35 16.92
N HIS A 9 -24.94 9.23 15.96
CA HIS A 9 -25.90 8.92 14.91
C HIS A 9 -25.36 7.80 14.03
N GLY A 10 -24.07 7.82 13.77
CA GLY A 10 -23.44 6.80 12.93
C GLY A 10 -22.06 7.23 12.46
N SER A 11 -21.68 6.81 11.26
CA SER A 11 -20.39 7.17 10.71
C SER A 11 -20.41 7.10 9.18
N SER A 12 -19.44 7.75 8.55
CA SER A 12 -19.37 7.75 7.09
C SER A 12 -18.18 6.94 6.61
N GLY A 13 -18.37 6.18 5.54
CA GLY A 13 -17.29 5.35 5.00
C GLY A 13 -16.11 6.21 4.59
N GLU A 14 -14.94 5.90 5.15
CA GLU A 14 -13.74 6.66 4.84
C GLU A 14 -13.05 6.09 3.60
N ASN A 15 -13.77 6.09 2.48
CA ASN A 15 -13.23 5.57 1.22
C ASN A 15 -12.04 6.42 0.77
N LEU A 16 -12.12 7.73 0.99
CA LEU A 16 -11.05 8.63 0.59
C LEU A 16 -9.77 8.28 1.34
N TYR A 17 -9.90 7.91 2.60
CA TYR A 17 -8.74 7.56 3.42
C TYR A 17 -7.95 6.43 2.77
N PHE A 18 -8.67 5.44 2.25
CA PHE A 18 -8.03 4.30 1.59
C PHE A 18 -7.19 4.77 0.42
N GLN A 19 -7.74 5.67 -0.38
CA GLN A 19 -7.03 6.20 -1.54
C GLN A 19 -5.78 6.97 -1.12
N SER A 20 -5.82 7.54 0.08
CA SER A 20 -4.70 8.30 0.60
C SER A 20 -3.45 7.41 0.69
N LEU A 21 -3.66 6.15 1.08
CA LEU A 21 -2.56 5.21 1.20
C LEU A 21 -1.92 4.95 -0.16
N MET A 22 -2.75 4.86 -1.19
CA MET A 22 -2.26 4.60 -2.53
C MET A 22 -1.69 5.88 -3.15
N LYS A 23 -1.94 7.00 -2.50
CA LYS A 23 -1.45 8.28 -3.00
C LYS A 23 -1.03 9.18 -1.84
N ASP A 24 0.27 9.48 -1.77
CA ASP A 24 0.79 10.33 -0.72
C ASP A 24 1.53 11.53 -1.31
N THR A 25 2.11 12.35 -0.45
CA THR A 25 2.84 13.54 -0.90
C THR A 25 3.94 13.89 0.10
N ASP A 26 4.88 14.72 -0.35
CA ASP A 26 5.98 15.15 0.52
C ASP A 26 6.76 13.94 1.03
N SER A 27 6.94 12.94 0.17
CA SER A 27 7.67 11.74 0.55
C SER A 27 8.20 11.02 -0.69
N GLU A 28 8.17 11.71 -1.83
CA GLU A 28 8.63 11.12 -3.08
C GLU A 28 10.00 10.47 -2.88
N GLU A 29 10.85 11.10 -2.08
CA GLU A 29 12.18 10.57 -1.83
C GLU A 29 12.10 9.29 -0.99
N GLU A 30 11.19 9.30 -0.02
CA GLU A 30 11.04 8.13 0.85
C GLU A 30 10.59 6.91 0.05
N ILE A 31 9.73 7.13 -0.94
CA ILE A 31 9.23 6.05 -1.75
C ILE A 31 10.37 5.36 -2.49
N ARG A 32 11.26 6.16 -3.07
CA ARG A 32 12.40 5.62 -3.80
C ARG A 32 13.27 4.77 -2.88
N GLU A 33 13.54 5.27 -1.69
CA GLU A 33 14.35 4.53 -0.71
C GLU A 33 13.58 3.33 -0.19
N ALA A 34 12.27 3.50 0.00
CA ALA A 34 11.44 2.42 0.51
C ALA A 34 11.53 1.20 -0.41
N PHE A 35 11.52 1.45 -1.71
CA PHE A 35 11.59 0.35 -2.68
C PHE A 35 12.85 -0.48 -2.43
N ARG A 36 13.97 0.19 -2.24
CA ARG A 36 15.23 -0.50 -1.99
C ARG A 36 15.18 -1.26 -0.68
N VAL A 37 14.67 -0.60 0.37
CA VAL A 37 14.56 -1.24 1.67
C VAL A 37 13.65 -2.46 1.60
N GLU A 38 12.55 -2.33 0.85
CA GLU A 38 11.60 -3.44 0.72
C GLU A 38 12.20 -4.56 -0.10
N ASP A 39 13.16 -4.23 -0.96
CA ASP A 39 13.81 -5.23 -1.79
C ASP A 39 15.02 -5.83 -1.07
N LYS A 40 14.77 -6.54 0.01
CA LYS A 40 15.85 -7.16 0.77
C LYS A 40 16.62 -8.16 -0.08
N ASP A 41 15.87 -8.94 -0.86
CA ASP A 41 16.49 -9.96 -1.71
C ASP A 41 17.10 -9.32 -2.96
N GLY A 42 16.91 -8.02 -3.11
CA GLY A 42 17.45 -7.30 -4.25
C GLY A 42 16.94 -7.89 -5.56
N ASN A 43 15.81 -8.60 -5.48
CA ASN A 43 15.23 -9.20 -6.66
C ASN A 43 14.72 -8.14 -7.63
N GLY A 44 14.54 -6.92 -7.12
CA GLY A 44 14.06 -5.82 -7.93
C GLY A 44 12.54 -5.82 -8.00
N TYR A 45 11.92 -6.75 -7.28
CA TYR A 45 10.46 -6.84 -7.25
C TYR A 45 9.96 -6.92 -5.82
N ILE A 46 8.70 -6.52 -5.61
CA ILE A 46 8.10 -6.55 -4.28
C ILE A 46 7.11 -7.69 -4.16
N SER A 47 7.37 -8.61 -3.25
CA SER A 47 6.46 -9.75 -3.03
C SER A 47 5.53 -9.48 -1.85
N ALA A 48 4.68 -10.46 -1.56
CA ALA A 48 3.75 -10.32 -0.45
C ALA A 48 4.50 -10.12 0.87
N ALA A 49 5.54 -10.92 1.08
CA ALA A 49 6.33 -10.81 2.29
C ALA A 49 6.81 -9.37 2.50
N GLU A 50 7.30 -8.76 1.43
CA GLU A 50 7.78 -7.38 1.50
C GLU A 50 6.59 -6.42 1.64
N LEU A 51 5.49 -6.74 0.98
CA LEU A 51 4.31 -5.90 1.04
C LEU A 51 3.75 -5.84 2.45
N ARG A 52 3.92 -6.95 3.19
CA ARG A 52 3.43 -7.02 4.56
C ARG A 52 4.25 -6.15 5.49
N HIS A 53 5.54 -6.07 5.23
CA HIS A 53 6.44 -5.27 6.06
C HIS A 53 5.95 -3.83 6.13
N VAL A 54 5.48 -3.31 5.01
CA VAL A 54 4.99 -1.94 4.96
C VAL A 54 3.76 -1.79 5.85
N MET A 55 2.83 -2.73 5.75
CA MET A 55 1.61 -2.68 6.54
C MET A 55 1.94 -2.78 8.04
N THR A 56 2.92 -3.61 8.37
CA THR A 56 3.31 -3.79 9.76
C THR A 56 3.86 -2.48 10.33
N ASN A 57 4.50 -1.70 9.48
CA ASN A 57 5.07 -0.42 9.91
C ASN A 57 3.95 0.53 10.35
N LEU A 58 2.85 0.54 9.60
CA LEU A 58 1.73 1.40 9.93
C LEU A 58 1.01 0.89 11.17
N GLY A 59 1.08 -0.42 11.40
CA GLY A 59 0.43 -1.02 12.56
C GLY A 59 -0.82 -1.79 12.14
N GLU A 60 -1.22 -1.61 10.89
CA GLU A 60 -2.40 -2.31 10.38
C GLU A 60 -2.12 -3.80 10.22
N LYS A 61 -3.09 -4.63 10.60
CA LYS A 61 -2.93 -6.07 10.48
C LYS A 61 -4.02 -6.66 9.58
N LEU A 62 -3.61 -7.18 8.43
CA LEU A 62 -4.55 -7.76 7.49
C LEU A 62 -4.30 -9.26 7.35
N THR A 63 -5.32 -9.99 6.93
CA THR A 63 -5.21 -11.43 6.75
C THR A 63 -4.44 -11.75 5.47
N ASP A 64 -4.06 -13.02 5.32
CA ASP A 64 -3.31 -13.45 4.15
C ASP A 64 -4.14 -13.27 2.88
N GLU A 65 -5.43 -13.57 2.98
CA GLU A 65 -6.34 -13.45 1.85
C GLU A 65 -6.49 -11.98 1.46
N GLU A 66 -6.51 -11.10 2.46
CA GLU A 66 -6.66 -9.67 2.20
C GLU A 66 -5.46 -9.13 1.42
N VAL A 67 -4.27 -9.66 1.74
CA VAL A 67 -3.06 -9.23 1.05
C VAL A 67 -3.15 -9.53 -0.44
N ASP A 68 -3.61 -10.73 -0.77
CA ASP A 68 -3.73 -11.12 -2.16
C ASP A 68 -4.67 -10.18 -2.91
N GLU A 69 -5.83 -9.94 -2.32
CA GLU A 69 -6.82 -9.06 -2.95
C GLU A 69 -6.24 -7.67 -3.16
N MET A 70 -5.49 -7.18 -2.18
CA MET A 70 -4.89 -5.86 -2.27
C MET A 70 -3.89 -5.82 -3.43
N ILE A 71 -3.09 -6.88 -3.56
CA ILE A 71 -2.11 -6.95 -4.64
C ILE A 71 -2.80 -7.07 -5.99
N ARG A 72 -3.80 -7.95 -6.05
CA ARG A 72 -4.51 -8.19 -7.31
C ARG A 72 -5.22 -6.94 -7.78
N GLU A 73 -5.96 -6.31 -6.88
CA GLU A 73 -6.72 -5.10 -7.22
C GLU A 73 -5.77 -3.95 -7.53
N ALA A 74 -4.64 -3.92 -6.84
CA ALA A 74 -3.67 -2.85 -7.03
C ALA A 74 -2.79 -3.13 -8.24
N ASP A 75 -2.61 -4.42 -8.53
CA ASP A 75 -1.78 -4.82 -9.67
C ASP A 75 -2.48 -4.47 -10.98
N ILE A 76 -1.91 -3.51 -11.70
CA ILE A 76 -2.48 -3.08 -12.96
C ILE A 76 -2.37 -4.17 -14.02
N ASP A 77 -1.20 -4.78 -14.10
CA ASP A 77 -0.96 -5.83 -15.10
C ASP A 77 -1.28 -7.20 -14.53
N GLY A 78 -1.89 -7.22 -13.34
CA GLY A 78 -2.27 -8.48 -12.71
C GLY A 78 -1.16 -9.52 -12.87
N ASP A 79 0.09 -9.06 -12.80
CA ASP A 79 1.23 -9.97 -12.94
C ASP A 79 1.53 -10.64 -11.60
N GLY A 80 0.76 -10.30 -10.57
CA GLY A 80 0.95 -10.88 -9.25
C GLY A 80 2.18 -10.30 -8.57
N GLN A 81 2.97 -9.54 -9.33
CA GLN A 81 4.18 -8.93 -8.78
C GLN A 81 4.24 -7.46 -9.16
N VAL A 82 4.77 -6.64 -8.25
CA VAL A 82 4.88 -5.21 -8.49
C VAL A 82 6.30 -4.85 -8.92
N ASN A 83 6.43 -4.27 -10.10
CA ASN A 83 7.74 -3.88 -10.61
C ASN A 83 8.01 -2.41 -10.31
N TYR A 84 9.23 -1.97 -10.58
CA TYR A 84 9.61 -0.59 -10.33
C TYR A 84 8.78 0.36 -11.20
N GLU A 85 8.60 -0.01 -12.46
CA GLU A 85 7.84 0.82 -13.40
C GLU A 85 6.40 0.95 -12.94
N GLU A 86 5.80 -0.18 -12.55
CA GLU A 86 4.42 -0.18 -12.10
C GLU A 86 4.31 0.40 -10.70
N PHE A 87 5.31 0.12 -9.87
CA PHE A 87 5.33 0.62 -8.50
C PHE A 87 5.32 2.14 -8.48
N VAL A 88 6.23 2.74 -9.25
CA VAL A 88 6.32 4.20 -9.29
C VAL A 88 5.02 4.80 -9.80
N GLN A 89 4.52 4.26 -10.90
CA GLN A 89 3.27 4.74 -11.50
C GLN A 89 2.08 4.46 -10.60
N MET A 90 1.99 3.21 -10.14
CA MET A 90 0.89 2.82 -9.25
C MET A 90 0.89 3.69 -7.99
N MET A 91 2.07 4.13 -7.59
CA MET A 91 2.18 4.97 -6.40
C MET A 91 1.51 6.32 -6.62
N THR A 92 1.79 6.93 -7.76
CA THR A 92 1.23 8.24 -8.08
C THR A 92 -0.01 8.09 -8.97
N ALA A 93 -0.44 6.84 -9.16
CA ALA A 93 -1.61 6.58 -9.99
C ALA A 93 -2.87 7.08 -9.31
N LYS A 94 -3.80 7.61 -10.10
CA LYS A 94 -5.05 8.13 -9.56
C LYS A 94 -6.15 7.07 -9.66
CA CA B . 12.42 -8.02 -3.15
CA CA C . 2.23 -5.65 -11.64
N GLY A 2 -8.36 26.56 1.38
CA GLY A 2 -7.98 26.39 2.81
C GLY A 2 -9.10 25.70 3.57
N SER A 3 -8.74 24.99 4.64
CA SER A 3 -9.73 24.28 5.44
C SER A 3 -10.59 23.38 4.56
N HIS A 4 -9.98 22.35 4.01
CA HIS A 4 -10.70 21.42 3.14
C HIS A 4 -11.50 20.42 3.97
N HIS A 5 -12.78 20.26 3.63
CA HIS A 5 -13.65 19.34 4.36
C HIS A 5 -14.70 18.75 3.42
N HIS A 6 -14.25 18.11 2.35
CA HIS A 6 -15.17 17.51 1.39
C HIS A 6 -15.64 16.15 1.88
N HIS A 7 -14.72 15.20 1.97
CA HIS A 7 -15.06 13.85 2.42
C HIS A 7 -14.80 13.70 3.91
N HIS A 8 -14.32 14.77 4.54
CA HIS A 8 -14.04 14.74 5.97
C HIS A 8 -15.33 14.61 6.77
N HIS A 9 -15.43 13.55 7.55
CA HIS A 9 -16.63 13.31 8.36
C HIS A 9 -16.30 12.38 9.53
N GLY A 10 -15.02 12.24 9.83
CA GLY A 10 -14.59 11.38 10.93
C GLY A 10 -14.45 9.93 10.46
N SER A 11 -14.66 9.72 9.17
CA SER A 11 -14.55 8.37 8.61
C SER A 11 -15.43 7.39 9.38
N SER A 12 -16.73 7.45 9.12
CA SER A 12 -17.67 6.56 9.81
C SER A 12 -17.53 5.13 9.30
N GLY A 13 -17.73 4.16 10.19
CA GLY A 13 -17.62 2.76 9.83
C GLY A 13 -16.17 2.29 9.89
N GLU A 14 -15.97 1.00 10.13
CA GLU A 14 -14.62 0.44 10.21
C GLU A 14 -14.11 0.07 8.83
N ASN A 15 -15.03 -0.04 7.87
CA ASN A 15 -14.66 -0.38 6.50
C ASN A 15 -13.79 0.71 5.90
N LEU A 16 -14.11 1.95 6.21
CA LEU A 16 -13.35 3.08 5.69
C LEU A 16 -11.91 3.04 6.16
N TYR A 17 -11.72 2.56 7.39
CA TYR A 17 -10.38 2.49 7.96
C TYR A 17 -9.48 1.63 7.06
N PHE A 18 -9.97 0.46 6.68
CA PHE A 18 -9.19 -0.44 5.83
C PHE A 18 -8.97 0.20 4.46
N GLN A 19 -10.00 0.84 3.93
CA GLN A 19 -9.91 1.48 2.62
C GLN A 19 -8.98 2.68 2.68
N SER A 20 -8.86 3.28 3.85
CA SER A 20 -8.00 4.44 4.03
C SER A 20 -6.57 4.11 3.63
N LEU A 21 -6.18 2.86 3.84
CA LEU A 21 -4.83 2.42 3.51
C LEU A 21 -4.57 2.59 2.02
N MET A 22 -5.55 2.24 1.20
CA MET A 22 -5.42 2.36 -0.24
C MET A 22 -5.37 3.83 -0.67
N LYS A 23 -5.61 4.71 0.29
CA LYS A 23 -5.59 6.16 0.01
C LYS A 23 -4.32 6.78 0.59
N ASP A 24 -4.31 8.11 0.67
CA ASP A 24 -3.17 8.82 1.19
C ASP A 24 -2.01 8.79 0.19
N THR A 25 -1.60 9.97 -0.27
CA THR A 25 -0.50 10.06 -1.23
C THR A 25 0.25 11.37 -1.05
N ASP A 26 1.57 11.33 -1.27
CA ASP A 26 2.39 12.53 -1.14
C ASP A 26 2.63 13.16 -2.51
N SER A 27 3.32 12.45 -3.38
CA SER A 27 3.60 12.94 -4.72
C SER A 27 3.78 11.79 -5.69
N GLU A 28 3.21 11.92 -6.89
CA GLU A 28 3.30 10.88 -7.90
C GLU A 28 4.76 10.50 -8.14
N GLU A 29 5.62 11.51 -8.17
CA GLU A 29 7.04 11.26 -8.41
C GLU A 29 7.67 10.48 -7.25
N GLU A 30 7.34 10.89 -6.03
CA GLU A 30 7.87 10.22 -4.85
C GLU A 30 7.43 8.76 -4.82
N ILE A 31 6.19 8.52 -5.20
CA ILE A 31 5.65 7.16 -5.21
C ILE A 31 6.42 6.30 -6.21
N ARG A 32 6.69 6.85 -7.39
CA ARG A 32 7.40 6.11 -8.42
C ARG A 32 8.79 5.72 -7.93
N GLU A 33 9.47 6.66 -7.30
CA GLU A 33 10.81 6.41 -6.78
C GLU A 33 10.76 5.41 -5.62
N ALA A 34 9.74 5.56 -4.77
CA ALA A 34 9.59 4.67 -3.62
C ALA A 34 9.50 3.22 -4.08
N PHE A 35 8.81 2.99 -5.19
CA PHE A 35 8.67 1.64 -5.73
C PHE A 35 10.03 1.06 -6.07
N ARG A 36 10.85 1.83 -6.77
CA ARG A 36 12.17 1.38 -7.17
C ARG A 36 13.04 1.14 -5.94
N VAL A 37 13.03 2.10 -5.02
CA VAL A 37 13.83 1.99 -3.81
C VAL A 37 13.41 0.76 -3.01
N GLU A 38 12.11 0.53 -2.93
CA GLU A 38 11.59 -0.61 -2.18
C GLU A 38 11.90 -1.91 -2.93
N ASP A 39 12.19 -1.80 -4.22
CA ASP A 39 12.50 -2.97 -5.03
C ASP A 39 14.00 -3.24 -5.02
N LYS A 40 14.48 -3.84 -3.94
CA LYS A 40 15.90 -4.15 -3.81
C LYS A 40 16.34 -5.08 -4.93
N ASP A 41 15.48 -6.05 -5.28
CA ASP A 41 15.80 -7.00 -6.32
C ASP A 41 15.61 -6.37 -7.69
N GLY A 42 15.15 -5.12 -7.71
CA GLY A 42 14.93 -4.42 -8.96
C GLY A 42 14.25 -5.31 -9.98
N ASN A 43 13.59 -6.36 -9.50
CA ASN A 43 12.89 -7.30 -10.38
C ASN A 43 11.60 -6.67 -10.89
N GLY A 44 11.17 -5.59 -10.24
CA GLY A 44 9.94 -4.90 -10.63
C GLY A 44 8.74 -5.49 -9.90
N TYR A 45 9.00 -6.25 -8.84
CA TYR A 45 7.93 -6.87 -8.07
C TYR A 45 8.22 -6.77 -6.58
N ILE A 46 7.17 -6.56 -5.78
CA ILE A 46 7.33 -6.44 -4.34
C ILE A 46 6.83 -7.71 -3.65
N SER A 47 7.76 -8.42 -3.01
CA SER A 47 7.42 -9.66 -2.31
C SER A 47 7.23 -9.40 -0.81
N ALA A 48 6.91 -10.45 -0.07
CA ALA A 48 6.71 -10.33 1.36
C ALA A 48 7.94 -9.71 2.03
N ALA A 49 9.11 -10.22 1.69
CA ALA A 49 10.36 -9.72 2.26
C ALA A 49 10.45 -8.21 2.09
N GLU A 50 10.14 -7.73 0.90
CA GLU A 50 10.18 -6.30 0.61
C GLU A 50 9.04 -5.60 1.34
N LEU A 51 7.91 -6.28 1.46
CA LEU A 51 6.75 -5.72 2.12
C LEU A 51 7.05 -5.47 3.60
N ARG A 52 7.91 -6.30 4.15
CA ARG A 52 8.28 -6.16 5.56
C ARG A 52 9.01 -4.86 5.81
N HIS A 53 9.86 -4.47 4.87
CA HIS A 53 10.64 -3.23 5.01
C HIS A 53 9.71 -2.05 5.25
N VAL A 54 8.59 -2.01 4.52
CA VAL A 54 7.64 -0.93 4.68
C VAL A 54 7.06 -0.92 6.09
N MET A 55 6.68 -2.10 6.57
CA MET A 55 6.11 -2.21 7.92
C MET A 55 7.13 -1.81 8.97
N THR A 56 8.38 -2.22 8.78
CA THR A 56 9.44 -1.89 9.72
C THR A 56 9.64 -0.38 9.78
N ASN A 57 9.52 0.28 8.64
CA ASN A 57 9.68 1.73 8.58
C ASN A 57 8.59 2.42 9.38
N LEU A 58 7.37 1.89 9.31
CA LEU A 58 6.25 2.46 10.03
C LEU A 58 6.38 2.21 11.52
N GLY A 59 7.09 1.15 11.87
CA GLY A 59 7.29 0.80 13.28
C GLY A 59 6.26 -0.21 13.75
N GLU A 60 5.26 -0.46 12.90
CA GLU A 60 4.20 -1.41 13.24
C GLU A 60 4.74 -2.83 13.13
N LYS A 61 4.30 -3.70 14.05
CA LYS A 61 4.73 -5.10 14.05
C LYS A 61 3.59 -6.02 13.67
N LEU A 62 3.66 -6.56 12.45
CA LEU A 62 2.61 -7.46 11.95
C LEU A 62 3.18 -8.85 11.75
N THR A 63 2.30 -9.85 11.82
CA THR A 63 2.72 -11.24 11.65
C THR A 63 2.83 -11.57 10.18
N ASP A 64 3.45 -12.71 9.88
CA ASP A 64 3.62 -13.14 8.50
C ASP A 64 2.27 -13.37 7.83
N GLU A 65 1.32 -13.91 8.60
CA GLU A 65 -0.01 -14.18 8.07
C GLU A 65 -0.71 -12.87 7.71
N GLU A 66 -0.51 -11.85 8.54
CA GLU A 66 -1.13 -10.56 8.30
C GLU A 66 -0.61 -9.95 7.00
N VAL A 67 0.68 -10.11 6.76
CA VAL A 67 1.29 -9.58 5.55
C VAL A 67 0.70 -10.25 4.31
N ASP A 68 0.56 -11.56 4.36
CA ASP A 68 0.01 -12.31 3.24
C ASP A 68 -1.39 -11.81 2.91
N GLU A 69 -2.20 -11.62 3.95
CA GLU A 69 -3.57 -11.15 3.77
C GLU A 69 -3.57 -9.75 3.17
N MET A 70 -2.64 -8.92 3.62
CA MET A 70 -2.55 -7.55 3.12
C MET A 70 -2.28 -7.54 1.62
N ILE A 71 -1.34 -8.37 1.18
CA ILE A 71 -1.00 -8.43 -0.23
C ILE A 71 -2.18 -8.92 -1.05
N ARG A 72 -2.82 -9.99 -0.57
CA ARG A 72 -3.96 -10.54 -1.29
C ARG A 72 -5.07 -9.51 -1.44
N GLU A 73 -5.33 -8.76 -0.38
CA GLU A 73 -6.37 -7.74 -0.42
C GLU A 73 -5.99 -6.65 -1.41
N ALA A 74 -4.71 -6.35 -1.51
CA ALA A 74 -4.25 -5.31 -2.43
C ALA A 74 -4.01 -5.88 -3.82
N ASP A 75 -3.80 -7.21 -3.89
CA ASP A 75 -3.55 -7.86 -5.16
C ASP A 75 -4.84 -7.91 -5.99
N ILE A 76 -4.92 -7.06 -7.00
CA ILE A 76 -6.10 -6.99 -7.85
C ILE A 76 -6.22 -8.27 -8.69
N ASP A 77 -5.09 -8.70 -9.26
CA ASP A 77 -5.08 -9.90 -10.09
C ASP A 77 -4.76 -11.14 -9.27
N GLY A 78 -4.75 -10.98 -7.95
CA GLY A 78 -4.46 -12.10 -7.06
C GLY A 78 -3.30 -12.94 -7.61
N ASP A 79 -2.28 -12.27 -8.12
CA ASP A 79 -1.12 -12.96 -8.68
C ASP A 79 -0.13 -13.31 -7.58
N GLY A 80 -0.45 -12.93 -6.35
CA GLY A 80 0.42 -13.22 -5.22
C GLY A 80 1.57 -12.22 -5.14
N GLN A 81 1.66 -11.34 -6.14
CA GLN A 81 2.72 -10.34 -6.18
C GLN A 81 2.17 -9.00 -6.65
N VAL A 82 2.84 -7.92 -6.26
CA VAL A 82 2.39 -6.58 -6.66
C VAL A 82 3.11 -6.14 -7.93
N ASN A 83 2.32 -5.69 -8.90
CA ASN A 83 2.87 -5.24 -10.19
C ASN A 83 3.04 -3.73 -10.19
N TYR A 84 3.90 -3.23 -11.07
CA TYR A 84 4.14 -1.80 -11.15
C TYR A 84 2.84 -1.05 -11.43
N GLU A 85 2.14 -1.47 -12.49
CA GLU A 85 0.89 -0.83 -12.85
C GLU A 85 -0.10 -0.91 -11.70
N GLU A 86 -0.07 -2.01 -10.96
CA GLU A 86 -0.97 -2.19 -9.83
C GLU A 86 -0.52 -1.32 -8.66
N PHE A 87 0.80 -1.19 -8.48
CA PHE A 87 1.33 -0.38 -7.38
C PHE A 87 0.88 1.07 -7.51
N VAL A 88 1.04 1.64 -8.69
CA VAL A 88 0.66 3.02 -8.92
C VAL A 88 -0.82 3.20 -8.64
N GLN A 89 -1.65 2.29 -9.15
CA GLN A 89 -3.08 2.37 -8.92
C GLN A 89 -3.41 2.19 -7.45
N MET A 90 -2.77 1.20 -6.83
CA MET A 90 -3.00 0.93 -5.41
C MET A 90 -2.66 2.16 -4.58
N MET A 91 -1.69 2.94 -5.04
CA MET A 91 -1.28 4.15 -4.33
C MET A 91 -2.11 5.33 -4.78
N THR A 92 -2.54 5.32 -6.04
CA THR A 92 -3.34 6.41 -6.59
C THR A 92 -4.83 6.04 -6.60
N ALA A 93 -5.16 4.97 -5.89
CA ALA A 93 -6.55 4.52 -5.83
C ALA A 93 -7.43 5.60 -5.22
N LYS A 94 -8.64 5.72 -5.75
CA LYS A 94 -9.58 6.72 -5.24
C LYS A 94 -10.15 6.31 -3.89
CA CA B . 11.89 -7.42 -5.64
CA CA C . -0.82 -8.08 -8.50
N GLY A 2 -0.07 -0.31 28.04
CA GLY A 2 -0.77 0.27 29.22
C GLY A 2 -2.28 0.29 28.95
N SER A 3 -2.81 1.46 28.65
CA SER A 3 -4.23 1.61 28.38
C SER A 3 -4.62 0.80 27.14
N HIS A 4 -3.72 0.75 26.16
CA HIS A 4 -3.98 0.01 24.93
C HIS A 4 -5.34 0.39 24.36
N HIS A 5 -5.44 1.62 23.85
CA HIS A 5 -6.70 2.09 23.27
C HIS A 5 -7.04 1.30 22.01
N HIS A 6 -6.02 1.04 21.19
CA HIS A 6 -6.23 0.30 19.95
C HIS A 6 -7.32 0.96 19.11
N HIS A 7 -8.57 0.64 19.42
CA HIS A 7 -9.69 1.21 18.68
C HIS A 7 -10.04 2.60 19.22
N HIS A 8 -10.23 3.55 18.31
CA HIS A 8 -10.57 4.91 18.71
C HIS A 8 -11.29 5.63 17.57
N HIS A 9 -10.53 6.09 16.58
CA HIS A 9 -11.12 6.80 15.45
C HIS A 9 -11.71 5.81 14.45
N GLY A 10 -12.97 6.03 14.09
CA GLY A 10 -13.64 5.15 13.14
C GLY A 10 -13.22 5.48 11.71
N SER A 11 -14.12 6.11 10.96
CA SER A 11 -13.84 6.48 9.58
C SER A 11 -14.70 7.66 9.15
N SER A 12 -14.30 8.31 8.07
CA SER A 12 -15.05 9.46 7.56
C SER A 12 -14.74 9.69 6.08
N GLY A 13 -14.68 8.61 5.31
CA GLY A 13 -14.39 8.71 3.89
C GLY A 13 -14.76 7.43 3.17
N GLU A 14 -14.73 7.47 1.84
CA GLU A 14 -15.07 6.30 1.04
C GLU A 14 -14.12 6.16 -0.15
N ASN A 15 -14.54 6.67 -1.30
CA ASN A 15 -13.72 6.61 -2.51
C ASN A 15 -12.43 7.40 -2.31
N LEU A 16 -12.53 8.54 -1.66
CA LEU A 16 -11.36 9.38 -1.42
C LEU A 16 -10.36 8.66 -0.53
N TYR A 17 -10.86 7.83 0.36
CA TYR A 17 -10.00 7.08 1.27
C TYR A 17 -9.03 6.20 0.49
N PHE A 18 -9.56 5.48 -0.50
CA PHE A 18 -8.73 4.60 -1.32
C PHE A 18 -7.70 5.42 -2.11
N GLN A 19 -8.15 6.57 -2.61
CA GLN A 19 -7.26 7.44 -3.39
C GLN A 19 -6.11 7.94 -2.52
N SER A 20 -6.36 8.05 -1.22
CA SER A 20 -5.34 8.52 -0.28
C SER A 20 -4.12 7.61 -0.34
N LEU A 21 -4.34 6.32 -0.52
CA LEU A 21 -3.25 5.36 -0.59
C LEU A 21 -2.34 5.67 -1.77
N MET A 22 -2.95 6.02 -2.91
CA MET A 22 -2.19 6.33 -4.11
C MET A 22 -1.45 7.66 -3.94
N LYS A 23 -1.65 8.30 -2.80
CA LYS A 23 -1.00 9.58 -2.52
C LYS A 23 0.42 9.36 -2.02
N ASP A 24 1.32 10.27 -2.39
CA ASP A 24 2.72 10.17 -1.98
C ASP A 24 2.99 11.07 -0.79
N THR A 25 4.26 11.39 -0.56
CA THR A 25 4.64 12.25 0.55
C THR A 25 5.59 13.34 0.09
N ASP A 26 5.77 14.37 0.92
CA ASP A 26 6.65 15.47 0.58
C ASP A 26 8.09 14.98 0.42
N SER A 27 8.53 14.14 1.36
CA SER A 27 9.89 13.60 1.31
C SER A 27 9.95 12.40 0.38
N GLU A 28 10.24 12.66 -0.90
CA GLU A 28 10.33 11.59 -1.88
C GLU A 28 11.46 10.64 -1.52
N GLU A 29 12.50 11.17 -0.90
CA GLU A 29 13.64 10.33 -0.50
C GLU A 29 13.20 9.23 0.45
N GLU A 30 12.21 9.54 1.29
CA GLU A 30 11.71 8.57 2.25
C GLU A 30 10.99 7.43 1.52
N ILE A 31 10.34 7.75 0.43
CA ILE A 31 9.62 6.75 -0.34
C ILE A 31 10.57 5.69 -0.87
N ARG A 32 11.71 6.12 -1.37
CA ARG A 32 12.70 5.20 -1.91
C ARG A 32 13.10 4.16 -0.87
N GLU A 33 13.33 4.62 0.35
CA GLU A 33 13.71 3.72 1.44
C GLU A 33 12.55 2.79 1.80
N ALA A 34 11.33 3.33 1.72
CA ALA A 34 10.15 2.54 2.06
C ALA A 34 10.07 1.30 1.18
N PHE A 35 10.32 1.48 -0.12
CA PHE A 35 10.27 0.37 -1.07
C PHE A 35 11.29 -0.69 -0.69
N ARG A 36 12.50 -0.25 -0.35
CA ARG A 36 13.56 -1.18 0.01
C ARG A 36 13.14 -2.02 1.22
N VAL A 37 12.58 -1.36 2.22
CA VAL A 37 12.13 -2.05 3.43
C VAL A 37 10.99 -3.00 3.10
N GLU A 38 10.07 -2.53 2.25
CA GLU A 38 8.91 -3.34 1.87
C GLU A 38 9.34 -4.47 0.94
N ASP A 39 10.41 -4.26 0.20
CA ASP A 39 10.91 -5.28 -0.73
C ASP A 39 11.85 -6.24 0.00
N LYS A 40 11.27 -7.14 0.78
CA LYS A 40 12.06 -8.11 1.52
C LYS A 40 12.86 -8.99 0.57
N ASP A 41 12.23 -9.39 -0.53
CA ASP A 41 12.89 -10.24 -1.51
C ASP A 41 13.82 -9.41 -2.39
N GLY A 42 13.84 -8.09 -2.16
CA GLY A 42 14.69 -7.20 -2.93
C GLY A 42 14.65 -7.56 -4.41
N ASN A 43 13.61 -8.28 -4.81
CA ASN A 43 13.46 -8.68 -6.20
C ASN A 43 13.02 -7.49 -7.06
N GLY A 44 12.65 -6.40 -6.39
CA GLY A 44 12.21 -5.19 -7.10
C GLY A 44 10.71 -5.24 -7.34
N TYR A 45 10.03 -6.18 -6.70
CA TYR A 45 8.58 -6.32 -6.85
C TYR A 45 7.92 -6.49 -5.50
N ILE A 46 6.73 -5.89 -5.34
CA ILE A 46 5.99 -6.00 -4.08
C ILE A 46 4.83 -6.96 -4.24
N SER A 47 4.87 -8.06 -3.48
CA SER A 47 3.80 -9.05 -3.54
C SER A 47 2.76 -8.80 -2.47
N ALA A 48 1.74 -9.64 -2.42
CA ALA A 48 0.68 -9.49 -1.42
C ALA A 48 1.25 -9.60 -0.02
N ALA A 49 2.10 -10.59 0.20
CA ALA A 49 2.72 -10.81 1.51
C ALA A 49 3.39 -9.52 1.98
N GLU A 50 4.19 -8.91 1.11
CA GLU A 50 4.88 -7.67 1.46
C GLU A 50 3.88 -6.53 1.60
N LEU A 51 2.83 -6.56 0.78
CA LEU A 51 1.81 -5.53 0.83
C LEU A 51 1.03 -5.60 2.14
N ARG A 52 0.94 -6.81 2.70
CA ARG A 52 0.22 -7.01 3.94
C ARG A 52 0.96 -6.36 5.12
N HIS A 53 2.27 -6.53 5.14
CA HIS A 53 3.08 -5.96 6.21
C HIS A 53 2.86 -4.46 6.30
N VAL A 54 2.80 -3.80 5.16
CA VAL A 54 2.58 -2.36 5.13
C VAL A 54 1.23 -2.00 5.74
N MET A 55 0.20 -2.74 5.36
CA MET A 55 -1.15 -2.49 5.88
C MET A 55 -1.19 -2.74 7.39
N THR A 56 -0.51 -3.80 7.82
CA THR A 56 -0.49 -4.14 9.25
C THR A 56 0.16 -3.02 10.05
N ASN A 57 1.23 -2.45 9.51
CA ASN A 57 1.93 -1.36 10.18
C ASN A 57 1.02 -0.14 10.32
N LEU A 58 0.23 0.12 9.29
CA LEU A 58 -0.69 1.26 9.31
C LEU A 58 -1.89 0.96 10.18
N GLY A 59 -2.01 -0.30 10.60
CA GLY A 59 -3.13 -0.70 11.46
C GLY A 59 -4.28 -1.25 10.62
N GLU A 60 -4.25 -0.96 9.32
CA GLU A 60 -5.29 -1.42 8.42
C GLU A 60 -5.22 -2.93 8.23
N LYS A 61 -6.32 -3.61 8.50
CA LYS A 61 -6.36 -5.07 8.36
C LYS A 61 -7.45 -5.48 7.37
N LEU A 62 -7.03 -6.02 6.24
CA LEU A 62 -7.98 -6.46 5.21
C LEU A 62 -7.94 -7.97 5.05
N THR A 63 -8.97 -8.53 4.41
CA THR A 63 -9.03 -9.96 4.20
C THR A 63 -8.10 -10.38 3.06
N ASP A 64 -7.82 -11.67 2.98
CA ASP A 64 -6.94 -12.19 1.95
C ASP A 64 -7.52 -11.94 0.55
N GLU A 65 -8.84 -12.10 0.44
CA GLU A 65 -9.51 -11.88 -0.83
C GLU A 65 -9.48 -10.40 -1.21
N GLU A 66 -9.60 -9.53 -0.21
CA GLU A 66 -9.59 -8.10 -0.45
C GLU A 66 -8.24 -7.64 -0.98
N VAL A 67 -7.17 -8.18 -0.39
CA VAL A 67 -5.82 -7.83 -0.82
C VAL A 67 -5.61 -8.20 -2.29
N ASP A 68 -6.03 -9.40 -2.65
CA ASP A 68 -5.87 -9.87 -4.02
C ASP A 68 -6.58 -8.94 -4.99
N GLU A 69 -7.80 -8.54 -4.63
CA GLU A 69 -8.58 -7.65 -5.48
C GLU A 69 -7.94 -6.26 -5.53
N MET A 70 -7.43 -5.81 -4.40
CA MET A 70 -6.80 -4.50 -4.32
C MET A 70 -5.59 -4.42 -5.25
N ILE A 71 -4.79 -5.49 -5.26
CA ILE A 71 -3.61 -5.53 -6.10
C ILE A 71 -3.99 -5.46 -7.58
N ARG A 72 -5.00 -6.23 -7.96
CA ARG A 72 -5.45 -6.24 -9.35
C ARG A 72 -5.97 -4.88 -9.76
N GLU A 73 -6.76 -4.26 -8.87
CA GLU A 73 -7.31 -2.94 -9.15
C GLU A 73 -6.21 -1.88 -9.18
N ALA A 74 -5.27 -1.99 -8.24
CA ALA A 74 -4.17 -1.05 -8.17
C ALA A 74 -3.11 -1.35 -9.22
N ASP A 75 -3.03 -2.62 -9.61
CA ASP A 75 -2.05 -3.02 -10.61
C ASP A 75 -2.43 -2.48 -11.99
N ILE A 76 -1.70 -1.46 -12.43
CA ILE A 76 -1.95 -0.87 -13.74
C ILE A 76 -1.60 -1.85 -14.85
N ASP A 77 -0.48 -2.54 -14.70
CA ASP A 77 -0.03 -3.48 -15.71
C ASP A 77 -0.79 -4.80 -15.58
N GLY A 78 -1.73 -4.85 -14.64
CA GLY A 78 -2.53 -6.06 -14.44
C GLY A 78 -1.65 -7.30 -14.50
N ASP A 79 -0.37 -7.14 -14.21
CA ASP A 79 0.56 -8.26 -14.24
C ASP A 79 0.48 -9.07 -12.96
N GLY A 80 -0.36 -8.62 -12.04
CA GLY A 80 -0.54 -9.31 -10.77
C GLY A 80 0.56 -8.92 -9.79
N GLN A 81 1.49 -8.08 -10.24
CA GLN A 81 2.59 -7.64 -9.40
C GLN A 81 2.89 -6.16 -9.65
N VAL A 82 3.53 -5.52 -8.68
CA VAL A 82 3.87 -4.10 -8.80
C VAL A 82 5.36 -3.93 -9.05
N ASN A 83 5.70 -3.19 -10.10
CA ASN A 83 7.11 -2.95 -10.43
C ASN A 83 7.60 -1.66 -9.80
N TYR A 84 8.92 -1.44 -9.87
CA TYR A 84 9.50 -0.23 -9.28
C TYR A 84 8.91 1.01 -9.93
N GLU A 85 8.92 1.05 -11.27
CA GLU A 85 8.39 2.19 -12.00
C GLU A 85 6.89 2.35 -11.72
N GLU A 86 6.18 1.23 -11.63
CA GLU A 86 4.76 1.26 -11.36
C GLU A 86 4.49 1.73 -9.93
N PHE A 87 5.35 1.29 -9.01
CA PHE A 87 5.19 1.67 -7.60
C PHE A 87 5.26 3.19 -7.46
N VAL A 88 6.27 3.79 -8.09
CA VAL A 88 6.45 5.23 -7.99
C VAL A 88 5.21 5.95 -8.47
N GLN A 89 4.69 5.54 -9.62
CA GLN A 89 3.49 6.16 -10.17
C GLN A 89 2.28 5.87 -9.29
N MET A 90 2.16 4.62 -8.86
CA MET A 90 1.04 4.22 -8.02
C MET A 90 1.02 5.03 -6.72
N MET A 91 2.20 5.33 -6.20
CA MET A 91 2.30 6.10 -4.97
C MET A 91 2.06 7.58 -5.24
N THR A 92 2.38 8.01 -6.45
CA THR A 92 2.21 9.40 -6.84
C THR A 92 0.90 9.59 -7.60
N ALA A 93 0.27 8.49 -7.95
CA ALA A 93 -0.99 8.54 -8.69
C ALA A 93 -2.07 9.19 -7.85
N LYS A 94 -2.90 10.01 -8.49
CA LYS A 94 -3.98 10.69 -7.79
C LYS A 94 -5.31 10.02 -8.08
CA CA B . 9.75 -8.72 -2.88
CA CA C . 1.96 -4.00 -12.65
N GLY A 2 -5.16 26.82 12.83
CA GLY A 2 -6.29 25.87 12.65
C GLY A 2 -6.18 25.20 11.29
N SER A 3 -4.95 24.87 10.89
CA SER A 3 -4.72 24.22 9.59
C SER A 3 -4.98 22.73 9.70
N HIS A 4 -5.26 22.25 10.91
CA HIS A 4 -5.52 20.84 11.13
C HIS A 4 -6.85 20.44 10.49
N HIS A 5 -6.86 19.28 9.84
CA HIS A 5 -8.07 18.78 9.17
C HIS A 5 -8.58 17.52 9.87
N HIS A 6 -9.26 16.67 9.11
CA HIS A 6 -9.80 15.43 9.66
C HIS A 6 -10.49 15.70 11.00
N HIS A 7 -11.25 16.78 11.06
CA HIS A 7 -11.96 17.15 12.28
C HIS A 7 -13.05 16.13 12.59
N HIS A 8 -13.77 15.69 11.55
CA HIS A 8 -14.84 14.72 11.73
C HIS A 8 -14.29 13.31 11.60
N HIS A 9 -14.54 12.48 12.61
CA HIS A 9 -14.07 11.09 12.59
C HIS A 9 -15.13 10.18 11.99
N GLY A 10 -14.84 9.65 10.81
CA GLY A 10 -15.77 8.76 10.13
C GLY A 10 -15.59 7.32 10.61
N SER A 11 -15.06 6.48 9.73
CA SER A 11 -14.83 5.08 10.08
C SER A 11 -16.12 4.42 10.54
N SER A 12 -17.14 4.47 9.69
CA SER A 12 -18.44 3.87 10.01
C SER A 12 -18.47 2.40 9.59
N GLY A 13 -17.35 1.91 9.08
CA GLY A 13 -17.27 0.52 8.63
C GLY A 13 -17.66 0.39 7.17
N GLU A 14 -17.62 1.51 6.45
CA GLU A 14 -17.97 1.50 5.04
C GLU A 14 -16.88 0.82 4.22
N ASN A 15 -17.27 0.27 3.08
CA ASN A 15 -16.33 -0.42 2.20
C ASN A 15 -15.28 0.56 1.67
N LEU A 16 -15.70 1.80 1.47
CA LEU A 16 -14.81 2.83 0.95
C LEU A 16 -13.63 3.03 1.90
N TYR A 17 -13.79 2.57 3.13
CA TYR A 17 -12.74 2.71 4.12
C TYR A 17 -11.46 2.02 3.64
N PHE A 18 -11.61 0.80 3.14
CA PHE A 18 -10.45 0.04 2.66
C PHE A 18 -9.81 0.74 1.47
N GLN A 19 -10.66 1.30 0.60
CA GLN A 19 -10.17 1.99 -0.59
C GLN A 19 -9.35 3.22 -0.19
N SER A 20 -9.63 3.74 1.00
CA SER A 20 -8.91 4.92 1.48
C SER A 20 -7.41 4.65 1.53
N LEU A 21 -7.05 3.41 1.79
CA LEU A 21 -5.64 3.02 1.87
C LEU A 21 -4.96 3.23 0.53
N MET A 22 -5.65 2.85 -0.54
CA MET A 22 -5.09 2.99 -1.88
C MET A 22 -5.07 4.44 -2.30
N LYS A 23 -5.47 5.33 -1.38
CA LYS A 23 -5.50 6.77 -1.66
C LYS A 23 -4.51 7.50 -0.76
N ASP A 24 -4.66 8.83 -0.70
CA ASP A 24 -3.78 9.64 0.13
C ASP A 24 -2.40 9.76 -0.52
N THR A 25 -2.30 10.63 -1.52
CA THR A 25 -1.02 10.82 -2.21
C THR A 25 -0.93 12.26 -2.75
N ASP A 26 0.28 12.79 -2.77
CA ASP A 26 0.49 14.15 -3.26
C ASP A 26 1.94 14.34 -3.70
N SER A 27 2.59 13.25 -4.07
CA SER A 27 3.99 13.31 -4.51
C SER A 27 4.31 12.11 -5.40
N GLU A 28 3.95 12.21 -6.66
CA GLU A 28 4.21 11.13 -7.62
C GLU A 28 5.69 10.78 -7.63
N GLU A 29 6.53 11.79 -7.42
CA GLU A 29 7.98 11.57 -7.42
C GLU A 29 8.38 10.68 -6.26
N GLU A 30 7.73 10.86 -5.12
CA GLU A 30 8.04 10.06 -3.94
C GLU A 30 7.70 8.59 -4.18
N ILE A 31 6.66 8.36 -4.98
CA ILE A 31 6.24 6.99 -5.27
C ILE A 31 7.34 6.24 -6.02
N ARG A 32 7.94 6.91 -7.00
CA ARG A 32 9.01 6.28 -7.77
C ARG A 32 10.21 5.98 -6.88
N GLU A 33 10.61 6.96 -6.08
CA GLU A 33 11.74 6.78 -5.17
C GLU A 33 11.41 5.76 -4.09
N ALA A 34 10.20 5.86 -3.55
CA ALA A 34 9.78 4.95 -2.49
C ALA A 34 9.84 3.51 -2.98
N PHE A 35 9.44 3.29 -4.23
CA PHE A 35 9.46 1.96 -4.81
C PHE A 35 10.89 1.40 -4.82
N ARG A 36 11.84 2.22 -5.25
CA ARG A 36 13.23 1.79 -5.29
C ARG A 36 13.74 1.48 -3.88
N VAL A 37 13.44 2.37 -2.94
CA VAL A 37 13.86 2.19 -1.56
C VAL A 37 13.15 0.98 -0.94
N GLU A 38 11.87 0.82 -1.28
CA GLU A 38 11.08 -0.28 -0.74
C GLU A 38 11.54 -1.60 -1.37
N ASP A 39 12.13 -1.52 -2.55
CA ASP A 39 12.60 -2.72 -3.23
C ASP A 39 14.00 -3.08 -2.77
N LYS A 40 14.08 -3.82 -1.66
CA LYS A 40 15.37 -4.23 -1.12
C LYS A 40 16.14 -5.07 -2.12
N ASP A 41 15.44 -6.00 -2.76
CA ASP A 41 16.07 -6.88 -3.74
C ASP A 41 16.23 -6.15 -5.07
N GLY A 42 15.76 -4.90 -5.12
CA GLY A 42 15.85 -4.11 -6.34
C GLY A 42 15.50 -4.95 -7.57
N ASN A 43 14.77 -6.05 -7.33
CA ASN A 43 14.36 -6.92 -8.42
C ASN A 43 13.16 -6.33 -9.16
N GLY A 44 12.67 -5.20 -8.67
CA GLY A 44 11.53 -4.54 -9.28
C GLY A 44 10.22 -5.15 -8.80
N TYR A 45 10.28 -5.92 -7.72
CA TYR A 45 9.10 -6.56 -7.16
C TYR A 45 9.12 -6.50 -5.65
N ILE A 46 7.94 -6.37 -5.03
CA ILE A 46 7.83 -6.30 -3.57
C ILE A 46 7.21 -7.57 -3.03
N SER A 47 7.94 -8.26 -2.16
CA SER A 47 7.46 -9.50 -1.56
C SER A 47 6.90 -9.24 -0.16
N ALA A 48 6.43 -10.30 0.48
CA ALA A 48 5.87 -10.17 1.82
C ALA A 48 6.89 -9.57 2.78
N ALA A 49 8.12 -10.08 2.73
CA ALA A 49 9.17 -9.59 3.59
C ALA A 49 9.30 -8.08 3.47
N GLU A 50 9.36 -7.59 2.24
CA GLU A 50 9.47 -6.15 2.01
C GLU A 50 8.17 -5.46 2.43
N LEU A 51 7.05 -6.12 2.18
CA LEU A 51 5.76 -5.55 2.53
C LEU A 51 5.63 -5.44 4.06
N ARG A 52 6.29 -6.35 4.76
CA ARG A 52 6.22 -6.33 6.20
C ARG A 52 7.04 -5.18 6.77
N HIS A 53 8.25 -5.00 6.24
CA HIS A 53 9.13 -3.94 6.72
C HIS A 53 8.51 -2.56 6.49
N VAL A 54 7.95 -2.37 5.30
CA VAL A 54 7.33 -1.10 4.98
C VAL A 54 6.04 -0.91 5.77
N MET A 55 5.25 -1.97 5.86
CA MET A 55 3.97 -1.91 6.57
C MET A 55 4.19 -1.77 8.07
N THR A 56 5.05 -2.62 8.61
CA THR A 56 5.33 -2.59 10.05
C THR A 56 5.94 -1.24 10.44
N ASN A 57 6.70 -0.66 9.52
CA ASN A 57 7.33 0.63 9.77
C ASN A 57 6.27 1.71 10.00
N LEU A 58 5.11 1.51 9.39
CA LEU A 58 4.02 2.47 9.53
C LEU A 58 3.31 2.29 10.86
N GLY A 59 3.73 1.28 11.61
CA GLY A 59 3.13 1.01 12.91
C GLY A 59 1.94 0.07 12.79
N GLU A 60 2.15 -1.07 12.13
CA GLU A 60 1.08 -2.05 11.95
C GLU A 60 1.62 -3.46 12.07
N LYS A 61 1.01 -4.26 12.95
CA LYS A 61 1.45 -5.64 13.15
C LYS A 61 0.43 -6.60 12.59
N LEU A 62 0.75 -7.22 11.46
CA LEU A 62 -0.15 -8.17 10.80
C LEU A 62 0.49 -9.55 10.74
N THR A 63 -0.33 -10.57 10.58
CA THR A 63 0.16 -11.94 10.49
C THR A 63 0.64 -12.25 9.08
N ASP A 64 1.33 -13.37 8.92
CA ASP A 64 1.84 -13.77 7.62
C ASP A 64 0.69 -14.03 6.65
N GLU A 65 -0.37 -14.65 7.17
CA GLU A 65 -1.54 -14.96 6.33
C GLU A 65 -2.23 -13.67 5.90
N GLU A 66 -2.29 -12.70 6.80
CA GLU A 66 -2.94 -11.42 6.50
C GLU A 66 -2.18 -10.70 5.39
N VAL A 67 -0.87 -10.69 5.48
CA VAL A 67 -0.05 -10.01 4.48
C VAL A 67 -0.23 -10.66 3.11
N ASP A 68 -0.21 -11.98 3.09
CA ASP A 68 -0.37 -12.71 1.84
C ASP A 68 -1.73 -12.39 1.20
N GLU A 69 -2.77 -12.40 2.01
CA GLU A 69 -4.11 -12.11 1.51
C GLU A 69 -4.21 -10.66 1.08
N MET A 70 -3.59 -9.76 1.84
CA MET A 70 -3.63 -8.34 1.53
C MET A 70 -2.98 -8.09 0.16
N ILE A 71 -1.82 -8.67 -0.06
CA ILE A 71 -1.11 -8.51 -1.32
C ILE A 71 -1.93 -9.09 -2.47
N ARG A 72 -2.49 -10.28 -2.25
CA ARG A 72 -3.28 -10.94 -3.28
C ARG A 72 -4.50 -10.09 -3.64
N GLU A 73 -5.18 -9.57 -2.62
CA GLU A 73 -6.35 -8.74 -2.84
C GLU A 73 -5.95 -7.38 -3.43
N ALA A 74 -4.80 -6.86 -2.97
CA ALA A 74 -4.32 -5.58 -3.45
C ALA A 74 -3.83 -5.68 -4.89
N ASP A 75 -3.33 -6.86 -5.25
CA ASP A 75 -2.82 -7.08 -6.60
C ASP A 75 -3.97 -7.26 -7.58
N ILE A 76 -3.92 -6.50 -8.68
CA ILE A 76 -4.98 -6.57 -9.68
C ILE A 76 -4.97 -7.93 -10.38
N ASP A 77 -3.79 -8.39 -10.75
CA ASP A 77 -3.64 -9.67 -11.45
C ASP A 77 -3.47 -10.81 -10.45
N GLY A 78 -3.74 -10.52 -9.17
CA GLY A 78 -3.63 -11.54 -8.14
C GLY A 78 -2.38 -12.39 -8.35
N ASP A 79 -1.27 -11.74 -8.67
CA ASP A 79 -0.02 -12.45 -8.90
C ASP A 79 0.70 -12.71 -7.57
N GLY A 80 0.13 -12.20 -6.49
CA GLY A 80 0.71 -12.39 -5.17
C GLY A 80 1.90 -11.45 -4.98
N GLN A 81 2.26 -10.72 -6.03
CA GLN A 81 3.37 -9.79 -5.98
C GLN A 81 2.99 -8.46 -6.63
N VAL A 82 3.57 -7.37 -6.13
CA VAL A 82 3.28 -6.04 -6.67
C VAL A 82 4.47 -5.52 -7.45
N ASN A 83 4.24 -5.22 -8.72
CA ASN A 83 5.31 -4.70 -9.59
C ASN A 83 5.24 -3.17 -9.66
N TYR A 84 6.10 -2.59 -10.48
CA TYR A 84 6.14 -1.14 -10.62
C TYR A 84 4.80 -0.61 -11.15
N GLU A 85 4.29 -1.26 -12.18
CA GLU A 85 3.02 -0.85 -12.77
C GLU A 85 1.89 -0.94 -11.75
N GLU A 86 1.88 -2.03 -10.99
CA GLU A 86 0.85 -2.22 -9.97
C GLU A 86 1.08 -1.30 -8.79
N PHE A 87 2.35 -1.10 -8.43
CA PHE A 87 2.68 -0.23 -7.29
C PHE A 87 2.21 1.19 -7.57
N VAL A 88 2.58 1.73 -8.72
CA VAL A 88 2.19 3.10 -9.06
C VAL A 88 0.67 3.22 -9.08
N GLN A 89 0.01 2.28 -9.72
CA GLN A 89 -1.45 2.30 -9.79
C GLN A 89 -2.06 2.08 -8.40
N MET A 90 -1.52 1.13 -7.67
CA MET A 90 -2.02 0.83 -6.33
C MET A 90 -1.99 2.07 -5.45
N MET A 91 -0.98 2.90 -5.65
CA MET A 91 -0.85 4.14 -4.88
C MET A 91 -1.51 5.31 -5.61
N THR A 92 -1.48 5.27 -6.94
CA THR A 92 -2.07 6.33 -7.74
C THR A 92 -3.49 5.96 -8.14
N ALA A 93 -4.03 4.92 -7.53
CA ALA A 93 -5.37 4.47 -7.83
C ALA A 93 -6.38 5.58 -7.54
N LYS A 94 -7.42 5.67 -8.37
CA LYS A 94 -8.46 6.70 -8.20
C LYS A 94 -9.80 6.04 -7.91
CA CA B . 12.41 -7.13 -3.82
CA CA C . 1.07 -8.71 -10.10
N GLY A 2 -19.05 12.30 11.97
CA GLY A 2 -17.62 12.15 11.59
C GLY A 2 -16.98 11.04 12.41
N SER A 3 -17.07 11.17 13.73
CA SER A 3 -16.50 10.16 14.62
C SER A 3 -17.50 9.05 14.89
N HIS A 4 -17.20 7.85 14.41
CA HIS A 4 -18.09 6.71 14.60
C HIS A 4 -19.54 7.12 14.43
N HIS A 5 -20.01 7.09 13.18
CA HIS A 5 -21.39 7.48 12.89
C HIS A 5 -21.99 6.55 11.84
N HIS A 6 -21.67 5.27 11.95
CA HIS A 6 -22.20 4.28 11.00
C HIS A 6 -22.39 2.94 11.68
N HIS A 7 -22.09 2.88 12.97
CA HIS A 7 -22.23 1.64 13.73
C HIS A 7 -21.76 0.44 12.91
N HIS A 8 -20.60 0.59 12.30
CA HIS A 8 -20.04 -0.48 11.48
C HIS A 8 -21.02 -0.89 10.39
N HIS A 9 -21.07 -0.12 9.31
CA HIS A 9 -21.96 -0.42 8.20
C HIS A 9 -21.42 0.14 6.90
N GLY A 10 -21.41 -0.69 5.86
CA GLY A 10 -20.90 -0.27 4.56
C GLY A 10 -19.46 0.22 4.66
N SER A 11 -19.19 1.38 4.08
CA SER A 11 -17.86 1.95 4.12
C SER A 11 -17.53 2.47 5.51
N SER A 12 -16.27 2.35 5.91
CA SER A 12 -15.84 2.82 7.23
C SER A 12 -16.09 4.32 7.37
N GLY A 13 -15.78 5.06 6.31
CA GLY A 13 -15.97 6.51 6.33
C GLY A 13 -16.10 7.05 4.92
N GLU A 14 -14.95 7.29 4.27
CA GLU A 14 -14.96 7.82 2.90
C GLU A 14 -13.90 7.12 2.05
N ASN A 15 -14.11 7.11 0.74
CA ASN A 15 -13.18 6.47 -0.17
C ASN A 15 -11.82 7.17 -0.13
N LEU A 16 -11.85 8.48 0.02
CA LEU A 16 -10.62 9.26 0.07
C LEU A 16 -9.78 8.86 1.27
N TYR A 17 -10.44 8.53 2.36
CA TYR A 17 -9.74 8.14 3.58
C TYR A 17 -8.82 6.96 3.31
N PHE A 18 -9.33 5.97 2.60
CA PHE A 18 -8.54 4.79 2.27
C PHE A 18 -7.31 5.17 1.44
N GLN A 19 -7.52 6.04 0.46
CA GLN A 19 -6.44 6.49 -0.41
C GLN A 19 -5.40 7.27 0.40
N SER A 20 -5.84 7.86 1.49
CA SER A 20 -4.95 8.64 2.34
C SER A 20 -3.80 7.78 2.84
N LEU A 21 -4.07 6.50 3.05
CA LEU A 21 -3.06 5.58 3.52
C LEU A 21 -1.92 5.46 2.52
N MET A 22 -2.26 5.51 1.25
CA MET A 22 -1.26 5.40 0.19
C MET A 22 -0.29 6.57 0.26
N LYS A 23 -0.56 7.51 1.16
CA LYS A 23 0.30 8.68 1.32
C LYS A 23 1.63 8.27 1.94
N ASP A 24 2.70 8.35 1.14
CA ASP A 24 4.03 7.99 1.61
C ASP A 24 5.09 8.59 0.71
N THR A 25 5.68 9.70 1.14
CA THR A 25 6.73 10.35 0.35
C THR A 25 7.68 11.12 1.27
N ASP A 26 8.89 11.37 0.78
CA ASP A 26 9.89 12.09 1.55
C ASP A 26 11.05 12.54 0.65
N SER A 27 11.42 11.68 -0.30
CA SER A 27 12.50 12.01 -1.22
C SER A 27 12.45 11.09 -2.44
N GLU A 28 12.40 11.68 -3.61
CA GLU A 28 12.35 10.91 -4.85
C GLU A 28 13.47 9.87 -4.87
N GLU A 29 14.66 10.29 -4.49
CA GLU A 29 15.81 9.38 -4.47
C GLU A 29 15.59 8.26 -3.46
N GLU A 30 15.05 8.60 -2.30
CA GLU A 30 14.79 7.61 -1.26
C GLU A 30 13.79 6.58 -1.75
N ILE A 31 12.78 7.03 -2.49
CA ILE A 31 11.76 6.13 -3.01
C ILE A 31 12.38 5.13 -3.99
N ARG A 32 13.23 5.63 -4.88
CA ARG A 32 13.86 4.78 -5.87
C ARG A 32 14.66 3.67 -5.19
N GLU A 33 15.42 4.05 -4.16
CA GLU A 33 16.22 3.08 -3.42
C GLU A 33 15.31 2.12 -2.66
N ALA A 34 14.21 2.64 -2.12
CA ALA A 34 13.28 1.81 -1.36
C ALA A 34 12.77 0.67 -2.21
N PHE A 35 12.40 0.97 -3.44
CA PHE A 35 11.90 -0.06 -4.36
C PHE A 35 12.91 -1.19 -4.51
N ARG A 36 14.18 -0.81 -4.70
CA ARG A 36 15.24 -1.80 -4.87
C ARG A 36 15.36 -2.68 -3.63
N VAL A 37 15.33 -2.05 -2.47
CA VAL A 37 15.44 -2.78 -1.20
C VAL A 37 14.28 -3.76 -1.06
N GLU A 38 13.09 -3.32 -1.44
CA GLU A 38 11.91 -4.16 -1.32
C GLU A 38 11.96 -5.29 -2.33
N ASP A 39 12.70 -5.08 -3.43
CA ASP A 39 12.83 -6.11 -4.46
C ASP A 39 14.02 -7.02 -4.17
N LYS A 40 13.90 -7.82 -3.13
CA LYS A 40 14.97 -8.74 -2.75
C LYS A 40 15.24 -9.75 -3.87
N ASP A 41 14.17 -10.26 -4.47
CA ASP A 41 14.30 -11.25 -5.53
C ASP A 41 14.63 -10.56 -6.85
N GLY A 42 14.69 -9.23 -6.81
CA GLY A 42 15.01 -8.46 -8.02
C GLY A 42 14.01 -8.76 -9.13
N ASN A 43 12.84 -9.26 -8.75
CA ASN A 43 11.80 -9.57 -9.72
C ASN A 43 11.24 -8.30 -10.33
N GLY A 44 11.35 -7.19 -9.60
CA GLY A 44 10.85 -5.91 -10.09
C GLY A 44 9.38 -5.72 -9.72
N TYR A 45 8.93 -6.46 -8.72
CA TYR A 45 7.54 -6.38 -8.28
C TYR A 45 7.44 -6.59 -6.78
N ILE A 46 6.45 -5.95 -6.15
CA ILE A 46 6.26 -6.09 -4.71
C ILE A 46 5.11 -7.05 -4.43
N SER A 47 5.43 -8.17 -3.80
CA SER A 47 4.41 -9.16 -3.44
C SER A 47 3.95 -8.98 -2.00
N ALA A 48 3.02 -9.82 -1.57
CA ALA A 48 2.50 -9.74 -0.22
C ALA A 48 3.63 -9.87 0.80
N ALA A 49 4.48 -10.87 0.62
CA ALA A 49 5.60 -11.09 1.53
C ALA A 49 6.44 -9.82 1.64
N GLU A 50 6.75 -9.21 0.50
CA GLU A 50 7.54 -7.99 0.49
C GLU A 50 6.73 -6.82 1.03
N LEU A 51 5.45 -6.78 0.68
CA LEU A 51 4.58 -5.71 1.13
C LEU A 51 4.43 -5.75 2.65
N ARG A 52 4.49 -6.95 3.22
CA ARG A 52 4.36 -7.10 4.66
C ARG A 52 5.59 -6.54 5.38
N HIS A 53 6.76 -6.76 4.79
CA HIS A 53 8.00 -6.29 5.39
C HIS A 53 7.93 -4.79 5.62
N VAL A 54 7.42 -4.06 4.64
CA VAL A 54 7.30 -2.61 4.76
C VAL A 54 6.38 -2.24 5.91
N MET A 55 5.20 -2.88 5.96
CA MET A 55 4.23 -2.61 7.01
C MET A 55 4.79 -3.04 8.36
N THR A 56 5.46 -4.19 8.38
CA THR A 56 6.03 -4.71 9.62
C THR A 56 7.09 -3.76 10.15
N ASN A 57 7.93 -3.24 9.24
CA ASN A 57 9.00 -2.33 9.63
C ASN A 57 8.40 -1.08 10.29
N LEU A 58 7.26 -0.65 9.80
CA LEU A 58 6.60 0.53 10.35
C LEU A 58 6.02 0.24 11.72
N GLY A 59 5.97 -1.05 12.07
CA GLY A 59 5.44 -1.45 13.37
C GLY A 59 4.00 -1.95 13.24
N GLU A 60 3.34 -1.55 12.16
CA GLU A 60 1.96 -1.95 11.93
C GLU A 60 1.89 -3.44 11.61
N LYS A 61 0.98 -4.14 12.28
CA LYS A 61 0.82 -5.58 12.06
C LYS A 61 -0.54 -5.87 11.42
N LEU A 62 -0.51 -6.30 10.16
CA LEU A 62 -1.74 -6.62 9.44
C LEU A 62 -1.90 -8.12 9.28
N THR A 63 -3.15 -8.58 9.31
CA THR A 63 -3.43 -10.01 9.17
C THR A 63 -3.25 -10.44 7.72
N ASP A 64 -3.19 -11.76 7.51
CA ASP A 64 -3.00 -12.30 6.17
C ASP A 64 -4.18 -11.95 5.27
N GLU A 65 -5.39 -12.00 5.83
CA GLU A 65 -6.59 -11.68 5.08
C GLU A 65 -6.63 -10.21 4.72
N GLU A 66 -6.21 -9.35 5.65
CA GLU A 66 -6.21 -7.92 5.41
C GLU A 66 -5.23 -7.56 4.30
N VAL A 67 -4.09 -8.23 4.28
CA VAL A 67 -3.07 -7.97 3.27
C VAL A 67 -3.62 -8.31 1.88
N ASP A 68 -4.27 -9.46 1.76
CA ASP A 68 -4.83 -9.88 0.49
C ASP A 68 -5.86 -8.88 -0.01
N GLU A 69 -6.73 -8.45 0.90
CA GLU A 69 -7.77 -7.48 0.55
C GLU A 69 -7.15 -6.12 0.25
N MET A 70 -6.13 -5.75 1.02
CA MET A 70 -5.47 -4.47 0.82
C MET A 70 -4.84 -4.39 -0.56
N ILE A 71 -4.17 -5.46 -0.97
CA ILE A 71 -3.52 -5.48 -2.28
C ILE A 71 -4.56 -5.37 -3.39
N ARG A 72 -5.65 -6.11 -3.25
CA ARG A 72 -6.71 -6.09 -4.26
C ARG A 72 -7.35 -4.70 -4.34
N GLU A 73 -7.64 -4.12 -3.17
CA GLU A 73 -8.24 -2.80 -3.13
C GLU A 73 -7.25 -1.73 -3.54
N ALA A 74 -5.97 -1.97 -3.21
CA ALA A 74 -4.92 -1.00 -3.55
C ALA A 74 -4.43 -1.21 -4.98
N ASP A 75 -4.52 -2.45 -5.45
CA ASP A 75 -4.07 -2.76 -6.80
C ASP A 75 -5.06 -2.20 -7.83
N ILE A 76 -4.65 -1.14 -8.52
CA ILE A 76 -5.49 -0.52 -9.53
C ILE A 76 -5.63 -1.44 -10.74
N ASP A 77 -4.53 -2.08 -11.12
CA ASP A 77 -4.54 -2.98 -12.27
C ASP A 77 -5.16 -4.31 -11.90
N GLY A 78 -5.52 -4.47 -10.63
CA GLY A 78 -6.14 -5.70 -10.16
C GLY A 78 -5.41 -6.92 -10.71
N ASP A 79 -4.11 -6.77 -10.94
CA ASP A 79 -3.31 -7.87 -11.47
C ASP A 79 -2.81 -8.75 -10.34
N GLY A 80 -3.10 -8.36 -9.11
CA GLY A 80 -2.68 -9.13 -7.95
C GLY A 80 -1.25 -8.79 -7.56
N GLN A 81 -0.61 -7.92 -8.35
CA GLN A 81 0.76 -7.51 -8.08
C GLN A 81 0.94 -6.02 -8.35
N VAL A 82 1.93 -5.42 -7.72
CA VAL A 82 2.19 -4.00 -7.90
C VAL A 82 3.34 -3.79 -8.89
N ASN A 83 3.11 -2.91 -9.87
CA ASN A 83 4.14 -2.63 -10.88
C ASN A 83 4.92 -1.38 -10.51
N TYR A 84 6.05 -1.18 -11.17
CA TYR A 84 6.90 -0.02 -10.89
C TYR A 84 6.11 1.27 -11.14
N GLU A 85 5.48 1.37 -12.31
CA GLU A 85 4.71 2.55 -12.66
C GLU A 85 3.56 2.73 -11.67
N GLU A 86 2.95 1.62 -11.25
CA GLU A 86 1.85 1.68 -10.30
C GLU A 86 2.36 2.07 -8.92
N PHE A 87 3.51 1.52 -8.54
CA PHE A 87 4.07 1.83 -7.23
C PHE A 87 4.36 3.32 -7.11
N VAL A 88 5.03 3.88 -8.12
CA VAL A 88 5.36 5.30 -8.11
C VAL A 88 4.10 6.14 -7.97
N GLN A 89 3.09 5.83 -8.78
CA GLN A 89 1.84 6.58 -8.72
C GLN A 89 1.14 6.34 -7.39
N MET A 90 1.10 5.08 -6.96
CA MET A 90 0.45 4.74 -5.69
C MET A 90 1.16 5.42 -4.53
N MET A 91 2.48 5.58 -4.66
CA MET A 91 3.26 6.22 -3.61
C MET A 91 3.11 7.74 -3.68
N THR A 92 2.98 8.27 -4.89
CA THR A 92 2.82 9.71 -5.08
C THR A 92 1.35 10.11 -4.97
N ALA A 93 0.48 9.12 -5.04
CA ALA A 93 -0.95 9.37 -4.95
C ALA A 93 -1.30 10.04 -3.62
N LYS A 94 -2.19 11.03 -3.67
CA LYS A 94 -2.59 11.75 -2.48
C LYS A 94 -3.49 10.87 -1.61
CA CA B . 10.43 -8.42 -5.41
CA CA C . -1.07 -3.49 -10.34
N GLY A 2 -17.52 -0.71 12.83
CA GLY A 2 -17.36 -1.98 12.08
C GLY A 2 -18.67 -2.77 12.11
N SER A 3 -19.33 -2.75 13.26
CA SER A 3 -20.60 -3.46 13.41
C SER A 3 -21.63 -2.92 12.44
N HIS A 4 -21.66 -1.60 12.28
CA HIS A 4 -22.62 -0.97 11.37
C HIS A 4 -22.07 0.36 10.86
N HIS A 5 -22.74 0.92 9.86
CA HIS A 5 -22.32 2.20 9.30
C HIS A 5 -20.87 2.12 8.84
N HIS A 6 -20.34 0.90 8.77
CA HIS A 6 -18.96 0.70 8.35
C HIS A 6 -18.77 1.13 6.90
N HIS A 7 -19.77 0.83 6.07
CA HIS A 7 -19.71 1.17 4.65
C HIS A 7 -19.53 2.68 4.48
N HIS A 8 -20.26 3.46 5.28
CA HIS A 8 -20.18 4.91 5.20
C HIS A 8 -20.75 5.54 6.47
N HIS A 9 -19.90 6.26 7.21
CA HIS A 9 -20.33 6.91 8.43
C HIS A 9 -21.34 8.02 8.13
N GLY A 10 -21.02 8.83 7.13
CA GLY A 10 -21.90 9.93 6.74
C GLY A 10 -21.10 11.15 6.32
N SER A 11 -21.05 11.42 5.03
CA SER A 11 -20.31 12.56 4.51
C SER A 11 -18.94 12.66 5.17
N SER A 12 -17.93 12.11 4.51
CA SER A 12 -16.57 12.13 5.04
C SER A 12 -16.41 11.08 6.14
N GLY A 13 -15.18 10.95 6.65
CA GLY A 13 -14.92 9.99 7.71
C GLY A 13 -13.41 9.82 7.91
N GLU A 14 -13.02 8.66 8.44
CA GLU A 14 -11.61 8.37 8.68
C GLU A 14 -10.88 8.15 7.36
N ASN A 15 -11.30 8.86 6.32
CA ASN A 15 -10.68 8.73 5.01
C ASN A 15 -9.23 9.20 5.06
N LEU A 16 -8.98 10.24 5.84
CA LEU A 16 -7.63 10.78 5.96
C LEU A 16 -6.68 9.74 6.52
N TYR A 17 -7.16 8.97 7.49
CA TYR A 17 -6.34 7.93 8.11
C TYR A 17 -5.89 6.92 7.06
N PHE A 18 -6.83 6.45 6.24
CA PHE A 18 -6.51 5.48 5.20
C PHE A 18 -5.52 6.08 4.20
N GLN A 19 -5.78 7.31 3.79
CA GLN A 19 -4.92 7.98 2.82
C GLN A 19 -3.52 8.16 3.40
N SER A 20 -3.44 8.21 4.72
CA SER A 20 -2.15 8.38 5.39
C SER A 20 -1.20 7.25 5.04
N LEU A 21 -1.75 6.04 4.92
CA LEU A 21 -0.94 4.87 4.60
C LEU A 21 -0.33 5.03 3.20
N MET A 22 -1.11 5.55 2.28
CA MET A 22 -0.64 5.73 0.91
C MET A 22 0.41 6.83 0.84
N LYS A 23 0.63 7.50 1.98
CA LYS A 23 1.61 8.58 2.04
C LYS A 23 2.52 8.40 3.24
N ASP A 24 3.83 8.30 2.97
CA ASP A 24 4.80 8.11 4.05
C ASP A 24 6.04 8.96 3.80
N THR A 25 6.93 8.47 2.95
CA THR A 25 8.16 9.19 2.63
C THR A 25 7.88 10.33 1.67
N ASP A 26 8.86 11.21 1.48
CA ASP A 26 8.71 12.35 0.58
C ASP A 26 9.84 12.38 -0.43
N SER A 27 11.03 11.99 0.00
CA SER A 27 12.20 11.98 -0.87
C SER A 27 11.97 11.03 -2.05
N GLU A 28 11.77 11.61 -3.23
CA GLU A 28 11.53 10.81 -4.43
C GLU A 28 12.62 9.77 -4.60
N GLU A 29 13.83 10.11 -4.16
CA GLU A 29 14.96 9.19 -4.28
C GLU A 29 14.72 7.94 -3.46
N GLU A 30 14.14 8.11 -2.28
CA GLU A 30 13.87 6.98 -1.39
C GLU A 30 12.82 6.06 -2.01
N ILE A 31 11.89 6.65 -2.75
CA ILE A 31 10.84 5.86 -3.39
C ILE A 31 11.43 4.88 -4.39
N ARG A 32 12.31 5.38 -5.26
CA ARG A 32 12.95 4.52 -6.25
C ARG A 32 13.84 3.48 -5.58
N GLU A 33 14.64 3.93 -4.62
CA GLU A 33 15.53 3.03 -3.91
C GLU A 33 14.73 1.99 -3.11
N ALA A 34 13.73 2.47 -2.37
CA ALA A 34 12.91 1.57 -1.57
C ALA A 34 12.25 0.52 -2.46
N PHE A 35 11.78 0.95 -3.63
CA PHE A 35 11.13 0.02 -4.55
C PHE A 35 12.06 -1.13 -4.89
N ARG A 36 13.32 -0.80 -5.19
CA ARG A 36 14.30 -1.83 -5.53
C ARG A 36 14.54 -2.77 -4.34
N VAL A 37 14.66 -2.20 -3.16
CA VAL A 37 14.89 -2.99 -1.95
C VAL A 37 13.76 -4.00 -1.76
N GLU A 38 12.54 -3.56 -2.00
CA GLU A 38 11.38 -4.44 -1.85
C GLU A 38 11.37 -5.50 -2.95
N ASP A 39 12.06 -5.21 -4.05
CA ASP A 39 12.13 -6.15 -5.16
C ASP A 39 13.34 -7.06 -5.01
N LYS A 40 13.29 -7.95 -4.03
CA LYS A 40 14.38 -8.88 -3.79
C LYS A 40 14.61 -9.77 -5.02
N ASP A 41 13.51 -10.21 -5.62
CA ASP A 41 13.62 -11.07 -6.80
C ASP A 41 13.90 -10.24 -8.04
N GLY A 42 13.95 -8.92 -7.87
CA GLY A 42 14.21 -8.02 -8.99
C GLY A 42 13.15 -8.17 -10.07
N ASN A 43 11.99 -8.70 -9.69
CA ASN A 43 10.90 -8.90 -10.63
C ASN A 43 10.32 -7.55 -11.07
N GLY A 44 10.47 -6.55 -10.21
CA GLY A 44 9.94 -5.22 -10.51
C GLY A 44 8.47 -5.12 -10.15
N TYR A 45 8.04 -5.96 -9.21
CA TYR A 45 6.64 -5.96 -8.77
C TYR A 45 6.54 -6.23 -7.28
N ILE A 46 5.59 -5.58 -6.63
CA ILE A 46 5.40 -5.75 -5.19
C ILE A 46 4.27 -6.72 -4.92
N SER A 47 4.61 -7.91 -4.41
CA SER A 47 3.61 -8.92 -4.10
C SER A 47 3.24 -8.86 -2.62
N ALA A 48 2.30 -9.72 -2.22
CA ALA A 48 1.86 -9.77 -0.82
C ALA A 48 3.06 -10.01 0.10
N ALA A 49 3.90 -10.98 -0.27
CA ALA A 49 5.07 -11.29 0.54
C ALA A 49 5.92 -10.04 0.76
N GLU A 50 6.18 -9.31 -0.31
CA GLU A 50 6.96 -8.09 -0.22
C GLU A 50 6.19 -7.00 0.53
N LEU A 51 4.89 -6.92 0.26
CA LEU A 51 4.04 -5.93 0.90
C LEU A 51 3.94 -6.20 2.40
N ARG A 52 4.00 -7.48 2.77
CA ARG A 52 3.92 -7.87 4.17
C ARG A 52 5.16 -7.44 4.94
N HIS A 53 6.33 -7.63 4.33
CA HIS A 53 7.59 -7.25 4.97
C HIS A 53 7.57 -5.79 5.36
N VAL A 54 7.04 -4.94 4.48
CA VAL A 54 6.98 -3.51 4.75
C VAL A 54 6.11 -3.24 5.96
N MET A 55 4.95 -3.89 6.02
CA MET A 55 4.04 -3.71 7.15
C MET A 55 4.69 -4.19 8.44
N THR A 56 5.42 -5.29 8.36
CA THR A 56 6.11 -5.84 9.53
C THR A 56 7.16 -4.85 10.03
N ASN A 57 7.88 -4.23 9.10
CA ASN A 57 8.91 -3.28 9.46
C ASN A 57 8.31 -2.10 10.22
N LEU A 58 7.11 -1.69 9.81
CA LEU A 58 6.43 -0.58 10.46
C LEU A 58 5.85 -1.02 11.80
N GLY A 59 6.00 -2.30 12.11
CA GLY A 59 5.49 -2.82 13.37
C GLY A 59 4.04 -3.22 13.26
N GLU A 60 3.62 -3.58 12.04
CA GLU A 60 2.23 -3.96 11.79
C GLU A 60 2.17 -5.36 11.17
N LYS A 61 1.17 -6.14 11.57
CA LYS A 61 1.01 -7.49 11.03
C LYS A 61 -0.43 -7.72 10.60
N LEU A 62 -0.60 -8.05 9.32
CA LEU A 62 -1.94 -8.29 8.78
C LEU A 62 -2.08 -9.74 8.33
N THR A 63 -3.32 -10.22 8.25
CA THR A 63 -3.56 -11.59 7.83
C THR A 63 -3.38 -11.74 6.33
N ASP A 64 -3.30 -12.99 5.86
CA ASP A 64 -3.10 -13.25 4.44
C ASP A 64 -4.28 -12.72 3.63
N GLU A 65 -5.50 -12.93 4.15
CA GLU A 65 -6.69 -12.48 3.47
C GLU A 65 -6.78 -10.96 3.49
N GLU A 66 -6.34 -10.36 4.59
CA GLU A 66 -6.38 -8.91 4.73
C GLU A 66 -5.44 -8.26 3.73
N VAL A 67 -4.27 -8.84 3.55
CA VAL A 67 -3.29 -8.30 2.61
C VAL A 67 -3.84 -8.35 1.19
N ASP A 68 -4.43 -9.49 0.82
CA ASP A 68 -4.98 -9.65 -0.52
C ASP A 68 -6.03 -8.59 -0.79
N GLU A 69 -6.94 -8.40 0.15
CA GLU A 69 -7.99 -7.40 0.00
C GLU A 69 -7.41 -6.00 0.02
N MET A 70 -6.42 -5.76 0.87
CA MET A 70 -5.79 -4.45 0.97
C MET A 70 -5.19 -4.05 -0.38
N ILE A 71 -4.51 -4.99 -1.03
CA ILE A 71 -3.89 -4.71 -2.31
C ILE A 71 -4.96 -4.38 -3.34
N ARG A 72 -6.04 -5.14 -3.35
CA ARG A 72 -7.12 -4.91 -4.31
C ARG A 72 -7.70 -3.51 -4.15
N GLU A 73 -7.96 -3.11 -2.91
CA GLU A 73 -8.50 -1.79 -2.64
C GLU A 73 -7.49 -0.71 -2.96
N ALA A 74 -6.21 -1.01 -2.73
CA ALA A 74 -5.16 -0.04 -2.99
C ALA A 74 -4.75 -0.06 -4.45
N ASP A 75 -4.87 -1.22 -5.07
CA ASP A 75 -4.50 -1.37 -6.49
C ASP A 75 -5.47 -0.57 -7.37
N ILE A 76 -4.93 0.44 -8.04
CA ILE A 76 -5.75 1.27 -8.92
C ILE A 76 -6.15 0.50 -10.17
N ASP A 77 -5.21 -0.22 -10.75
CA ASP A 77 -5.47 -1.00 -11.96
C ASP A 77 -5.95 -2.40 -11.61
N GLY A 78 -6.14 -2.65 -10.31
CA GLY A 78 -6.62 -3.95 -9.86
C GLY A 78 -5.90 -5.08 -10.61
N ASP A 79 -4.60 -4.90 -10.86
CA ASP A 79 -3.83 -5.91 -11.57
C ASP A 79 -3.28 -6.94 -10.59
N GLY A 80 -3.49 -6.69 -9.30
CA GLY A 80 -3.01 -7.60 -8.26
C GLY A 80 -1.54 -7.38 -7.97
N GLN A 81 -0.91 -6.52 -8.78
CA GLN A 81 0.51 -6.22 -8.59
C GLN A 81 0.76 -4.72 -8.73
N VAL A 82 1.78 -4.23 -8.03
CA VAL A 82 2.12 -2.80 -8.09
C VAL A 82 3.33 -2.58 -8.98
N ASN A 83 3.16 -1.76 -10.02
CA ASN A 83 4.25 -1.47 -10.93
C ASN A 83 5.01 -0.22 -10.50
N TYR A 84 6.12 0.05 -11.17
CA TYR A 84 6.92 1.22 -10.84
C TYR A 84 6.11 2.49 -10.98
N GLU A 85 5.42 2.63 -12.10
CA GLU A 85 4.60 3.81 -12.34
C GLU A 85 3.47 3.91 -11.33
N GLU A 86 2.83 2.77 -11.05
CA GLU A 86 1.73 2.75 -10.09
C GLU A 86 2.25 2.99 -8.67
N PHE A 87 3.42 2.41 -8.38
CA PHE A 87 4.01 2.57 -7.05
C PHE A 87 4.28 4.04 -6.76
N VAL A 88 4.91 4.72 -7.71
CA VAL A 88 5.24 6.12 -7.54
C VAL A 88 3.98 6.93 -7.26
N GLN A 89 2.92 6.66 -8.01
CA GLN A 89 1.65 7.35 -7.81
C GLN A 89 1.07 7.03 -6.45
N MET A 90 1.05 5.74 -6.11
CA MET A 90 0.50 5.31 -4.83
C MET A 90 1.25 5.98 -3.68
N MET A 91 2.55 6.23 -3.89
CA MET A 91 3.36 6.88 -2.86
C MET A 91 3.17 8.39 -2.88
N THR A 92 2.93 8.94 -4.07
CA THR A 92 2.74 10.37 -4.22
C THR A 92 1.25 10.69 -4.34
N ALA A 93 0.40 9.70 -4.09
CA ALA A 93 -1.04 9.89 -4.18
C ALA A 93 -1.49 11.03 -3.27
N LYS A 94 -1.94 12.12 -3.88
CA LYS A 94 -2.40 13.28 -3.12
C LYS A 94 -1.28 13.79 -2.21
CA CA B . 9.70 -7.73 -6.18
CA CA C . -1.93 -2.45 -9.16
N GLY A 2 -7.69 13.87 20.16
CA GLY A 2 -8.09 12.43 20.01
C GLY A 2 -7.60 11.91 18.67
N SER A 3 -6.47 11.21 18.69
CA SER A 3 -5.90 10.65 17.47
C SER A 3 -5.51 9.19 17.68
N HIS A 4 -5.50 8.42 16.60
CA HIS A 4 -5.15 7.01 16.67
C HIS A 4 -6.03 6.29 17.67
N HIS A 5 -7.08 6.97 18.13
CA HIS A 5 -8.01 6.38 19.09
C HIS A 5 -9.44 6.75 18.76
N HIS A 6 -9.89 6.34 17.57
CA HIS A 6 -11.26 6.64 17.13
C HIS A 6 -12.15 5.43 17.34
N HIS A 7 -12.05 4.80 18.50
CA HIS A 7 -12.85 3.63 18.81
C HIS A 7 -14.33 4.01 18.94
N HIS A 8 -14.59 5.12 19.62
CA HIS A 8 -15.96 5.59 19.81
C HIS A 8 -16.58 6.00 18.49
N HIS A 9 -15.81 6.69 17.66
CA HIS A 9 -16.29 7.13 16.35
C HIS A 9 -15.62 6.34 15.24
N GLY A 10 -16.44 5.68 14.43
CA GLY A 10 -15.92 4.88 13.31
C GLY A 10 -15.76 5.74 12.06
N SER A 11 -15.23 6.94 12.23
CA SER A 11 -15.04 7.85 11.11
C SER A 11 -14.12 7.22 10.06
N SER A 12 -13.14 6.45 10.52
CA SER A 12 -12.21 5.80 9.61
C SER A 12 -12.84 4.55 8.99
N GLY A 13 -12.16 3.98 8.01
CA GLY A 13 -12.66 2.79 7.33
C GLY A 13 -13.58 3.15 6.16
N GLU A 14 -13.46 4.40 5.72
CA GLU A 14 -14.28 4.87 4.61
C GLU A 14 -13.81 4.26 3.29
N ASN A 15 -14.71 4.22 2.32
CA ASN A 15 -14.37 3.65 1.00
C ASN A 15 -13.31 4.50 0.31
N LEU A 16 -13.42 5.81 0.47
CA LEU A 16 -12.47 6.72 -0.15
C LEU A 16 -11.11 6.62 0.50
N TYR A 17 -11.10 6.20 1.76
CA TYR A 17 -9.85 6.07 2.50
C TYR A 17 -8.89 5.15 1.77
N PHE A 18 -9.42 4.05 1.23
CA PHE A 18 -8.59 3.10 0.50
C PHE A 18 -7.93 3.76 -0.69
N GLN A 19 -8.68 4.60 -1.40
CA GLN A 19 -8.15 5.31 -2.56
C GLN A 19 -7.04 6.27 -2.14
N SER A 20 -7.07 6.70 -0.88
CA SER A 20 -6.07 7.62 -0.36
C SER A 20 -4.67 7.04 -0.55
N LEU A 21 -4.57 5.72 -0.46
CA LEU A 21 -3.28 5.06 -0.62
C LEU A 21 -2.72 5.29 -2.01
N MET A 22 -3.58 5.23 -3.01
CA MET A 22 -3.16 5.44 -4.39
C MET A 22 -2.93 6.92 -4.64
N LYS A 23 -3.02 7.73 -3.59
CA LYS A 23 -2.81 9.17 -3.71
C LYS A 23 -1.86 9.67 -2.64
N ASP A 24 -1.83 10.99 -2.46
CA ASP A 24 -0.96 11.58 -1.45
C ASP A 24 0.51 11.37 -1.81
N THR A 25 1.25 12.46 -1.97
CA THR A 25 2.66 12.37 -2.31
C THR A 25 3.44 13.51 -1.67
N ASP A 26 4.74 13.31 -1.48
CA ASP A 26 5.59 14.32 -0.86
C ASP A 26 6.80 14.61 -1.74
N SER A 27 7.78 13.70 -1.72
CA SER A 27 9.00 13.86 -2.52
C SER A 27 9.25 12.61 -3.34
N GLU A 28 9.44 12.81 -4.65
CA GLU A 28 9.70 11.69 -5.55
C GLU A 28 10.87 10.86 -5.05
N GLU A 29 11.85 11.52 -4.45
CA GLU A 29 13.02 10.83 -3.92
C GLU A 29 12.63 9.90 -2.77
N GLU A 30 11.65 10.32 -1.98
CA GLU A 30 11.19 9.53 -0.86
C GLU A 30 10.54 8.23 -1.35
N ILE A 31 9.83 8.33 -2.46
CA ILE A 31 9.15 7.16 -3.03
C ILE A 31 10.17 6.12 -3.46
N ARG A 32 11.26 6.57 -4.10
CA ARG A 32 12.30 5.67 -4.56
C ARG A 32 12.92 4.92 -3.38
N GLU A 33 13.20 5.66 -2.30
CA GLU A 33 13.78 5.05 -1.11
C GLU A 33 12.80 4.08 -0.47
N ALA A 34 11.54 4.48 -0.41
CA ALA A 34 10.52 3.63 0.21
C ALA A 34 10.50 2.26 -0.46
N PHE A 35 10.66 2.24 -1.77
CA PHE A 35 10.65 0.98 -2.51
C PHE A 35 11.75 0.06 -1.98
N ARG A 36 12.94 0.62 -1.76
CA ARG A 36 14.05 -0.18 -1.25
C ARG A 36 13.71 -0.78 0.11
N VAL A 37 13.13 0.05 0.98
CA VAL A 37 12.76 -0.42 2.31
C VAL A 37 11.80 -1.60 2.21
N GLU A 38 10.86 -1.51 1.27
CA GLU A 38 9.88 -2.57 1.09
C GLU A 38 10.54 -3.78 0.44
N ASP A 39 11.68 -3.56 -0.23
CA ASP A 39 12.40 -4.64 -0.89
C ASP A 39 13.58 -5.08 -0.02
N LYS A 40 13.27 -5.66 1.14
CA LYS A 40 14.31 -6.13 2.04
C LYS A 40 15.17 -7.20 1.38
N ASP A 41 14.54 -8.05 0.59
CA ASP A 41 15.26 -9.13 -0.09
C ASP A 41 15.98 -8.59 -1.32
N GLY A 42 15.93 -7.27 -1.52
CA GLY A 42 16.60 -6.64 -2.64
C GLY A 42 16.00 -7.14 -3.97
N ASN A 43 14.75 -7.59 -3.93
CA ASN A 43 14.08 -8.09 -5.11
C ASN A 43 13.43 -6.92 -5.85
N GLY A 44 13.86 -6.71 -7.08
CA GLY A 44 13.31 -5.64 -7.90
C GLY A 44 11.79 -5.72 -7.98
N TYR A 45 11.20 -6.70 -7.30
CA TYR A 45 9.75 -6.89 -7.28
C TYR A 45 9.25 -6.97 -5.85
N ILE A 46 8.07 -6.41 -5.61
CA ILE A 46 7.47 -6.43 -4.27
C ILE A 46 6.39 -7.49 -4.19
N SER A 47 6.54 -8.40 -3.23
CA SER A 47 5.57 -9.48 -3.05
C SER A 47 4.58 -9.11 -1.96
N ALA A 48 3.62 -10.01 -1.70
CA ALA A 48 2.61 -9.76 -0.68
C ALA A 48 3.26 -9.58 0.69
N ALA A 49 4.19 -10.48 1.02
CA ALA A 49 4.87 -10.43 2.30
C ALA A 49 5.46 -9.04 2.54
N GLU A 50 6.19 -8.53 1.55
CA GLU A 50 6.78 -7.21 1.66
C GLU A 50 5.70 -6.13 1.71
N LEU A 51 4.63 -6.34 0.95
CA LEU A 51 3.53 -5.39 0.91
C LEU A 51 2.89 -5.29 2.30
N ARG A 52 2.92 -6.38 3.04
CA ARG A 52 2.34 -6.41 4.38
C ARG A 52 3.24 -5.65 5.36
N HIS A 53 4.54 -5.69 5.11
CA HIS A 53 5.50 -5.02 5.98
C HIS A 53 5.20 -3.53 6.10
N VAL A 54 4.86 -2.92 4.98
CA VAL A 54 4.56 -1.49 4.97
C VAL A 54 3.29 -1.21 5.78
N MET A 55 2.30 -2.09 5.62
CA MET A 55 1.03 -1.93 6.31
C MET A 55 1.21 -2.15 7.81
N THR A 56 2.07 -3.10 8.14
CA THR A 56 2.33 -3.41 9.55
C THR A 56 2.86 -2.18 10.28
N ASN A 57 3.46 -1.27 9.54
CA ASN A 57 4.00 -0.05 10.13
C ASN A 57 2.90 0.71 10.86
N LEU A 58 1.67 0.59 10.40
CA LEU A 58 0.56 1.27 11.03
C LEU A 58 0.24 0.62 12.37
N GLY A 59 0.44 -0.69 12.46
CA GLY A 59 0.15 -1.43 13.69
C GLY A 59 -1.13 -2.22 13.58
N GLU A 60 -1.56 -2.47 12.33
CA GLU A 60 -2.79 -3.24 12.09
C GLU A 60 -2.52 -4.36 11.10
N LYS A 61 -2.61 -5.60 11.57
CA LYS A 61 -2.39 -6.76 10.71
C LYS A 61 -3.65 -7.09 9.92
N LEU A 62 -3.47 -7.44 8.65
CA LEU A 62 -4.61 -7.79 7.80
C LEU A 62 -4.61 -9.28 7.51
N THR A 63 -5.76 -9.77 7.03
CA THR A 63 -5.88 -11.20 6.72
C THR A 63 -5.21 -11.52 5.40
N ASP A 64 -4.97 -12.80 5.16
CA ASP A 64 -4.31 -13.23 3.93
C ASP A 64 -5.20 -12.96 2.72
N GLU A 65 -6.50 -13.21 2.88
CA GLU A 65 -7.45 -12.99 1.79
C GLU A 65 -7.57 -11.50 1.48
N GLU A 66 -7.54 -10.67 2.51
CA GLU A 66 -7.64 -9.23 2.33
C GLU A 66 -6.49 -8.71 1.49
N VAL A 67 -5.28 -9.16 1.79
CA VAL A 67 -4.10 -8.73 1.06
C VAL A 67 -4.21 -9.15 -0.41
N ASP A 68 -4.62 -10.40 -0.63
CA ASP A 68 -4.75 -10.91 -1.99
C ASP A 68 -5.72 -10.06 -2.80
N GLU A 69 -6.89 -9.79 -2.21
CA GLU A 69 -7.90 -8.98 -2.89
C GLU A 69 -7.41 -7.55 -3.05
N MET A 70 -6.73 -7.03 -2.03
CA MET A 70 -6.24 -5.66 -2.08
C MET A 70 -5.26 -5.49 -3.24
N ILE A 71 -4.34 -6.45 -3.38
CA ILE A 71 -3.35 -6.38 -4.44
C ILE A 71 -4.03 -6.44 -5.80
N ARG A 72 -5.00 -7.35 -5.93
CA ARG A 72 -5.71 -7.51 -7.19
C ARG A 72 -6.42 -6.22 -7.59
N GLU A 73 -7.03 -5.56 -6.62
CA GLU A 73 -7.74 -4.31 -6.87
C GLU A 73 -6.76 -3.21 -7.25
N ALA A 74 -5.61 -3.19 -6.58
CA ALA A 74 -4.60 -2.16 -6.84
C ALA A 74 -3.72 -2.56 -8.01
N ASP A 75 -3.63 -3.86 -8.27
CA ASP A 75 -2.81 -4.36 -9.37
C ASP A 75 -3.53 -4.19 -10.70
N ILE A 76 -3.15 -3.15 -11.43
CA ILE A 76 -3.76 -2.87 -12.73
C ILE A 76 -3.39 -3.96 -13.74
N ASP A 77 -2.24 -4.58 -13.51
CA ASP A 77 -1.77 -5.64 -14.42
C ASP A 77 -2.39 -6.97 -14.06
N GLY A 78 -3.21 -6.97 -13.00
CA GLY A 78 -3.88 -8.19 -12.57
C GLY A 78 -2.90 -9.37 -12.59
N ASP A 79 -1.62 -9.08 -12.46
CA ASP A 79 -0.60 -10.13 -12.48
C ASP A 79 -0.33 -10.64 -11.07
N GLY A 80 -0.95 -10.00 -10.09
CA GLY A 80 -0.76 -10.41 -8.70
C GLY A 80 0.59 -9.96 -8.17
N GLN A 81 1.35 -9.25 -9.01
CA GLN A 81 2.68 -8.77 -8.62
C GLN A 81 2.80 -7.27 -8.92
N VAL A 82 3.49 -6.56 -8.03
CA VAL A 82 3.68 -5.12 -8.21
C VAL A 82 5.05 -4.84 -8.83
N ASN A 83 5.04 -4.15 -9.96
CA ASN A 83 6.29 -3.81 -10.65
C ASN A 83 6.74 -2.41 -10.27
N TYR A 84 8.01 -2.11 -10.52
CA TYR A 84 8.56 -0.80 -10.19
C TYR A 84 7.80 0.29 -10.93
N GLU A 85 7.63 0.10 -12.23
CA GLU A 85 6.91 1.08 -13.04
C GLU A 85 5.48 1.24 -12.55
N GLU A 86 4.85 0.12 -12.17
CA GLU A 86 3.49 0.14 -11.69
C GLU A 86 3.43 0.78 -10.31
N PHE A 87 4.44 0.50 -9.48
CA PHE A 87 4.50 1.05 -8.14
C PHE A 87 4.53 2.57 -8.18
N VAL A 88 5.41 3.13 -9.01
CA VAL A 88 5.54 4.56 -9.12
C VAL A 88 4.21 5.18 -9.55
N GLN A 89 3.56 4.57 -10.53
CA GLN A 89 2.27 5.07 -11.00
C GLN A 89 1.22 4.99 -9.89
N MET A 90 1.15 3.84 -9.24
CA MET A 90 0.19 3.64 -8.17
C MET A 90 0.41 4.66 -7.05
N MET A 91 1.66 5.07 -6.88
CA MET A 91 2.01 6.05 -5.86
C MET A 91 1.85 7.47 -6.38
N THR A 92 2.12 7.66 -7.67
CA THR A 92 2.01 8.98 -8.27
C THR A 92 0.65 9.14 -8.96
N ALA A 93 -0.24 8.18 -8.73
CA ALA A 93 -1.56 8.23 -9.34
C ALA A 93 -2.35 9.40 -8.78
N LYS A 94 -3.00 10.15 -9.67
CA LYS A 94 -3.81 11.29 -9.27
C LYS A 94 -3.10 12.08 -8.16
CA CA B . 10.89 -8.12 -3.14
CA CA C . 1.34 -5.32 -11.86
N GLY A 2 -32.32 13.61 -13.38
CA GLY A 2 -30.93 13.80 -12.87
C GLY A 2 -30.96 14.23 -11.41
N SER A 3 -31.27 13.28 -10.53
CA SER A 3 -31.35 13.58 -9.10
C SER A 3 -29.94 13.80 -8.54
N HIS A 4 -29.83 14.72 -7.58
CA HIS A 4 -28.55 15.03 -6.97
C HIS A 4 -28.13 13.91 -6.02
N HIS A 5 -26.83 13.69 -5.92
CA HIS A 5 -26.29 12.65 -5.05
C HIS A 5 -26.34 13.09 -3.59
N HIS A 6 -25.56 12.41 -2.75
CA HIS A 6 -25.52 12.74 -1.33
C HIS A 6 -25.01 14.17 -1.13
N HIS A 7 -25.63 14.89 -0.19
CA HIS A 7 -25.23 16.26 0.08
C HIS A 7 -23.96 16.29 0.93
N HIS A 8 -24.10 16.03 2.22
CA HIS A 8 -22.96 16.03 3.12
C HIS A 8 -23.33 15.38 4.45
N HIS A 9 -22.94 14.11 4.62
CA HIS A 9 -23.23 13.39 5.85
C HIS A 9 -22.23 12.24 6.04
N GLY A 10 -22.04 11.84 7.29
CA GLY A 10 -21.12 10.75 7.60
C GLY A 10 -20.69 10.79 9.05
N SER A 11 -20.34 9.63 9.60
CA SER A 11 -19.90 9.55 10.99
C SER A 11 -19.03 8.32 11.20
N SER A 12 -18.25 7.96 10.20
CA SER A 12 -17.37 6.80 10.29
C SER A 12 -16.11 7.14 11.07
N GLY A 13 -15.29 6.13 11.32
CA GLY A 13 -14.05 6.33 12.07
C GLY A 13 -13.11 5.16 11.86
N GLU A 14 -11.91 5.26 12.43
CA GLU A 14 -10.90 4.20 12.30
C GLU A 14 -10.45 4.07 10.85
N ASN A 15 -11.40 4.11 9.93
CA ASN A 15 -11.11 4.00 8.52
C ASN A 15 -10.27 5.19 8.05
N LEU A 16 -10.58 6.37 8.59
CA LEU A 16 -9.86 7.57 8.23
C LEU A 16 -8.38 7.45 8.58
N TYR A 17 -8.11 6.86 9.73
CA TYR A 17 -6.73 6.69 10.20
C TYR A 17 -5.95 5.82 9.20
N PHE A 18 -6.59 4.76 8.71
CA PHE A 18 -5.95 3.88 7.76
C PHE A 18 -5.56 4.63 6.49
N GLN A 19 -6.47 5.49 6.02
CA GLN A 19 -6.21 6.26 4.82
C GLN A 19 -4.92 7.07 4.94
N SER A 20 -4.55 7.38 6.18
CA SER A 20 -3.34 8.15 6.43
C SER A 20 -2.11 7.40 5.90
N LEU A 21 -2.14 6.08 6.04
CA LEU A 21 -1.03 5.26 5.57
C LEU A 21 -0.89 5.37 4.05
N MET A 22 -2.02 5.38 3.36
CA MET A 22 -2.01 5.48 1.91
C MET A 22 -1.53 6.85 1.46
N LYS A 23 -1.46 7.78 2.40
CA LYS A 23 -1.01 9.14 2.10
C LYS A 23 0.49 9.27 2.34
N ASP A 24 0.97 10.52 2.32
CA ASP A 24 2.39 10.78 2.54
C ASP A 24 3.22 10.30 1.35
N THR A 25 2.98 10.90 0.19
CA THR A 25 3.71 10.53 -1.02
C THR A 25 5.10 11.14 -1.02
N ASP A 26 5.31 12.12 -0.15
CA ASP A 26 6.60 12.78 -0.05
C ASP A 26 7.04 13.32 -1.42
N SER A 27 7.61 12.45 -2.24
CA SER A 27 8.06 12.85 -3.57
C SER A 27 7.76 11.74 -4.58
N GLU A 28 7.01 12.10 -5.62
CA GLU A 28 6.65 11.12 -6.65
C GLU A 28 7.90 10.46 -7.22
N GLU A 29 8.96 11.24 -7.38
CA GLU A 29 10.21 10.71 -7.92
C GLU A 29 10.81 9.67 -6.98
N GLU A 30 10.69 9.92 -5.68
CA GLU A 30 11.24 9.01 -4.69
C GLU A 30 10.48 7.68 -4.72
N ILE A 31 9.17 7.75 -4.97
CA ILE A 31 8.36 6.54 -5.02
C ILE A 31 8.81 5.64 -6.16
N ARG A 32 9.07 6.24 -7.33
CA ARG A 32 9.51 5.48 -8.49
C ARG A 32 10.83 4.77 -8.20
N GLU A 33 11.75 5.49 -7.57
CA GLU A 33 13.05 4.91 -7.24
C GLU A 33 12.89 3.79 -6.21
N ALA A 34 12.07 4.04 -5.20
CA ALA A 34 11.85 3.04 -4.16
C ALA A 34 11.36 1.73 -4.76
N PHE A 35 10.47 1.84 -5.74
CA PHE A 35 9.93 0.65 -6.39
C PHE A 35 11.06 -0.16 -7.05
N ARG A 36 11.93 0.54 -7.77
CA ARG A 36 13.04 -0.12 -8.44
C ARG A 36 13.98 -0.76 -7.42
N VAL A 37 14.33 0.01 -6.39
CA VAL A 37 15.22 -0.49 -5.35
C VAL A 37 14.58 -1.67 -4.63
N GLU A 38 13.29 -1.57 -4.37
CA GLU A 38 12.58 -2.63 -3.68
C GLU A 38 12.41 -3.84 -4.58
N ASP A 39 12.46 -3.61 -5.90
CA ASP A 39 12.33 -4.70 -6.86
C ASP A 39 13.69 -5.33 -7.14
N LYS A 40 14.15 -6.18 -6.21
CA LYS A 40 15.44 -6.84 -6.37
C LYS A 40 15.43 -7.71 -7.62
N ASP A 41 14.34 -8.42 -7.85
CA ASP A 41 14.24 -9.29 -9.01
C ASP A 41 13.95 -8.48 -10.27
N GLY A 42 13.81 -7.17 -10.09
CA GLY A 42 13.55 -6.29 -11.23
C GLY A 42 12.47 -6.86 -12.13
N ASN A 43 11.65 -7.75 -11.57
CA ASN A 43 10.57 -8.37 -12.34
C ASN A 43 9.39 -7.42 -12.47
N GLY A 44 9.44 -6.32 -11.72
CA GLY A 44 8.37 -5.32 -11.77
C GLY A 44 7.23 -5.72 -10.84
N TYR A 45 7.53 -6.57 -9.87
CA TYR A 45 6.50 -7.03 -8.93
C TYR A 45 7.09 -7.18 -7.54
N ILE A 46 6.29 -6.89 -6.51
CA ILE A 46 6.75 -7.00 -5.13
C ILE A 46 6.08 -8.18 -4.44
N SER A 47 6.91 -9.10 -3.93
CA SER A 47 6.38 -10.29 -3.24
C SER A 47 6.41 -10.06 -1.73
N ALA A 48 5.97 -11.07 -0.98
CA ALA A 48 5.94 -10.98 0.47
C ALA A 48 7.34 -10.70 1.01
N ALA A 49 8.32 -11.45 0.52
CA ALA A 49 9.70 -11.28 0.97
C ALA A 49 10.14 -9.83 0.77
N GLU A 50 9.91 -9.30 -0.41
CA GLU A 50 10.30 -7.92 -0.72
C GLU A 50 9.39 -6.94 0.02
N LEU A 51 8.11 -7.25 0.08
CA LEU A 51 7.15 -6.40 0.76
C LEU A 51 7.46 -6.31 2.25
N ARG A 52 7.99 -7.40 2.79
CA ARG A 52 8.35 -7.45 4.21
C ARG A 52 9.58 -6.59 4.47
N HIS A 53 10.49 -6.55 3.51
CA HIS A 53 11.72 -5.78 3.65
C HIS A 53 11.39 -4.33 3.97
N VAL A 54 10.37 -3.79 3.29
CA VAL A 54 9.97 -2.41 3.51
C VAL A 54 9.53 -2.20 4.96
N MET A 55 8.71 -3.13 5.46
CA MET A 55 8.22 -3.03 6.83
C MET A 55 9.38 -3.09 7.82
N THR A 56 10.37 -3.92 7.51
CA THR A 56 11.54 -4.06 8.38
C THR A 56 12.21 -2.71 8.58
N ASN A 57 12.28 -1.93 7.51
CA ASN A 57 12.91 -0.60 7.57
C ASN A 57 12.21 0.26 8.63
N LEU A 58 10.90 0.12 8.72
CA LEU A 58 10.13 0.89 9.70
C LEU A 58 10.44 0.41 11.12
N GLY A 59 10.74 -0.87 11.25
CA GLY A 59 11.05 -1.44 12.56
C GLY A 59 9.86 -2.22 13.11
N GLU A 60 9.06 -2.79 12.21
CA GLU A 60 7.89 -3.56 12.63
C GLU A 60 8.12 -5.04 12.38
N LYS A 61 7.80 -5.87 13.37
CA LYS A 61 7.97 -7.31 13.25
C LYS A 61 6.64 -7.99 13.01
N LEU A 62 6.42 -8.46 11.78
CA LEU A 62 5.17 -9.13 11.43
C LEU A 62 5.41 -10.62 11.18
N THR A 63 4.44 -11.44 11.54
CA THR A 63 4.56 -12.88 11.34
C THR A 63 4.33 -13.24 9.88
N ASP A 64 4.63 -14.49 9.53
CA ASP A 64 4.45 -14.95 8.15
C ASP A 64 2.99 -14.89 7.75
N GLU A 65 2.11 -15.29 8.66
CA GLU A 65 0.67 -15.28 8.38
C GLU A 65 0.16 -13.85 8.28
N GLU A 66 0.65 -12.99 9.15
CA GLU A 66 0.23 -11.59 9.15
C GLU A 66 0.59 -10.92 7.83
N VAL A 67 1.78 -11.22 7.33
CA VAL A 67 2.22 -10.65 6.06
C VAL A 67 1.30 -11.07 4.93
N ASP A 68 0.97 -12.36 4.88
CA ASP A 68 0.11 -12.88 3.83
C ASP A 68 -1.25 -12.18 3.86
N GLU A 69 -1.84 -12.09 5.05
CA GLU A 69 -3.15 -11.45 5.20
C GLU A 69 -3.03 -9.96 4.93
N MET A 70 -1.91 -9.35 5.34
CA MET A 70 -1.70 -7.94 5.14
C MET A 70 -1.75 -7.59 3.65
N ILE A 71 -1.18 -8.45 2.83
CA ILE A 71 -1.17 -8.22 1.40
C ILE A 71 -2.58 -8.29 0.83
N ARG A 72 -3.34 -9.29 1.28
CA ARG A 72 -4.70 -9.49 0.77
C ARG A 72 -5.56 -8.25 0.99
N GLU A 73 -5.51 -7.71 2.20
CA GLU A 73 -6.30 -6.53 2.52
C GLU A 73 -5.82 -5.32 1.72
N ALA A 74 -4.53 -5.26 1.45
CA ALA A 74 -3.95 -4.16 0.70
C ALA A 74 -4.13 -4.38 -0.80
N ASP A 75 -4.18 -5.65 -1.20
CA ASP A 75 -4.34 -5.99 -2.61
C ASP A 75 -5.71 -5.57 -3.10
N ILE A 76 -5.76 -4.55 -3.95
CA ILE A 76 -7.02 -4.05 -4.48
C ILE A 76 -7.62 -5.05 -5.46
N ASP A 77 -6.78 -5.59 -6.34
CA ASP A 77 -7.25 -6.54 -7.35
C ASP A 77 -7.09 -7.97 -6.85
N GLY A 78 -6.75 -8.11 -5.57
CA GLY A 78 -6.59 -9.43 -4.98
C GLY A 78 -5.83 -10.36 -5.93
N ASP A 79 -4.74 -9.86 -6.50
CA ASP A 79 -3.95 -10.65 -7.43
C ASP A 79 -2.81 -11.36 -6.69
N GLY A 80 -2.75 -11.15 -5.38
CA GLY A 80 -1.72 -11.78 -4.57
C GLY A 80 -0.37 -11.09 -4.76
N GLN A 81 -0.30 -10.22 -5.76
CA GLN A 81 0.95 -9.51 -6.05
C GLN A 81 0.66 -8.05 -6.35
N VAL A 82 1.63 -7.18 -6.04
CA VAL A 82 1.46 -5.75 -6.28
C VAL A 82 2.09 -5.36 -7.61
N ASN A 83 1.28 -4.74 -8.47
CA ASN A 83 1.77 -4.33 -9.79
C ASN A 83 2.27 -2.88 -9.74
N TYR A 84 3.06 -2.50 -10.74
CA TYR A 84 3.60 -1.15 -10.79
C TYR A 84 2.47 -0.13 -10.82
N GLU A 85 1.51 -0.33 -11.72
CA GLU A 85 0.38 0.58 -11.84
C GLU A 85 -0.39 0.64 -10.53
N GLU A 86 -0.53 -0.50 -9.87
CA GLU A 86 -1.24 -0.55 -8.60
C GLU A 86 -0.39 0.06 -7.49
N PHE A 87 0.93 -0.11 -7.58
CA PHE A 87 1.83 0.44 -6.58
C PHE A 87 1.73 1.96 -6.55
N VAL A 88 1.83 2.59 -7.72
CA VAL A 88 1.76 4.04 -7.80
C VAL A 88 0.44 4.54 -7.23
N GLN A 89 -0.65 3.92 -7.63
CA GLN A 89 -1.97 4.32 -7.15
C GLN A 89 -2.10 4.01 -5.66
N MET A 90 -1.72 2.80 -5.28
CA MET A 90 -1.80 2.38 -3.89
C MET A 90 -0.95 3.30 -3.00
N MET A 91 0.15 3.79 -3.55
CA MET A 91 1.04 4.68 -2.81
C MET A 91 0.44 6.06 -2.68
N THR A 92 -0.20 6.53 -3.74
CA THR A 92 -0.81 7.86 -3.75
C THR A 92 -2.32 7.76 -3.62
N ALA A 93 -2.80 6.57 -3.25
CA ALA A 93 -4.23 6.35 -3.10
C ALA A 93 -4.82 7.33 -2.09
N LYS A 94 -5.55 8.32 -2.60
CA LYS A 94 -6.16 9.32 -1.73
C LYS A 94 -5.18 9.76 -0.64
CA CA B . 10.64 -8.58 -7.23
CA CA C . -2.51 -6.23 -6.94
N GLY A 2 -14.19 1.77 19.25
CA GLY A 2 -14.84 0.74 20.12
C GLY A 2 -15.55 -0.28 19.25
N SER A 3 -16.87 -0.15 19.14
CA SER A 3 -17.65 -1.08 18.34
C SER A 3 -17.33 -0.90 16.85
N HIS A 4 -17.40 -1.99 16.10
CA HIS A 4 -17.12 -1.94 14.67
C HIS A 4 -18.16 -1.09 13.96
N HIS A 5 -19.42 -1.22 14.37
CA HIS A 5 -20.50 -0.46 13.75
C HIS A 5 -20.61 0.91 14.40
N HIS A 6 -19.56 1.72 14.27
CA HIS A 6 -19.55 3.06 14.83
C HIS A 6 -20.69 3.89 14.25
N HIS A 7 -20.43 4.56 13.13
CA HIS A 7 -21.44 5.38 12.49
C HIS A 7 -21.01 5.74 11.08
N HIS A 8 -21.97 5.73 10.15
CA HIS A 8 -21.68 6.06 8.75
C HIS A 8 -22.14 7.48 8.44
N HIS A 9 -22.13 7.82 7.15
CA HIS A 9 -22.55 9.15 6.72
C HIS A 9 -21.73 10.22 7.45
N GLY A 10 -21.96 11.48 7.09
CA GLY A 10 -21.25 12.59 7.71
C GLY A 10 -19.87 12.76 7.11
N SER A 11 -19.22 13.88 7.42
CA SER A 11 -17.89 14.15 6.89
C SER A 11 -16.86 13.21 7.52
N SER A 12 -17.02 11.91 7.27
CA SER A 12 -16.11 10.93 7.83
C SER A 12 -14.71 11.10 7.23
N GLY A 13 -14.66 11.54 5.97
CA GLY A 13 -13.38 11.73 5.30
C GLY A 13 -12.76 10.40 4.92
N GLU A 14 -13.59 9.46 4.50
CA GLU A 14 -13.10 8.14 4.12
C GLU A 14 -12.09 8.26 2.98
N ASN A 15 -12.31 9.22 2.10
CA ASN A 15 -11.41 9.42 0.97
C ASN A 15 -10.01 9.77 1.45
N LEU A 16 -9.93 10.66 2.43
CA LEU A 16 -8.65 11.06 2.99
C LEU A 16 -7.97 9.89 3.69
N TYR A 17 -8.77 9.12 4.41
CA TYR A 17 -8.24 7.97 5.13
C TYR A 17 -7.66 6.95 4.17
N PHE A 18 -8.31 6.80 3.02
CA PHE A 18 -7.85 5.85 2.02
C PHE A 18 -6.43 6.17 1.58
N GLN A 19 -6.16 7.46 1.37
CA GLN A 19 -4.84 7.90 0.94
C GLN A 19 -3.77 7.47 1.95
N SER A 20 -4.17 7.38 3.21
CA SER A 20 -3.24 6.99 4.27
C SER A 20 -2.67 5.60 3.99
N LEU A 21 -3.52 4.72 3.48
CA LEU A 21 -3.09 3.35 3.19
C LEU A 21 -1.98 3.36 2.13
N MET A 22 -2.14 4.19 1.12
CA MET A 22 -1.14 4.30 0.06
C MET A 22 0.11 4.99 0.57
N LYS A 23 0.04 5.50 1.78
CA LYS A 23 1.18 6.19 2.39
C LYS A 23 1.65 7.33 1.49
N ASP A 24 2.37 8.28 2.07
CA ASP A 24 2.87 9.42 1.32
C ASP A 24 4.05 10.08 2.05
N THR A 25 5.26 9.68 1.68
CA THR A 25 6.46 10.24 2.30
C THR A 25 6.86 11.53 1.60
N ASP A 26 7.77 12.28 2.23
CA ASP A 26 8.25 13.55 1.68
C ASP A 26 9.74 13.47 1.38
N SER A 27 10.12 12.55 0.50
CA SER A 27 11.52 12.40 0.13
C SER A 27 11.64 11.52 -1.11
N GLU A 28 11.71 12.16 -2.28
CA GLU A 28 11.82 11.44 -3.53
C GLU A 28 12.96 10.42 -3.46
N GLU A 29 14.05 10.81 -2.81
CA GLU A 29 15.20 9.92 -2.68
C GLU A 29 14.83 8.69 -1.87
N GLU A 30 13.98 8.87 -0.86
CA GLU A 30 13.56 7.76 -0.02
C GLU A 30 12.77 6.75 -0.83
N ILE A 31 12.01 7.23 -1.80
CA ILE A 31 11.19 6.34 -2.62
C ILE A 31 12.09 5.37 -3.39
N ARG A 32 13.14 5.89 -4.01
CA ARG A 32 14.05 5.05 -4.76
C ARG A 32 14.73 4.03 -3.85
N GLU A 33 15.17 4.50 -2.68
CA GLU A 33 15.83 3.62 -1.73
C GLU A 33 14.84 2.60 -1.17
N ALA A 34 13.65 3.06 -0.81
CA ALA A 34 12.64 2.18 -0.26
C ALA A 34 12.24 1.12 -1.28
N PHE A 35 11.95 1.55 -2.50
CA PHE A 35 11.52 0.64 -3.54
C PHE A 35 12.53 -0.49 -3.74
N ARG A 36 13.77 -0.12 -4.01
CA ARG A 36 14.82 -1.11 -4.22
C ARG A 36 15.06 -1.94 -2.98
N VAL A 37 15.11 -1.28 -1.84
CA VAL A 37 15.35 -1.96 -0.57
C VAL A 37 14.26 -3.01 -0.35
N GLU A 38 13.03 -2.65 -0.66
CA GLU A 38 11.92 -3.57 -0.47
C GLU A 38 11.97 -4.68 -1.50
N ASP A 39 12.73 -4.48 -2.55
CA ASP A 39 12.85 -5.49 -3.60
C ASP A 39 13.94 -6.51 -3.23
N LYS A 40 13.58 -7.50 -2.41
CA LYS A 40 14.52 -8.50 -2.00
C LYS A 40 15.09 -9.26 -3.18
N ASP A 41 14.20 -9.65 -4.10
CA ASP A 41 14.63 -10.38 -5.29
C ASP A 41 15.17 -9.44 -6.35
N GLY A 42 15.15 -8.15 -6.05
CA GLY A 42 15.64 -7.14 -6.99
C GLY A 42 15.03 -7.33 -8.37
N ASN A 43 13.88 -7.99 -8.41
CA ASN A 43 13.19 -8.24 -9.68
C ASN A 43 12.59 -6.95 -10.22
N GLY A 44 12.57 -5.91 -9.39
CA GLY A 44 12.02 -4.63 -9.79
C GLY A 44 10.50 -4.63 -9.65
N TYR A 45 9.98 -5.50 -8.80
CA TYR A 45 8.54 -5.59 -8.59
C TYR A 45 8.24 -5.88 -7.12
N ILE A 46 7.14 -5.32 -6.63
CA ILE A 46 6.73 -5.52 -5.23
C ILE A 46 5.58 -6.50 -5.15
N SER A 47 5.80 -7.62 -4.45
CA SER A 47 4.77 -8.64 -4.31
C SER A 47 4.23 -8.66 -2.88
N ALA A 48 3.28 -9.55 -2.62
CA ALA A 48 2.70 -9.65 -1.29
C ALA A 48 3.77 -9.86 -0.24
N ALA A 49 4.72 -10.75 -0.54
CA ALA A 49 5.80 -11.04 0.39
C ALA A 49 6.51 -9.75 0.79
N GLU A 50 6.86 -8.94 -0.20
CA GLU A 50 7.54 -7.68 0.07
C GLU A 50 6.57 -6.67 0.67
N LEU A 51 5.33 -6.71 0.22
CA LEU A 51 4.31 -5.79 0.72
C LEU A 51 4.08 -6.03 2.21
N ARG A 52 4.26 -7.28 2.64
CA ARG A 52 4.07 -7.63 4.04
C ARG A 52 5.12 -6.94 4.92
N HIS A 53 6.35 -6.88 4.42
CA HIS A 53 7.43 -6.27 5.18
C HIS A 53 7.06 -4.85 5.59
N VAL A 54 6.44 -4.12 4.68
CA VAL A 54 6.02 -2.75 4.98
C VAL A 54 4.94 -2.74 6.04
N MET A 55 3.96 -3.64 5.91
CA MET A 55 2.87 -3.72 6.87
C MET A 55 3.40 -4.12 8.25
N THR A 56 4.33 -5.07 8.27
CA THR A 56 4.93 -5.51 9.52
C THR A 56 5.63 -4.36 10.22
N ASN A 57 6.31 -3.53 9.44
CA ASN A 57 7.03 -2.38 9.99
C ASN A 57 6.07 -1.47 10.74
N LEU A 58 4.82 -1.42 10.28
CA LEU A 58 3.81 -0.58 10.90
C LEU A 58 3.41 -1.15 12.25
N GLY A 59 3.66 -2.44 12.44
CA GLY A 59 3.33 -3.10 13.70
C GLY A 59 1.90 -3.63 13.68
N GLU A 60 1.37 -3.84 12.48
CA GLU A 60 0.01 -4.34 12.33
C GLU A 60 -0.06 -5.37 11.20
N LYS A 61 -0.14 -6.65 11.57
CA LYS A 61 -0.22 -7.71 10.60
C LYS A 61 -1.65 -7.88 10.10
N LEU A 62 -1.80 -8.15 8.81
CA LEU A 62 -3.13 -8.33 8.22
C LEU A 62 -3.30 -9.77 7.76
N THR A 63 -4.55 -10.16 7.52
CA THR A 63 -4.85 -11.51 7.10
C THR A 63 -4.49 -11.70 5.62
N ASP A 64 -4.41 -12.95 5.19
CA ASP A 64 -4.06 -13.26 3.82
C ASP A 64 -5.11 -12.69 2.86
N GLU A 65 -6.38 -12.83 3.24
CA GLU A 65 -7.47 -12.34 2.42
C GLU A 65 -7.45 -10.81 2.35
N GLU A 66 -7.11 -10.17 3.47
CA GLU A 66 -7.05 -8.72 3.51
C GLU A 66 -6.01 -8.18 2.55
N VAL A 67 -4.83 -8.80 2.55
CA VAL A 67 -3.76 -8.38 1.66
C VAL A 67 -4.16 -8.58 0.20
N ASP A 68 -4.71 -9.75 -0.10
CA ASP A 68 -5.13 -10.07 -1.46
C ASP A 68 -6.14 -9.05 -1.96
N GLU A 69 -7.17 -8.79 -1.15
CA GLU A 69 -8.20 -7.84 -1.52
C GLU A 69 -7.64 -6.42 -1.59
N MET A 70 -6.71 -6.11 -0.69
CA MET A 70 -6.09 -4.80 -0.65
C MET A 70 -5.34 -4.52 -1.96
N ILE A 71 -4.64 -5.53 -2.46
CA ILE A 71 -3.89 -5.39 -3.69
C ILE A 71 -4.82 -5.20 -4.88
N ARG A 72 -5.91 -5.98 -4.92
CA ARG A 72 -6.84 -5.91 -6.02
C ARG A 72 -7.49 -4.53 -6.13
N GLU A 73 -7.91 -4.00 -4.99
CA GLU A 73 -8.54 -2.69 -4.96
C GLU A 73 -7.53 -1.58 -5.18
N ALA A 74 -6.29 -1.83 -4.75
CA ALA A 74 -5.22 -0.84 -4.90
C ALA A 74 -4.58 -0.94 -6.28
N ASP A 75 -4.59 -2.14 -6.84
CA ASP A 75 -4.00 -2.34 -8.17
C ASP A 75 -4.79 -1.59 -9.22
N ILE A 76 -4.14 -0.62 -9.85
CA ILE A 76 -4.79 0.17 -10.88
C ILE A 76 -5.02 -0.66 -12.14
N ASP A 77 -4.01 -1.43 -12.53
CA ASP A 77 -4.10 -2.25 -13.73
C ASP A 77 -4.62 -3.65 -13.39
N GLY A 78 -5.04 -3.82 -12.14
CA GLY A 78 -5.58 -5.11 -11.70
C GLY A 78 -4.74 -6.26 -12.25
N ASP A 79 -3.42 -6.06 -12.32
CA ASP A 79 -2.53 -7.08 -12.83
C ASP A 79 -2.15 -8.06 -11.73
N GLY A 80 -2.63 -7.81 -10.52
CA GLY A 80 -2.33 -8.67 -9.39
C GLY A 80 -0.94 -8.40 -8.84
N GLN A 81 -0.19 -7.55 -9.54
CA GLN A 81 1.17 -7.21 -9.11
C GLN A 81 1.37 -5.70 -9.12
N VAL A 82 2.16 -5.20 -8.18
CA VAL A 82 2.42 -3.77 -8.09
C VAL A 82 3.69 -3.43 -8.85
N ASN A 83 3.57 -2.50 -9.80
CA ASN A 83 4.72 -2.08 -10.62
C ASN A 83 5.31 -0.79 -10.07
N TYR A 84 6.47 -0.40 -10.60
CA TYR A 84 7.13 0.82 -10.15
C TYR A 84 6.25 2.03 -10.42
N GLU A 85 5.72 2.11 -11.63
CA GLU A 85 4.86 3.23 -12.01
C GLU A 85 3.63 3.29 -11.09
N GLU A 86 3.08 2.14 -10.77
CA GLU A 86 1.91 2.08 -9.89
C GLU A 86 2.29 2.51 -8.49
N PHE A 87 3.42 2.01 -8.00
CA PHE A 87 3.87 2.35 -6.66
C PHE A 87 4.08 3.86 -6.53
N VAL A 88 4.84 4.42 -7.46
CA VAL A 88 5.12 5.84 -7.44
C VAL A 88 3.81 6.63 -7.47
N GLN A 89 2.89 6.22 -8.33
CA GLN A 89 1.61 6.91 -8.43
C GLN A 89 0.87 6.86 -7.10
N MET A 90 0.77 5.67 -6.52
CA MET A 90 0.09 5.51 -5.25
C MET A 90 0.83 6.25 -4.14
N MET A 91 2.15 6.29 -4.25
CA MET A 91 2.97 6.97 -3.26
C MET A 91 2.89 8.48 -3.43
N THR A 92 2.89 8.93 -4.68
CA THR A 92 2.84 10.35 -4.98
C THR A 92 1.43 10.78 -5.33
N ALA A 93 0.46 9.92 -5.03
CA ALA A 93 -0.93 10.22 -5.34
C ALA A 93 -1.35 11.52 -4.68
N LYS A 94 -1.98 12.41 -5.45
CA LYS A 94 -2.42 13.69 -4.93
C LYS A 94 -1.39 14.28 -3.97
CA CA B . 10.89 -7.28 -5.51
CA CA C . -1.03 -3.56 -10.61
N GLY A 2 -19.69 18.47 24.58
CA GLY A 2 -19.46 17.78 25.87
C GLY A 2 -19.92 16.34 25.78
N SER A 3 -19.12 15.51 25.10
CA SER A 3 -19.46 14.10 24.94
C SER A 3 -18.20 13.29 24.65
N HIS A 4 -18.29 11.97 24.85
CA HIS A 4 -17.16 11.09 24.60
C HIS A 4 -17.24 10.48 23.20
N HIS A 5 -17.54 11.30 22.21
CA HIS A 5 -17.65 10.83 20.84
C HIS A 5 -16.28 10.49 20.29
N HIS A 6 -16.22 9.46 19.45
CA HIS A 6 -14.97 9.02 18.85
C HIS A 6 -14.92 9.42 17.37
N HIS A 7 -13.72 9.81 16.92
CA HIS A 7 -13.55 10.22 15.53
C HIS A 7 -13.63 9.01 14.61
N HIS A 8 -14.45 9.12 13.56
CA HIS A 8 -14.62 8.02 12.60
C HIS A 8 -13.94 8.38 11.28
N HIS A 9 -13.10 7.47 10.79
CA HIS A 9 -12.39 7.69 9.54
C HIS A 9 -13.38 7.83 8.39
N GLY A 10 -14.40 6.98 8.39
CA GLY A 10 -15.42 7.01 7.33
C GLY A 10 -16.21 5.71 7.30
N SER A 11 -17.47 5.79 7.72
CA SER A 11 -18.33 4.61 7.73
C SER A 11 -18.61 4.14 6.30
N SER A 12 -18.89 5.08 5.42
CA SER A 12 -19.17 4.75 4.02
C SER A 12 -17.87 4.48 3.27
N GLY A 13 -17.92 3.51 2.37
CA GLY A 13 -16.73 3.15 1.57
C GLY A 13 -16.72 3.92 0.26
N GLU A 14 -16.33 5.18 0.32
CA GLU A 14 -16.28 6.02 -0.88
C GLU A 14 -15.00 5.73 -1.67
N ASN A 15 -14.94 6.24 -2.89
CA ASN A 15 -13.78 6.04 -3.74
C ASN A 15 -12.54 6.68 -3.13
N LEU A 16 -12.74 7.79 -2.44
CA LEU A 16 -11.64 8.50 -1.82
C LEU A 16 -10.96 7.63 -0.78
N TYR A 17 -11.76 6.86 -0.04
CA TYR A 17 -11.22 5.99 0.99
C TYR A 17 -10.24 4.99 0.38
N PHE A 18 -10.66 4.34 -0.71
CA PHE A 18 -9.81 3.36 -1.38
C PHE A 18 -8.60 4.05 -2.00
N GLN A 19 -8.82 5.24 -2.55
CA GLN A 19 -7.75 5.99 -3.18
C GLN A 19 -6.67 6.34 -2.18
N SER A 20 -7.07 6.53 -0.92
CA SER A 20 -6.12 6.87 0.13
C SER A 20 -5.04 5.80 0.25
N LEU A 21 -5.46 4.55 0.11
CA LEU A 21 -4.51 3.43 0.21
C LEU A 21 -3.47 3.50 -0.90
N MET A 22 -3.92 3.87 -2.09
CA MET A 22 -3.03 3.97 -3.24
C MET A 22 -2.10 5.17 -3.09
N LYS A 23 -2.25 5.89 -2.00
CA LYS A 23 -1.41 7.07 -1.74
C LYS A 23 -0.91 7.07 -0.30
N ASP A 24 0.32 7.54 -0.11
CA ASP A 24 0.92 7.59 1.23
C ASP A 24 1.84 8.78 1.35
N THR A 25 3.07 8.62 0.88
CA THR A 25 4.06 9.69 0.97
C THR A 25 3.96 10.62 -0.24
N ASP A 26 3.54 11.86 0.01
CA ASP A 26 3.40 12.84 -1.07
C ASP A 26 4.76 13.14 -1.69
N SER A 27 5.76 13.34 -0.84
CA SER A 27 7.10 13.64 -1.32
C SER A 27 7.59 12.55 -2.27
N GLU A 28 7.67 12.88 -3.55
CA GLU A 28 8.12 11.91 -4.55
C GLU A 28 9.46 11.32 -4.15
N GLU A 29 10.30 12.12 -3.51
CA GLU A 29 11.62 11.66 -3.09
C GLU A 29 11.49 10.57 -2.03
N GLU A 30 10.52 10.72 -1.14
CA GLU A 30 10.30 9.73 -0.09
C GLU A 30 9.90 8.39 -0.68
N ILE A 31 9.19 8.43 -1.81
CA ILE A 31 8.76 7.20 -2.47
C ILE A 31 9.97 6.35 -2.87
N ARG A 32 10.97 7.00 -3.47
CA ARG A 32 12.16 6.29 -3.91
C ARG A 32 12.82 5.60 -2.71
N GLU A 33 12.95 6.32 -1.61
CA GLU A 33 13.56 5.78 -0.40
C GLU A 33 12.68 4.67 0.18
N ALA A 34 11.36 4.86 0.10
CA ALA A 34 10.43 3.89 0.64
C ALA A 34 10.66 2.52 -0.01
N PHE A 35 10.80 2.52 -1.32
CA PHE A 35 11.01 1.27 -2.06
C PHE A 35 12.24 0.55 -1.51
N ARG A 36 13.32 1.29 -1.28
CA ARG A 36 14.54 0.69 -0.76
C ARG A 36 14.26 -0.05 0.54
N VAL A 37 13.50 0.57 1.42
CA VAL A 37 13.15 -0.05 2.70
C VAL A 37 12.27 -1.27 2.48
N GLU A 38 11.31 -1.13 1.57
CA GLU A 38 10.38 -2.21 1.26
C GLU A 38 11.09 -3.30 0.46
N ASP A 39 12.42 -3.25 0.43
CA ASP A 39 13.21 -4.23 -0.30
C ASP A 39 14.57 -4.43 0.36
N LYS A 40 14.56 -4.95 1.57
CA LYS A 40 15.80 -5.21 2.30
C LYS A 40 16.69 -6.15 1.51
N ASP A 41 16.08 -7.06 0.76
CA ASP A 41 16.84 -8.02 -0.03
C ASP A 41 17.38 -7.37 -1.30
N GLY A 42 17.07 -6.09 -1.47
CA GLY A 42 17.54 -5.36 -2.65
C GLY A 42 16.93 -5.94 -3.92
N ASN A 43 15.72 -6.47 -3.81
CA ASN A 43 15.02 -7.05 -4.94
C ASN A 43 14.20 -6.00 -5.67
N GLY A 44 14.56 -5.76 -6.92
CA GLY A 44 13.85 -4.78 -7.74
C GLY A 44 12.35 -5.06 -7.75
N TYR A 45 11.93 -6.11 -7.05
CA TYR A 45 10.52 -6.48 -6.96
C TYR A 45 10.12 -6.68 -5.51
N ILE A 46 8.85 -6.40 -5.21
CA ILE A 46 8.34 -6.54 -3.85
C ILE A 46 7.44 -7.76 -3.75
N SER A 47 7.73 -8.63 -2.78
CA SER A 47 6.93 -9.84 -2.58
C SER A 47 5.97 -9.65 -1.41
N ALA A 48 5.18 -10.69 -1.14
CA ALA A 48 4.22 -10.63 -0.03
C ALA A 48 4.93 -10.38 1.29
N ALA A 49 6.02 -11.11 1.52
CA ALA A 49 6.78 -10.98 2.76
C ALA A 49 7.13 -9.52 3.00
N GLU A 50 7.64 -8.85 1.97
CA GLU A 50 7.98 -7.44 2.09
C GLU A 50 6.71 -6.60 2.20
N LEU A 51 5.67 -7.03 1.52
CA LEU A 51 4.41 -6.29 1.55
C LEU A 51 3.85 -6.26 2.96
N ARG A 52 4.09 -7.31 3.71
CA ARG A 52 3.61 -7.39 5.08
C ARG A 52 4.25 -6.30 5.95
N HIS A 53 5.51 -6.01 5.67
CA HIS A 53 6.24 -4.99 6.43
C HIS A 53 5.46 -3.68 6.43
N VAL A 54 4.88 -3.34 5.29
CA VAL A 54 4.11 -2.11 5.19
C VAL A 54 2.95 -2.12 6.18
N MET A 55 2.24 -3.25 6.25
CA MET A 55 1.11 -3.37 7.16
C MET A 55 1.56 -3.21 8.61
N THR A 56 2.70 -3.78 8.95
CA THR A 56 3.23 -3.69 10.30
C THR A 56 3.52 -2.25 10.66
N ASN A 57 3.94 -1.46 9.67
CA ASN A 57 4.25 -0.05 9.90
C ASN A 57 2.99 0.70 10.33
N LEU A 58 1.88 0.42 9.68
CA LEU A 58 0.62 1.06 9.99
C LEU A 58 0.08 0.56 11.33
N GLY A 59 0.38 -0.70 11.65
CA GLY A 59 -0.07 -1.30 12.89
C GLY A 59 -1.19 -2.29 12.64
N GLU A 60 -1.77 -2.24 11.44
CA GLU A 60 -2.85 -3.14 11.08
C GLU A 60 -2.33 -4.56 10.93
N LYS A 61 -3.14 -5.54 11.31
CA LYS A 61 -2.75 -6.95 11.21
C LYS A 61 -3.65 -7.68 10.22
N LEU A 62 -3.08 -8.11 9.10
CA LEU A 62 -3.83 -8.84 8.07
C LEU A 62 -3.28 -10.24 7.90
N THR A 63 -4.10 -11.13 7.35
CA THR A 63 -3.69 -12.51 7.13
C THR A 63 -2.91 -12.63 5.82
N ASP A 64 -2.26 -13.78 5.63
CA ASP A 64 -1.48 -14.00 4.42
C ASP A 64 -2.37 -13.96 3.18
N GLU A 65 -3.56 -14.55 3.29
CA GLU A 65 -4.49 -14.59 2.18
C GLU A 65 -4.93 -13.18 1.80
N GLU A 66 -5.14 -12.34 2.81
CA GLU A 66 -5.55 -10.97 2.55
C GLU A 66 -4.46 -10.20 1.82
N VAL A 67 -3.21 -10.45 2.19
CA VAL A 67 -2.09 -9.78 1.55
C VAL A 67 -2.01 -10.16 0.07
N ASP A 68 -2.13 -11.45 -0.21
CA ASP A 68 -2.06 -11.92 -1.59
C ASP A 68 -3.18 -11.31 -2.42
N GLU A 69 -4.38 -11.32 -1.87
CA GLU A 69 -5.53 -10.76 -2.57
C GLU A 69 -5.39 -9.24 -2.70
N MET A 70 -4.84 -8.60 -1.67
CA MET A 70 -4.66 -7.17 -1.70
C MET A 70 -3.74 -6.76 -2.84
N ILE A 71 -2.63 -7.48 -3.00
CA ILE A 71 -1.68 -7.17 -4.05
C ILE A 71 -2.33 -7.35 -5.42
N ARG A 72 -3.09 -8.43 -5.58
CA ARG A 72 -3.74 -8.72 -6.85
C ARG A 72 -4.64 -7.55 -7.26
N GLU A 73 -5.36 -7.00 -6.29
CA GLU A 73 -6.25 -5.87 -6.56
C GLU A 73 -5.44 -4.64 -6.99
N ALA A 74 -4.28 -4.47 -6.39
CA ALA A 74 -3.41 -3.33 -6.71
C ALA A 74 -2.53 -3.66 -7.92
N ASP A 75 -2.30 -4.94 -8.14
CA ASP A 75 -1.47 -5.37 -9.27
C ASP A 75 -2.09 -4.92 -10.59
N ILE A 76 -1.44 -3.98 -11.26
CA ILE A 76 -1.95 -3.48 -12.53
C ILE A 76 -1.86 -4.55 -13.62
N ASP A 77 -0.73 -5.22 -13.68
CA ASP A 77 -0.50 -6.25 -14.69
C ASP A 77 -0.77 -7.64 -14.13
N GLY A 78 -1.42 -7.69 -12.98
CA GLY A 78 -1.76 -8.98 -12.35
C GLY A 78 -0.58 -9.94 -12.45
N ASP A 79 0.63 -9.40 -12.36
CA ASP A 79 1.83 -10.23 -12.44
C ASP A 79 2.11 -10.93 -11.11
N GLY A 80 1.27 -10.64 -10.13
CA GLY A 80 1.42 -11.26 -8.81
C GLY A 80 2.51 -10.55 -8.00
N GLN A 81 3.16 -9.57 -8.63
CA GLN A 81 4.22 -8.81 -7.97
C GLN A 81 4.13 -7.33 -8.33
N VAL A 82 4.69 -6.48 -7.48
CA VAL A 82 4.67 -5.03 -7.73
C VAL A 82 5.99 -4.59 -8.34
N ASN A 83 5.91 -3.99 -9.52
CA ASN A 83 7.11 -3.51 -10.22
C ASN A 83 7.40 -2.06 -9.85
N TYR A 84 8.64 -1.64 -10.08
CA TYR A 84 9.03 -0.27 -9.77
C TYR A 84 8.17 0.72 -10.54
N GLU A 85 8.05 0.51 -11.84
CA GLU A 85 7.24 1.40 -12.68
C GLU A 85 5.80 1.41 -12.19
N GLU A 86 5.31 0.26 -11.77
CA GLU A 86 3.94 0.15 -11.28
C GLU A 86 3.82 0.75 -9.88
N PHE A 87 4.90 0.63 -9.09
CA PHE A 87 4.90 1.17 -7.74
C PHE A 87 4.68 2.68 -7.76
N VAL A 88 5.43 3.37 -8.63
CA VAL A 88 5.31 4.82 -8.72
C VAL A 88 3.88 5.20 -9.08
N GLN A 89 3.30 4.51 -10.06
CA GLN A 89 1.92 4.79 -10.45
C GLN A 89 0.96 4.45 -9.32
N MET A 90 1.17 3.28 -8.72
CA MET A 90 0.31 2.84 -7.62
C MET A 90 0.34 3.86 -6.48
N MET A 91 1.49 4.50 -6.30
CA MET A 91 1.64 5.50 -5.24
C MET A 91 1.19 6.87 -5.72
N THR A 92 1.41 7.14 -7.01
CA THR A 92 1.02 8.43 -7.58
C THR A 92 -0.36 8.34 -8.23
N ALA A 93 -0.99 7.18 -8.10
CA ALA A 93 -2.32 6.99 -8.67
C ALA A 93 -3.30 8.01 -8.12
N LYS A 94 -4.16 8.51 -8.99
CA LYS A 94 -5.17 9.50 -8.59
C LYS A 94 -6.51 8.84 -8.34
CA CA B . 11.74 -8.21 -2.83
CA CA C . 2.74 -5.74 -11.34
N GLY A 2 -20.93 16.60 7.90
CA GLY A 2 -20.94 17.20 9.26
C GLY A 2 -19.69 16.77 10.02
N SER A 3 -19.79 16.71 11.33
CA SER A 3 -18.66 16.31 12.16
C SER A 3 -18.37 14.82 12.00
N HIS A 4 -17.10 14.46 12.06
CA HIS A 4 -16.70 13.06 11.91
C HIS A 4 -16.88 12.31 13.23
N HIS A 5 -17.06 11.00 13.14
CA HIS A 5 -17.23 10.18 14.34
C HIS A 5 -16.71 8.76 14.09
N HIS A 6 -16.25 8.12 15.16
CA HIS A 6 -15.72 6.77 15.05
C HIS A 6 -16.77 5.75 15.47
N HIS A 7 -17.86 5.68 14.71
CA HIS A 7 -18.94 4.74 15.01
C HIS A 7 -18.44 3.30 14.92
N HIS A 8 -17.73 3.00 13.84
CA HIS A 8 -17.20 1.65 13.65
C HIS A 8 -16.05 1.66 12.64
N HIS A 9 -15.33 0.55 12.56
CA HIS A 9 -14.22 0.45 11.62
C HIS A 9 -14.69 0.67 10.19
N GLY A 10 -15.78 -0.01 9.83
CA GLY A 10 -16.33 0.11 8.49
C GLY A 10 -17.65 0.85 8.50
N SER A 11 -17.71 1.99 7.79
CA SER A 11 -18.92 2.79 7.74
C SER A 11 -18.94 3.64 6.47
N SER A 12 -20.13 4.07 6.07
CA SER A 12 -20.28 4.88 4.88
C SER A 12 -19.92 6.34 5.17
N GLY A 13 -19.64 7.10 4.12
CA GLY A 13 -19.28 8.50 4.27
C GLY A 13 -17.79 8.65 4.59
N GLU A 14 -17.09 7.52 4.64
CA GLU A 14 -15.66 7.54 4.93
C GLU A 14 -14.85 7.07 3.72
N ASN A 15 -15.30 7.47 2.54
CA ASN A 15 -14.61 7.10 1.31
C ASN A 15 -13.21 7.68 1.27
N LEU A 16 -13.03 8.82 1.94
CA LEU A 16 -11.73 9.47 1.98
C LEU A 16 -10.70 8.59 2.70
N TYR A 17 -11.17 7.83 3.68
CA TYR A 17 -10.29 6.95 4.44
C TYR A 17 -9.59 5.97 3.51
N PHE A 18 -10.35 5.37 2.60
CA PHE A 18 -9.78 4.42 1.65
C PHE A 18 -8.71 5.09 0.79
N GLN A 19 -9.02 6.28 0.29
CA GLN A 19 -8.09 7.01 -0.54
C GLN A 19 -6.86 7.44 0.26
N SER A 20 -7.06 7.66 1.56
CA SER A 20 -5.97 8.08 2.43
C SER A 20 -4.85 7.04 2.41
N LEU A 21 -5.22 5.77 2.26
CA LEU A 21 -4.25 4.70 2.24
C LEU A 21 -3.29 4.87 1.06
N MET A 22 -3.84 5.18 -0.10
CA MET A 22 -3.03 5.36 -1.30
C MET A 22 -2.31 6.71 -1.25
N LYS A 23 -2.63 7.51 -0.24
CA LYS A 23 -2.01 8.83 -0.10
C LYS A 23 -0.81 8.76 0.84
N ASP A 24 0.32 9.26 0.37
CA ASP A 24 1.55 9.25 1.17
C ASP A 24 2.62 10.10 0.53
N THR A 25 3.15 11.07 1.28
CA THR A 25 4.18 11.95 0.75
C THR A 25 5.50 11.71 1.47
N ASP A 26 6.58 11.57 0.69
CA ASP A 26 7.89 11.34 1.26
C ASP A 26 8.97 11.50 0.20
N SER A 27 9.00 12.65 -0.44
CA SER A 27 9.99 12.92 -1.48
C SER A 27 9.88 11.90 -2.61
N GLU A 28 9.55 12.37 -3.80
CA GLU A 28 9.40 11.48 -4.95
C GLU A 28 10.67 10.65 -5.14
N GLU A 29 11.81 11.23 -4.80
CA GLU A 29 13.09 10.55 -4.97
C GLU A 29 13.15 9.30 -4.09
N GLU A 30 12.66 9.42 -2.87
CA GLU A 30 12.67 8.30 -1.94
C GLU A 30 11.91 7.11 -2.52
N ILE A 31 10.90 7.39 -3.33
CA ILE A 31 10.10 6.34 -3.93
C ILE A 31 10.97 5.43 -4.78
N ARG A 32 11.87 6.02 -5.57
CA ARG A 32 12.75 5.24 -6.42
C ARG A 32 13.64 4.32 -5.59
N GLU A 33 14.22 4.86 -4.52
CA GLU A 33 15.07 4.08 -3.65
C GLU A 33 14.25 3.07 -2.85
N ALA A 34 13.05 3.47 -2.47
CA ALA A 34 12.17 2.59 -1.70
C ALA A 34 11.91 1.30 -2.46
N PHE A 35 11.65 1.42 -3.75
CA PHE A 35 11.38 0.25 -4.59
C PHE A 35 12.54 -0.73 -4.51
N ARG A 36 13.77 -0.20 -4.59
CA ARG A 36 14.95 -1.05 -4.53
C ARG A 36 14.98 -1.84 -3.23
N VAL A 37 14.69 -1.17 -2.12
CA VAL A 37 14.67 -1.83 -0.82
C VAL A 37 13.49 -2.79 -0.72
N GLU A 38 12.34 -2.36 -1.23
CA GLU A 38 11.15 -3.18 -1.20
C GLU A 38 11.25 -4.32 -2.21
N ASP A 39 12.44 -4.50 -2.78
CA ASP A 39 12.66 -5.55 -3.75
C ASP A 39 13.90 -6.36 -3.41
N LYS A 40 13.82 -7.13 -2.32
CA LYS A 40 14.95 -7.94 -1.89
C LYS A 40 15.33 -8.95 -2.97
N ASP A 41 14.33 -9.52 -3.62
CA ASP A 41 14.57 -10.51 -4.67
C ASP A 41 15.03 -9.82 -5.95
N GLY A 42 15.07 -8.48 -5.92
CA GLY A 42 15.49 -7.71 -7.08
C GLY A 42 14.82 -8.22 -8.34
N ASN A 43 13.71 -8.95 -8.17
CA ASN A 43 12.98 -9.48 -9.32
C ASN A 43 12.24 -8.38 -10.05
N GLY A 44 12.15 -7.22 -9.42
CA GLY A 44 11.47 -6.07 -10.02
C GLY A 44 9.97 -6.10 -9.70
N TYR A 45 9.60 -6.91 -8.72
CA TYR A 45 8.20 -7.02 -8.33
C TYR A 45 8.07 -7.09 -6.81
N ILE A 46 7.02 -6.46 -6.29
CA ILE A 46 6.79 -6.45 -4.84
C ILE A 46 5.73 -7.47 -4.46
N SER A 47 6.11 -8.41 -3.60
CA SER A 47 5.17 -9.44 -3.15
C SER A 47 4.58 -9.07 -1.80
N ALA A 48 3.70 -9.93 -1.28
CA ALA A 48 3.08 -9.70 0.01
C ALA A 48 4.13 -9.60 1.11
N ALA A 49 5.05 -10.56 1.13
CA ALA A 49 6.11 -10.56 2.13
C ALA A 49 6.80 -9.21 2.20
N GLU A 50 7.18 -8.68 1.03
CA GLU A 50 7.82 -7.39 0.96
C GLU A 50 6.88 -6.29 1.44
N LEU A 51 5.59 -6.45 1.13
CA LEU A 51 4.59 -5.48 1.52
C LEU A 51 4.48 -5.42 3.05
N ARG A 52 4.73 -6.55 3.69
CA ARG A 52 4.64 -6.62 5.15
C ARG A 52 5.75 -5.81 5.81
N HIS A 53 6.95 -5.93 5.27
CA HIS A 53 8.10 -5.22 5.81
C HIS A 53 7.82 -3.72 5.88
N VAL A 54 7.19 -3.19 4.83
CA VAL A 54 6.87 -1.77 4.78
C VAL A 54 5.86 -1.42 5.85
N MET A 55 4.78 -2.20 5.94
CA MET A 55 3.75 -1.95 6.94
C MET A 55 4.28 -2.15 8.34
N THR A 56 5.13 -3.17 8.50
CA THR A 56 5.72 -3.48 9.80
C THR A 56 6.48 -2.27 10.33
N ASN A 57 7.14 -1.55 9.43
CA ASN A 57 7.91 -0.36 9.83
C ASN A 57 7.00 0.67 10.47
N LEU A 58 5.80 0.83 9.90
CA LEU A 58 4.85 1.80 10.45
C LEU A 58 4.26 1.29 11.76
N GLY A 59 4.56 0.04 12.10
CA GLY A 59 4.06 -0.55 13.33
C GLY A 59 2.71 -1.23 13.10
N GLU A 60 2.20 -1.12 11.88
CA GLU A 60 0.91 -1.72 11.54
C GLU A 60 1.02 -3.24 11.53
N LYS A 61 0.19 -3.90 12.33
CA LYS A 61 0.20 -5.36 12.40
C LYS A 61 -0.97 -5.94 11.61
N LEU A 62 -0.66 -6.52 10.45
CA LEU A 62 -1.69 -7.10 9.60
C LEU A 62 -1.45 -8.61 9.44
N THR A 63 -2.51 -9.34 9.11
CA THR A 63 -2.40 -10.78 8.92
C THR A 63 -1.99 -11.10 7.49
N ASP A 64 -1.61 -12.35 7.26
CA ASP A 64 -1.20 -12.78 5.92
C ASP A 64 -2.36 -12.68 4.94
N GLU A 65 -3.56 -12.99 5.42
CA GLU A 65 -4.75 -12.92 4.58
C GLU A 65 -5.05 -11.48 4.18
N GLU A 66 -4.89 -10.57 5.14
CA GLU A 66 -5.16 -9.16 4.89
C GLU A 66 -4.24 -8.61 3.81
N VAL A 67 -2.95 -8.96 3.90
CA VAL A 67 -1.99 -8.50 2.92
C VAL A 67 -2.33 -9.03 1.52
N ASP A 68 -2.64 -10.32 1.45
CA ASP A 68 -2.99 -10.93 0.18
C ASP A 68 -4.21 -10.24 -0.43
N GLU A 69 -5.23 -10.04 0.38
CA GLU A 69 -6.45 -9.37 -0.09
C GLU A 69 -6.17 -7.92 -0.43
N MET A 70 -5.33 -7.27 0.37
CA MET A 70 -4.98 -5.88 0.13
C MET A 70 -4.28 -5.72 -1.21
N ILE A 71 -3.41 -6.67 -1.54
CA ILE A 71 -2.69 -6.62 -2.80
C ILE A 71 -3.64 -6.73 -3.98
N ARG A 72 -4.59 -7.66 -3.88
CA ARG A 72 -5.56 -7.87 -4.95
C ARG A 72 -6.35 -6.60 -5.21
N GLU A 73 -6.74 -5.91 -4.13
CA GLU A 73 -7.49 -4.67 -4.26
C GLU A 73 -6.62 -3.56 -4.85
N ALA A 74 -5.36 -3.52 -4.43
CA ALA A 74 -4.44 -2.51 -4.92
C ALA A 74 -3.93 -2.87 -6.31
N ASP A 75 -3.92 -4.17 -6.61
CA ASP A 75 -3.45 -4.64 -7.90
C ASP A 75 -4.34 -4.11 -9.03
N ILE A 76 -3.78 -3.23 -9.85
CA ILE A 76 -4.53 -2.65 -10.96
C ILE A 76 -4.80 -3.71 -12.03
N ASP A 77 -3.78 -4.50 -12.35
CA ASP A 77 -3.92 -5.53 -13.36
C ASP A 77 -4.38 -6.85 -12.75
N GLY A 78 -4.74 -6.79 -11.47
CA GLY A 78 -5.20 -7.98 -10.76
C GLY A 78 -4.35 -9.20 -11.13
N ASP A 79 -3.05 -8.98 -11.27
CA ASP A 79 -2.14 -10.07 -11.61
C ASP A 79 -1.62 -10.74 -10.36
N GLY A 80 -2.06 -10.27 -9.21
CA GLY A 80 -1.63 -10.84 -7.92
C GLY A 80 -0.29 -10.26 -7.50
N GLN A 81 0.26 -9.37 -8.31
CA GLN A 81 1.54 -8.75 -8.00
C GLN A 81 1.52 -7.27 -8.37
N VAL A 82 2.43 -6.51 -7.78
CA VAL A 82 2.51 -5.08 -8.05
C VAL A 82 3.76 -4.76 -8.86
N ASN A 83 3.57 -4.02 -9.95
CA ASN A 83 4.69 -3.66 -10.82
C ASN A 83 5.26 -2.30 -10.44
N TYR A 84 6.36 -1.92 -11.07
CA TYR A 84 6.99 -0.64 -10.78
C TYR A 84 6.03 0.51 -11.08
N GLU A 85 5.43 0.49 -12.27
CA GLU A 85 4.49 1.53 -12.66
C GLU A 85 3.28 1.54 -11.72
N GLU A 86 2.87 0.36 -11.28
CA GLU A 86 1.73 0.25 -10.37
C GLU A 86 2.07 0.87 -9.01
N PHE A 87 3.26 0.55 -8.51
CA PHE A 87 3.69 1.09 -7.23
C PHE A 87 3.79 2.61 -7.27
N VAL A 88 4.42 3.13 -8.32
CA VAL A 88 4.57 4.58 -8.47
C VAL A 88 3.20 5.24 -8.47
N GLN A 89 2.27 4.69 -9.23
CA GLN A 89 0.92 5.24 -9.29
C GLN A 89 0.21 5.07 -7.95
N MET A 90 0.35 3.89 -7.36
CA MET A 90 -0.29 3.61 -6.08
C MET A 90 0.20 4.58 -5.02
N MET A 91 1.49 4.91 -5.07
CA MET A 91 2.08 5.84 -4.10
C MET A 91 1.66 7.27 -4.41
N THR A 92 1.69 7.63 -5.69
CA THR A 92 1.33 8.97 -6.11
C THR A 92 -0.17 9.08 -6.38
N ALA A 93 -0.87 7.96 -6.18
CA ALA A 93 -2.31 7.93 -6.40
C ALA A 93 -3.02 8.87 -5.45
N LYS A 94 -4.07 9.53 -5.94
CA LYS A 94 -4.84 10.46 -5.12
C LYS A 94 -6.33 10.21 -5.26
CA CA B . 10.76 -8.88 -4.73
CA CA C . -0.27 -5.89 -10.90
#